data_7E4U
#
_entry.id   7E4U
#
_cell.length_a   217.452
_cell.length_b   60.606
_cell.length_c   205.142
_cell.angle_alpha   90.000
_cell.angle_beta   94.230
_cell.angle_gamma   90.000
#
_symmetry.space_group_name_H-M   'C 1 2 1'
#
loop_
_entity.id
_entity.type
_entity.pdbx_description
1 polymer 'Peroxiredoxin 1'
2 non-polymer 'CALCIUM ION'
3 non-polymer GLYCEROL
4 water water
#
_entity_poly.entity_id   1
_entity_poly.type   'polypeptide(L)'
_entity_poly.pdbx_seq_one_letter_code
;MAAGNAQIGKLAPDFTAKAVMPDGQFKDLKMSDYRGKYVVFFFYPLDFTFVCPTEIIAFSDAADDFKKIGCEVIAASVDS
HFSHLAWINTPRKQGGLGTMKIPLVSDTRRTISTDYGVLKEDDGIAYRGLFIIDDKGILRQITINDLPVGRSVEETLRLV
QAFQFTDKHGEVCPAGWKPGSDTIKPDVQKSKDFFSKQ
;
_entity_poly.pdbx_strand_id   A,B,C,D,E,F,G,H,I,J
#
loop_
_chem_comp.id
_chem_comp.type
_chem_comp.name
_chem_comp.formula
CA non-polymer 'CALCIUM ION' 'Ca 2'
GOL non-polymer GLYCEROL 'C3 H8 O3'
#
# COMPACT_ATOMS: atom_id res chain seq x y z
N ALA A 3 40.38 6.76 4.35
CA ALA A 3 38.97 6.90 4.80
C ALA A 3 38.89 6.80 6.33
N GLY A 4 37.85 7.40 6.93
CA GLY A 4 37.42 7.08 8.31
C GLY A 4 37.69 8.19 9.30
N ASN A 5 37.08 8.06 10.47
CA ASN A 5 37.23 8.97 11.62
C ASN A 5 37.97 8.28 12.77
N ALA A 6 38.32 6.99 12.63
CA ALA A 6 39.06 6.23 13.64
C ALA A 6 40.47 6.81 13.76
N GLN A 7 40.78 7.44 14.89
CA GLN A 7 42.12 8.02 15.19
C GLN A 7 42.54 7.60 16.59
N ILE A 8 43.78 7.15 16.74
CA ILE A 8 44.46 6.94 18.05
C ILE A 8 44.25 8.19 18.93
N GLY A 9 43.78 8.01 20.16
CA GLY A 9 43.66 9.10 21.15
C GLY A 9 42.34 9.84 21.06
N LYS A 10 41.52 9.57 20.03
CA LYS A 10 40.11 10.08 19.90
C LYS A 10 39.09 9.01 20.27
N LEU A 11 37.87 9.42 20.57
CA LEU A 11 36.76 8.49 20.90
C LEU A 11 36.64 7.56 19.69
N ALA A 12 36.53 6.27 19.93
CA ALA A 12 36.21 5.30 18.86
C ALA A 12 34.87 5.73 18.27
N PRO A 13 34.70 5.71 16.92
CA PRO A 13 33.43 6.05 16.30
C PRO A 13 32.30 5.16 16.80
N ASP A 14 31.19 5.79 17.21
CA ASP A 14 30.01 5.10 17.77
C ASP A 14 29.11 4.65 16.62
N PHE A 15 28.18 3.77 16.93
CA PHE A 15 27.21 3.20 15.97
C PHE A 15 26.16 2.43 16.75
N THR A 16 25.03 2.20 16.10
CA THR A 16 23.95 1.30 16.56
C THR A 16 23.71 0.38 15.38
N ALA A 17 23.67 -0.92 15.65
CA ALA A 17 23.58 -1.91 14.56
C ALA A 17 22.91 -3.16 15.10
N LYS A 18 22.25 -3.91 14.22
CA LYS A 18 21.69 -5.23 14.57
C LYS A 18 22.88 -6.16 14.82
N ALA A 19 22.79 -6.95 15.88
CA ALA A 19 23.79 -8.00 16.21
C ALA A 19 23.08 -9.30 16.63
N VAL A 20 23.71 -10.43 16.32
CA VAL A 20 23.32 -11.75 16.87
C VAL A 20 24.15 -11.98 18.14
N MET A 21 23.50 -11.84 19.30
CA MET A 21 24.11 -12.08 20.64
C MET A 21 24.42 -13.57 20.81
N PRO A 22 25.28 -13.96 21.79
CA PRO A 22 25.60 -15.36 22.01
C PRO A 22 24.38 -16.30 22.17
N ASP A 23 23.33 -15.85 22.84
CA ASP A 23 22.14 -16.70 23.15
C ASP A 23 21.32 -16.98 21.88
N GLY A 24 21.56 -16.25 20.79
CA GLY A 24 20.87 -16.41 19.49
C GLY A 24 19.83 -15.31 19.21
N GLN A 25 19.65 -14.36 20.13
CA GLN A 25 18.63 -13.27 20.05
C GLN A 25 19.20 -12.09 19.26
N PHE A 26 18.42 -11.46 18.40
CA PHE A 26 18.77 -10.19 17.74
C PHE A 26 18.71 -9.08 18.77
N LYS A 27 19.59 -8.09 18.67
CA LYS A 27 19.57 -6.94 19.57
C LYS A 27 20.25 -5.75 18.87
N ASP A 28 19.76 -4.54 19.12
CA ASP A 28 20.40 -3.27 18.71
C ASP A 28 21.59 -3.01 19.66
N LEU A 29 22.79 -3.29 19.20
CA LEU A 29 24.04 -3.12 19.98
C LEU A 29 24.65 -1.76 19.64
N LYS A 30 24.96 -0.97 20.67
CA LYS A 30 25.60 0.35 20.54
C LYS A 30 27.00 0.29 21.15
N MET A 31 28.02 0.75 20.41
CA MET A 31 29.45 0.74 20.84
C MET A 31 29.63 1.46 22.18
N SER A 32 29.07 2.65 22.36
CA SER A 32 29.22 3.42 23.62
C SER A 32 28.61 2.69 24.83
N ASP A 33 27.79 1.64 24.63
CA ASP A 33 27.22 0.86 25.75
C ASP A 33 28.31 0.06 26.46
N TYR A 34 29.44 -0.17 25.80
CA TYR A 34 30.58 -0.95 26.34
C TYR A 34 31.55 -0.06 27.12
N ARG A 35 31.24 1.23 27.28
CA ARG A 35 32.08 2.13 28.11
C ARG A 35 32.10 1.59 29.53
N GLY A 36 33.23 1.78 30.22
CA GLY A 36 33.53 1.20 31.54
C GLY A 36 34.34 -0.08 31.46
N LYS A 37 34.39 -0.70 30.27
CA LYS A 37 35.21 -1.89 29.97
C LYS A 37 36.06 -1.62 28.72
N TYR A 38 37.15 -2.38 28.54
CA TYR A 38 37.93 -2.43 27.27
C TYR A 38 37.11 -3.19 26.21
N VAL A 39 37.29 -2.84 24.93
CA VAL A 39 36.68 -3.59 23.78
C VAL A 39 37.77 -3.96 22.76
N VAL A 40 37.77 -5.23 22.34
CA VAL A 40 38.41 -5.69 21.09
C VAL A 40 37.33 -5.72 20.01
N PHE A 41 37.44 -4.84 19.03
CA PHE A 41 36.47 -4.77 17.91
C PHE A 41 37.21 -5.20 16.67
N PHE A 42 36.81 -6.33 16.09
CA PHE A 42 37.43 -6.85 14.85
C PHE A 42 36.36 -7.14 13.80
N PHE A 43 36.78 -6.96 12.55
CA PHE A 43 36.01 -7.21 11.32
C PHE A 43 36.53 -8.47 10.63
N TYR A 44 35.65 -9.18 9.96
CA TYR A 44 36.04 -10.20 8.97
C TYR A 44 35.30 -9.89 7.68
N PRO A 45 35.75 -10.45 6.55
CA PRO A 45 35.19 -10.10 5.25
C PRO A 45 33.74 -10.56 5.02
N LEU A 46 33.45 -11.86 5.21
CA LEU A 46 32.20 -12.47 4.69
C LEU A 46 31.80 -13.72 5.47
N ASP A 47 30.51 -13.89 5.74
CA ASP A 47 29.95 -15.19 6.20
C ASP A 47 30.05 -16.19 5.05
N PHE A 48 30.09 -17.47 5.43
CA PHE A 48 29.86 -18.65 4.57
C PHE A 48 30.94 -18.81 3.51
N THR A 49 32.14 -18.30 3.70
CA THR A 49 33.17 -18.55 2.66
C THR A 49 33.62 -19.98 2.80
N PHE A 50 34.46 -20.38 1.88
CA PHE A 50 35.06 -21.71 1.91
C PHE A 50 36.24 -21.69 2.88
N VAL A 51 36.80 -20.53 3.17
CA VAL A 51 37.90 -20.40 4.17
C VAL A 51 37.32 -20.87 5.51
N CYS A 52 38.07 -21.70 6.26
CA CYS A 52 37.68 -22.12 7.63
C CYS A 52 37.57 -20.87 8.51
N PRO A 53 36.52 -20.78 9.35
CA PRO A 53 36.44 -19.69 10.32
C PRO A 53 37.22 -19.94 11.63
N THR A 54 38.43 -20.50 11.53
CA THR A 54 39.41 -20.70 12.65
C THR A 54 39.57 -19.42 13.50
N GLU A 55 39.95 -18.32 12.87
CA GLU A 55 40.25 -17.03 13.52
C GLU A 55 39.04 -16.59 14.34
N ILE A 56 37.88 -16.61 13.72
CA ILE A 56 36.62 -16.16 14.38
C ILE A 56 36.31 -17.13 15.53
N ILE A 57 36.48 -18.44 15.33
CA ILE A 57 36.18 -19.44 16.41
C ILE A 57 37.15 -19.20 17.58
N ALA A 58 38.42 -18.89 17.29
CA ALA A 58 39.52 -18.73 18.27
C ALA A 58 39.21 -17.55 19.21
N PHE A 59 38.68 -16.47 18.65
CA PHE A 59 38.30 -15.26 19.43
C PHE A 59 37.03 -15.57 20.24
N SER A 60 36.13 -16.42 19.73
CA SER A 60 34.90 -16.87 20.44
C SER A 60 35.30 -17.62 21.70
N ASP A 61 36.21 -18.59 21.54
CA ASP A 61 36.69 -19.43 22.66
C ASP A 61 37.60 -18.67 23.59
N ALA A 62 38.06 -17.47 23.31
CA ALA A 62 38.95 -16.75 24.24
C ALA A 62 38.14 -15.67 24.95
N ALA A 63 36.86 -15.60 24.59
CA ALA A 63 35.88 -14.60 25.09
C ALA A 63 36.00 -14.47 26.60
N ASP A 64 36.11 -15.61 27.29
CA ASP A 64 36.16 -15.72 28.77
C ASP A 64 37.45 -15.11 29.32
N ASP A 65 38.56 -15.45 28.69
CA ASP A 65 39.92 -14.92 28.97
C ASP A 65 39.86 -13.38 28.94
N PHE A 66 39.18 -12.80 27.95
CA PHE A 66 39.03 -11.32 27.84
C PHE A 66 38.11 -10.81 28.96
N LYS A 67 37.01 -11.52 29.22
CA LYS A 67 35.99 -11.12 30.22
C LYS A 67 36.64 -11.00 31.59
N LYS A 68 37.47 -11.98 31.95
CA LYS A 68 38.21 -12.01 33.24
C LYS A 68 39.05 -10.76 33.48
N ILE A 69 39.62 -10.13 32.45
CA ILE A 69 40.53 -8.96 32.63
C ILE A 69 39.77 -7.69 32.29
N GLY A 70 38.45 -7.78 32.15
CA GLY A 70 37.58 -6.58 32.04
C GLY A 70 37.51 -6.08 30.62
N CYS A 71 37.40 -6.99 29.65
CA CYS A 71 37.42 -6.66 28.20
C CYS A 71 36.34 -7.46 27.45
N GLU A 72 35.55 -6.79 26.61
CA GLU A 72 34.51 -7.42 25.74
C GLU A 72 35.07 -7.57 24.32
N VAL A 73 34.70 -8.64 23.64
CA VAL A 73 35.12 -8.95 22.24
C VAL A 73 33.89 -8.92 21.33
N ILE A 74 33.91 -8.08 20.30
CA ILE A 74 32.81 -7.91 19.31
C ILE A 74 33.38 -8.08 17.90
N ALA A 75 32.72 -8.90 17.09
CA ALA A 75 33.07 -9.19 15.68
C ALA A 75 32.04 -8.48 14.79
N ALA A 76 32.41 -8.11 13.56
CA ALA A 76 31.50 -7.46 12.60
C ALA A 76 31.91 -7.80 11.18
N SER A 77 30.91 -7.93 10.28
CA SER A 77 31.05 -7.97 8.80
C SER A 77 29.86 -7.22 8.20
N VAL A 78 29.89 -7.02 6.90
CA VAL A 78 28.84 -6.25 6.17
C VAL A 78 27.65 -7.17 5.87
N ASP A 79 27.76 -8.47 6.12
CA ASP A 79 26.61 -9.41 6.00
C ASP A 79 25.50 -8.99 6.99
N SER A 80 24.24 -9.25 6.64
CA SER A 80 23.04 -9.03 7.49
C SER A 80 23.11 -9.94 8.72
N HIS A 81 22.45 -9.55 9.79
CA HIS A 81 22.23 -10.36 11.00
C HIS A 81 21.54 -11.69 10.67
N PHE A 82 20.71 -11.74 9.63
CA PHE A 82 19.98 -12.96 9.21
C PHE A 82 20.98 -13.96 8.67
N SER A 83 21.95 -13.42 7.93
CA SER A 83 23.10 -14.16 7.35
C SER A 83 24.02 -14.66 8.49
N HIS A 84 24.30 -13.84 9.50
CA HIS A 84 25.09 -14.22 10.70
C HIS A 84 24.41 -15.41 11.38
N LEU A 85 23.15 -15.26 11.76
CA LEU A 85 22.33 -16.32 12.39
C LEU A 85 22.39 -17.61 11.56
N ALA A 86 22.09 -17.58 10.27
CA ALA A 86 22.16 -18.79 9.42
C ALA A 86 23.52 -19.46 9.63
N TRP A 87 24.60 -18.67 9.69
CA TRP A 87 25.99 -19.17 9.78
C TRP A 87 26.27 -19.80 11.15
N ILE A 88 25.83 -19.17 12.25
CA ILE A 88 26.00 -19.80 13.58
C ILE A 88 25.19 -21.10 13.62
N ASN A 89 23.98 -21.14 13.03
CA ASN A 89 23.10 -22.33 13.13
C ASN A 89 23.54 -23.41 12.14
N THR A 90 24.58 -23.15 11.34
CA THR A 90 25.23 -24.17 10.47
C THR A 90 26.28 -24.87 11.33
N PRO A 91 26.22 -26.21 11.45
CA PRO A 91 27.22 -26.96 12.21
C PRO A 91 28.66 -26.75 11.70
N ARG A 92 29.65 -26.72 12.60
CA ARG A 92 31.08 -26.51 12.24
C ARG A 92 31.48 -27.59 11.25
N LYS A 93 30.95 -28.80 11.45
CA LYS A 93 31.27 -30.01 10.65
C LYS A 93 30.93 -29.80 9.17
N GLN A 94 29.87 -29.05 8.86
CA GLN A 94 29.44 -28.74 7.47
C GLN A 94 29.76 -27.28 7.15
N GLY A 95 30.91 -26.76 7.60
CA GLY A 95 31.42 -25.44 7.18
C GLY A 95 30.92 -24.29 8.04
N GLY A 96 29.89 -24.49 8.85
CA GLY A 96 29.25 -23.42 9.64
C GLY A 96 30.18 -22.85 10.69
N LEU A 97 29.64 -21.95 11.54
CA LEU A 97 30.36 -21.26 12.64
C LEU A 97 30.11 -21.98 13.97
N GLY A 98 28.96 -22.65 14.12
CA GLY A 98 28.52 -23.21 15.42
C GLY A 98 28.14 -22.10 16.38
N THR A 99 27.83 -22.43 17.63
CA THR A 99 27.42 -21.43 18.64
C THR A 99 28.63 -20.54 18.95
N MET A 100 28.37 -19.27 19.22
CA MET A 100 29.37 -18.19 19.38
C MET A 100 29.22 -17.60 20.78
N LYS A 101 30.30 -17.11 21.36
CA LYS A 101 30.33 -16.56 22.75
C LYS A 101 30.56 -15.04 22.67
N ILE A 102 30.52 -14.49 21.47
CA ILE A 102 30.72 -13.04 21.19
C ILE A 102 29.63 -12.61 20.23
N PRO A 103 29.12 -11.36 20.34
CA PRO A 103 28.15 -10.85 19.38
C PRO A 103 28.79 -10.65 17.99
N LEU A 104 28.03 -11.00 16.94
CA LEU A 104 28.32 -10.65 15.53
C LEU A 104 27.41 -9.49 15.12
N VAL A 105 28.04 -8.32 14.96
CA VAL A 105 27.43 -7.06 14.48
C VAL A 105 27.27 -7.11 12.95
N SER A 106 26.18 -6.54 12.44
CA SER A 106 25.86 -6.46 10.99
C SER A 106 26.06 -5.02 10.54
N ASP A 107 26.80 -4.81 9.46
CA ASP A 107 27.10 -3.44 8.92
C ASP A 107 26.63 -3.37 7.47
N THR A 108 25.35 -3.66 7.24
CA THR A 108 24.73 -3.69 5.89
C THR A 108 24.79 -2.31 5.19
N ARG A 109 24.90 -1.21 5.93
CA ARG A 109 25.00 0.16 5.35
C ARG A 109 26.45 0.53 5.08
N ARG A 110 27.40 -0.21 5.67
CA ARG A 110 28.87 -0.13 5.43
C ARG A 110 29.45 1.15 6.07
N THR A 111 28.71 1.81 6.97
CA THR A 111 29.12 3.08 7.62
C THR A 111 30.18 2.80 8.68
N ILE A 112 30.02 1.69 9.41
CA ILE A 112 30.93 1.27 10.51
C ILE A 112 32.29 1.00 9.88
N SER A 113 32.31 0.15 8.85
CA SER A 113 33.50 -0.24 8.04
C SER A 113 34.17 1.02 7.52
N THR A 114 33.39 1.98 7.02
CA THR A 114 33.90 3.26 6.49
C THR A 114 34.54 4.08 7.60
N ASP A 115 33.89 4.18 8.77
CA ASP A 115 34.32 5.04 9.90
C ASP A 115 35.60 4.47 10.49
N TYR A 116 35.75 3.14 10.47
CA TYR A 116 36.95 2.45 10.99
C TYR A 116 38.01 2.29 9.90
N GLY A 117 37.74 2.71 8.67
CA GLY A 117 38.74 2.75 7.58
C GLY A 117 39.14 1.37 7.09
N VAL A 118 38.29 0.36 7.22
CA VAL A 118 38.68 -1.03 6.85
C VAL A 118 37.90 -1.51 5.64
N LEU A 119 37.12 -0.65 4.98
CA LEU A 119 36.25 -1.08 3.85
C LEU A 119 37.09 -1.20 2.60
N LYS A 120 37.19 -2.41 2.05
CA LYS A 120 37.76 -2.68 0.70
C LYS A 120 36.72 -2.29 -0.36
N GLU A 121 36.93 -1.18 -1.05
CA GLU A 121 35.91 -0.58 -1.94
C GLU A 121 35.56 -1.50 -3.11
N ASP A 122 36.57 -2.05 -3.77
CA ASP A 122 36.39 -2.82 -5.02
C ASP A 122 35.58 -4.10 -4.73
N ASP A 123 35.54 -4.58 -3.48
CA ASP A 123 34.75 -5.77 -3.08
C ASP A 123 33.52 -5.38 -2.26
N GLY A 124 33.53 -4.20 -1.62
CA GLY A 124 32.43 -3.79 -0.73
C GLY A 124 32.38 -4.58 0.57
N ILE A 125 33.51 -5.16 1.00
CA ILE A 125 33.67 -5.88 2.29
C ILE A 125 34.83 -5.28 3.09
N ALA A 126 34.88 -5.65 4.35
CA ALA A 126 35.89 -5.19 5.32
C ALA A 126 37.15 -6.04 5.16
N TYR A 127 38.28 -5.36 5.24
CA TYR A 127 39.60 -5.95 5.57
C TYR A 127 39.52 -6.56 6.98
N ARG A 128 40.52 -7.36 7.35
CA ARG A 128 40.65 -7.97 8.69
C ARG A 128 41.26 -6.92 9.62
N GLY A 129 40.50 -5.87 9.88
CA GLY A 129 40.86 -4.85 10.87
C GLY A 129 40.46 -5.25 12.27
N LEU A 130 41.27 -4.87 13.24
CA LEU A 130 40.99 -5.11 14.67
C LEU A 130 41.42 -3.88 15.46
N PHE A 131 40.64 -3.55 16.47
CA PHE A 131 40.72 -2.26 17.19
C PHE A 131 40.59 -2.50 18.69
N ILE A 132 41.44 -1.80 19.45
CA ILE A 132 41.41 -1.87 20.93
C ILE A 132 40.97 -0.51 21.43
N ILE A 133 39.79 -0.48 22.06
CA ILE A 133 39.14 0.74 22.60
C ILE A 133 39.20 0.65 24.13
N ASP A 134 39.66 1.69 24.81
CA ASP A 134 39.78 1.63 26.28
C ASP A 134 38.39 1.84 26.88
N ASP A 135 38.30 1.75 28.21
CA ASP A 135 37.06 1.82 29.03
C ASP A 135 36.45 3.23 29.03
N LYS A 136 37.15 4.23 28.47
CA LYS A 136 36.62 5.61 28.25
C LYS A 136 36.21 5.78 26.79
N GLY A 137 36.28 4.70 26.01
CA GLY A 137 35.87 4.69 24.59
C GLY A 137 36.90 5.34 23.71
N ILE A 138 38.12 5.51 24.21
CA ILE A 138 39.26 6.08 23.43
C ILE A 138 39.93 4.95 22.64
N LEU A 139 40.28 5.23 21.39
CA LEU A 139 40.93 4.27 20.47
C LEU A 139 42.43 4.23 20.80
N ARG A 140 42.93 3.05 21.17
CA ARG A 140 44.32 2.82 21.65
C ARG A 140 45.19 2.13 20.60
N GLN A 141 44.59 1.30 19.74
CA GLN A 141 45.36 0.45 18.79
C GLN A 141 44.55 0.13 17.54
N ILE A 142 45.24 0.19 16.40
CA ILE A 142 44.73 -0.13 15.04
C ILE A 142 45.55 -1.29 14.46
N THR A 143 44.89 -2.35 13.99
CA THR A 143 45.54 -3.46 13.24
C THR A 143 44.70 -3.69 12.00
N ILE A 144 45.30 -3.68 10.82
CA ILE A 144 44.61 -4.00 9.54
C ILE A 144 45.48 -4.97 8.74
N ASN A 145 44.97 -6.18 8.52
CA ASN A 145 45.62 -7.20 7.66
C ASN A 145 44.91 -7.22 6.31
N ASP A 146 45.65 -7.41 5.24
CA ASP A 146 45.10 -7.92 3.97
C ASP A 146 44.39 -9.26 4.25
N LEU A 147 43.48 -9.66 3.36
CA LEU A 147 42.48 -10.75 3.59
C LEU A 147 43.16 -12.09 3.87
N PRO A 148 44.28 -12.44 3.20
CA PRO A 148 44.85 -13.78 3.35
C PRO A 148 45.39 -14.16 4.74
N VAL A 149 45.60 -13.21 5.66
CA VAL A 149 46.34 -13.47 6.93
C VAL A 149 45.48 -13.01 8.10
N GLY A 150 45.23 -13.91 9.05
CA GLY A 150 44.38 -13.61 10.22
C GLY A 150 45.20 -13.07 11.37
N ARG A 151 44.52 -12.77 12.46
CA ARG A 151 45.06 -12.16 13.69
C ARG A 151 45.26 -13.25 14.75
N SER A 152 45.83 -12.85 15.89
CA SER A 152 46.35 -13.70 16.97
C SER A 152 45.65 -13.30 18.27
N VAL A 153 44.97 -14.25 18.91
CA VAL A 153 44.29 -14.01 20.20
C VAL A 153 45.34 -13.57 21.22
N GLU A 154 46.46 -14.25 21.20
CA GLU A 154 47.57 -14.14 22.16
C GLU A 154 48.15 -12.72 22.06
N GLU A 155 48.34 -12.23 20.84
CA GLU A 155 48.87 -10.88 20.59
C GLU A 155 47.85 -9.85 21.07
N THR A 156 46.56 -10.09 20.80
CA THR A 156 45.47 -9.19 21.20
C THR A 156 45.39 -9.13 22.72
N LEU A 157 45.61 -10.25 23.41
CA LEU A 157 45.70 -10.30 24.89
C LEU A 157 46.87 -9.46 25.40
N ARG A 158 48.05 -9.69 24.86
CA ARG A 158 49.25 -8.90 25.25
C ARG A 158 48.92 -7.41 25.20
N LEU A 159 48.27 -6.95 24.13
CA LEU A 159 48.03 -5.51 23.86
C LEU A 159 47.03 -4.95 24.88
N VAL A 160 45.91 -5.65 25.05
CA VAL A 160 44.82 -5.25 25.99
C VAL A 160 45.41 -5.08 27.38
N GLN A 161 46.04 -6.14 27.91
CA GLN A 161 46.75 -6.15 29.20
C GLN A 161 47.80 -5.03 29.24
N ALA A 162 48.62 -4.90 28.21
CA ALA A 162 49.69 -3.87 28.15
C ALA A 162 49.05 -2.48 28.36
N PHE A 163 47.94 -2.17 27.65
CA PHE A 163 47.27 -0.84 27.73
C PHE A 163 46.67 -0.66 29.13
N GLN A 164 46.01 -1.70 29.67
CA GLN A 164 45.43 -1.68 31.03
C GLN A 164 46.52 -1.36 32.04
N PHE A 165 47.67 -2.01 31.89
CA PHE A 165 48.83 -1.84 32.81
C PHE A 165 49.33 -0.40 32.74
N THR A 166 49.57 0.13 31.55
CA THR A 166 50.07 1.52 31.36
C THR A 166 49.04 2.54 31.84
N ASP A 167 47.74 2.24 31.75
CA ASP A 167 46.69 3.15 32.28
C ASP A 167 46.96 3.37 33.78
N LYS A 168 47.35 2.33 34.53
CA LYS A 168 47.52 2.39 36.01
C LYS A 168 48.93 2.87 36.40
N HIS A 169 49.95 2.49 35.65
CA HIS A 169 51.36 2.48 36.11
C HIS A 169 52.26 3.31 35.20
N GLY A 170 51.83 3.59 33.97
CA GLY A 170 52.67 4.24 32.96
C GLY A 170 53.50 3.21 32.24
N GLU A 171 54.37 3.66 31.35
CA GLU A 171 55.14 2.78 30.47
C GLU A 171 56.06 1.88 31.31
N VAL A 172 56.19 0.64 30.88
CA VAL A 172 57.19 -0.30 31.43
C VAL A 172 58.54 0.14 30.91
N CYS A 173 59.45 0.47 31.78
CA CYS A 173 60.84 0.67 31.38
C CYS A 173 61.72 0.20 32.51
N PRO A 174 62.79 -0.53 32.22
CA PRO A 174 63.84 -0.79 33.20
C PRO A 174 64.49 0.51 33.73
N ALA A 175 64.91 0.55 35.02
CA ALA A 175 65.68 1.66 35.64
C ALA A 175 66.91 1.98 34.79
N GLY A 176 67.38 3.22 34.90
CA GLY A 176 68.26 3.79 33.87
C GLY A 176 67.34 4.19 32.72
N TRP A 177 67.80 4.24 31.48
CA TRP A 177 66.81 4.45 30.39
C TRP A 177 67.15 3.43 29.30
N LYS A 178 66.59 2.23 29.46
CA LYS A 178 66.81 0.98 28.68
C LYS A 178 67.40 1.24 27.29
N ALA B 3 44.56 11.51 7.69
CA ALA B 3 45.59 11.87 6.66
C ALA B 3 46.28 10.60 6.15
N GLY B 4 47.04 10.72 5.07
CA GLY B 4 47.95 9.67 4.59
C GLY B 4 47.46 8.99 3.34
N ASN B 5 48.39 8.51 2.53
CA ASN B 5 48.14 7.77 1.26
C ASN B 5 48.32 6.28 1.46
N ALA B 6 48.89 5.87 2.59
CA ALA B 6 49.13 4.46 2.93
C ALA B 6 47.80 3.71 2.92
N GLN B 7 47.57 2.81 1.96
CA GLN B 7 46.36 1.97 1.92
C GLN B 7 46.74 0.52 1.62
N ILE B 8 46.02 -0.43 2.25
CA ILE B 8 46.22 -1.88 1.96
C ILE B 8 45.92 -2.10 0.47
N GLY B 9 46.84 -2.79 -0.23
CA GLY B 9 46.64 -3.25 -1.62
C GLY B 9 47.18 -2.24 -2.59
N LYS B 10 47.56 -1.10 -2.10
CA LYS B 10 48.11 -0.03 -2.95
C LYS B 10 49.59 0.07 -2.60
N LEU B 11 50.43 0.56 -3.53
CA LEU B 11 51.88 0.80 -3.31
C LEU B 11 52.06 1.63 -2.04
N ALA B 12 52.93 1.20 -1.15
CA ALA B 12 53.33 2.01 0.02
C ALA B 12 53.91 3.31 -0.52
N PRO B 13 53.65 4.47 0.13
CA PRO B 13 54.29 5.73 -0.23
C PRO B 13 55.82 5.68 -0.30
N ASP B 14 56.41 6.06 -1.44
CA ASP B 14 57.87 6.09 -1.62
C ASP B 14 58.38 7.37 -0.99
N PHE B 15 59.69 7.51 -0.84
CA PHE B 15 60.33 8.67 -0.20
C PHE B 15 61.83 8.53 -0.37
N THR B 16 62.56 9.64 -0.31
CA THR B 16 64.03 9.65 -0.22
C THR B 16 64.38 10.40 1.06
N ALA B 17 65.22 9.83 1.92
CA ALA B 17 65.55 10.42 3.25
C ALA B 17 66.93 9.98 3.73
N LYS B 18 67.59 10.84 4.52
CA LYS B 18 68.86 10.53 5.22
C LYS B 18 68.59 9.38 6.19
N ALA B 19 69.51 8.44 6.24
CA ALA B 19 69.49 7.29 7.18
C ALA B 19 70.89 7.12 7.74
N VAL B 20 71.01 6.74 9.01
CA VAL B 20 72.26 6.18 9.57
C VAL B 20 72.22 4.68 9.30
N MET B 21 73.12 4.17 8.47
CA MET B 21 73.15 2.73 8.11
C MET B 21 73.75 1.94 9.27
N PRO B 22 73.60 0.60 9.30
CA PRO B 22 74.17 -0.20 10.39
C PRO B 22 75.68 0.03 10.60
N ASP B 23 76.47 0.21 9.54
CA ASP B 23 77.93 0.52 9.64
C ASP B 23 78.18 1.96 10.15
N GLY B 24 77.15 2.75 10.49
CA GLY B 24 77.32 4.10 11.04
C GLY B 24 77.47 5.19 9.99
N GLN B 25 77.29 4.90 8.69
CA GLN B 25 77.50 5.85 7.57
C GLN B 25 76.16 6.48 7.16
N PHE B 26 76.15 7.78 6.85
CA PHE B 26 74.98 8.50 6.27
C PHE B 26 74.76 8.03 4.85
N LYS B 27 73.49 7.80 4.48
CA LYS B 27 73.09 7.33 3.14
C LYS B 27 71.67 7.87 2.84
N ASP B 28 71.39 8.23 1.58
CA ASP B 28 70.03 8.54 1.07
C ASP B 28 69.33 7.22 0.76
N LEU B 29 68.24 6.94 1.46
CA LEU B 29 67.53 5.65 1.41
C LEU B 29 66.21 5.88 0.71
N LYS B 30 65.92 5.08 -0.29
CA LYS B 30 64.63 5.14 -1.03
C LYS B 30 63.83 3.88 -0.70
N MET B 31 62.56 3.99 -0.42
CA MET B 31 61.71 2.81 -0.13
C MET B 31 61.77 1.87 -1.34
N SER B 32 61.62 2.40 -2.56
CA SER B 32 61.52 1.59 -3.81
C SER B 32 62.81 0.80 -4.07
N ASP B 33 63.89 1.11 -3.33
CA ASP B 33 65.19 0.40 -3.43
C ASP B 33 65.08 -1.01 -2.82
N TYR B 34 64.09 -1.24 -1.95
CA TYR B 34 63.90 -2.54 -1.26
C TYR B 34 62.88 -3.38 -2.03
N ARG B 35 62.39 -2.91 -3.17
CA ARG B 35 61.48 -3.71 -4.04
C ARG B 35 62.24 -4.97 -4.43
N GLY B 36 61.58 -6.12 -4.36
CA GLY B 36 62.20 -7.45 -4.52
C GLY B 36 62.39 -8.19 -3.20
N LYS B 37 62.21 -7.54 -2.06
CA LYS B 37 62.15 -8.16 -0.70
C LYS B 37 60.99 -7.54 0.08
N TYR B 38 60.43 -8.27 1.04
CA TYR B 38 59.45 -7.73 2.02
C TYR B 38 60.20 -6.65 2.83
N VAL B 39 59.44 -5.74 3.42
CA VAL B 39 59.99 -4.70 4.32
C VAL B 39 59.05 -4.54 5.52
N VAL B 40 59.65 -4.55 6.70
CA VAL B 40 59.01 -4.13 7.98
C VAL B 40 59.48 -2.69 8.20
N PHE B 41 58.57 -1.74 8.03
CA PHE B 41 58.86 -0.31 8.21
C PHE B 41 58.18 0.13 9.48
N PHE B 42 58.95 0.49 10.50
CA PHE B 42 58.34 0.88 11.79
C PHE B 42 58.87 2.23 12.26
N PHE B 43 57.93 3.03 12.74
CA PHE B 43 58.16 4.40 13.21
C PHE B 43 58.28 4.30 14.70
N TYR B 44 59.15 5.09 15.32
CA TYR B 44 59.11 5.33 16.78
C TYR B 44 59.04 6.85 16.99
N PRO B 45 58.54 7.33 18.15
CA PRO B 45 58.30 8.76 18.37
C PRO B 45 59.57 9.63 18.32
N LEU B 46 60.51 9.41 19.23
CA LEU B 46 61.73 10.23 19.39
C LEU B 46 62.95 9.37 19.74
N ASP B 47 64.12 9.94 19.48
CA ASP B 47 65.42 9.38 19.88
C ASP B 47 65.62 9.70 21.37
N PHE B 48 66.59 9.06 21.99
CA PHE B 48 66.91 9.22 23.44
C PHE B 48 65.83 8.53 24.28
N THR B 49 65.48 9.06 25.43
CA THR B 49 64.58 8.23 26.28
C THR B 49 63.17 8.79 26.46
N PHE B 50 62.57 9.31 25.41
CA PHE B 50 61.17 9.77 25.51
C PHE B 50 60.34 8.52 25.86
N VAL B 51 60.56 7.45 25.10
CA VAL B 51 60.00 6.11 25.37
C VAL B 51 61.19 5.19 25.66
N CYS B 52 60.88 4.05 26.26
CA CYS B 52 61.90 3.04 26.57
C CYS B 52 62.51 2.50 25.28
N PRO B 53 63.85 2.39 25.17
CA PRO B 53 64.48 1.86 23.97
C PRO B 53 64.52 0.33 23.82
N THR B 54 63.73 -0.40 24.58
CA THR B 54 63.76 -1.88 24.50
C THR B 54 63.14 -2.36 23.19
N GLU B 55 62.20 -1.61 22.63
CA GLU B 55 61.51 -2.01 21.38
C GLU B 55 62.47 -1.97 20.19
N ILE B 56 63.08 -0.83 19.93
CA ILE B 56 64.05 -0.59 18.82
C ILE B 56 65.19 -1.61 18.94
N ILE B 57 65.61 -1.92 20.16
CA ILE B 57 66.73 -2.86 20.41
C ILE B 57 66.30 -4.27 20.02
N ALA B 58 65.13 -4.71 20.47
CA ALA B 58 64.57 -6.06 20.21
C ALA B 58 64.51 -6.28 18.69
N PHE B 59 64.10 -5.26 17.95
CA PHE B 59 63.98 -5.34 16.47
C PHE B 59 65.35 -5.43 15.79
N SER B 60 66.35 -4.67 16.27
CA SER B 60 67.76 -4.74 15.79
C SER B 60 68.31 -6.14 16.00
N ASP B 61 68.12 -6.68 17.20
CA ASP B 61 68.65 -8.02 17.55
C ASP B 61 67.96 -9.09 16.73
N ALA B 62 66.79 -8.88 16.16
CA ALA B 62 66.08 -9.90 15.36
C ALA B 62 66.30 -9.63 13.87
N ALA B 63 67.09 -8.61 13.51
CA ALA B 63 67.40 -8.28 12.10
C ALA B 63 67.70 -9.57 11.31
N ASP B 64 68.34 -10.55 11.94
CA ASP B 64 68.83 -11.77 11.25
C ASP B 64 67.70 -12.78 11.07
N ASP B 65 66.73 -12.80 11.96
CA ASP B 65 65.50 -13.61 11.82
C ASP B 65 64.75 -13.13 10.56
N PHE B 66 64.74 -11.83 10.31
CA PHE B 66 64.04 -11.24 9.14
C PHE B 66 64.88 -11.47 7.88
N LYS B 67 66.20 -11.33 7.99
CA LYS B 67 67.12 -11.51 6.84
C LYS B 67 67.01 -12.93 6.30
N LYS B 68 66.78 -13.87 7.18
CA LYS B 68 66.73 -15.32 6.88
C LYS B 68 65.57 -15.59 5.91
N ILE B 69 64.46 -14.86 6.03
CA ILE B 69 63.24 -15.06 5.19
C ILE B 69 63.11 -13.92 4.17
N GLY B 70 64.20 -13.21 3.90
CA GLY B 70 64.28 -12.22 2.81
C GLY B 70 63.42 -10.99 3.09
N CYS B 71 63.45 -10.52 4.32
CA CYS B 71 62.71 -9.32 4.80
C CYS B 71 63.71 -8.32 5.38
N GLU B 72 63.71 -7.08 4.89
CA GLU B 72 64.53 -6.01 5.49
C GLU B 72 63.66 -5.29 6.54
N VAL B 73 64.29 -4.79 7.58
CA VAL B 73 63.68 -4.02 8.69
C VAL B 73 64.30 -2.64 8.65
N ILE B 74 63.45 -1.61 8.75
CA ILE B 74 63.83 -0.17 8.70
C ILE B 74 63.06 0.59 9.78
N ALA B 75 63.76 1.41 10.55
CA ALA B 75 63.15 2.24 11.62
C ALA B 75 63.22 3.69 11.17
N ALA B 76 62.26 4.50 11.64
CA ALA B 76 62.12 5.91 11.27
C ALA B 76 61.58 6.71 12.45
N SER B 77 62.06 7.94 12.59
CA SER B 77 61.53 8.98 13.51
C SER B 77 61.79 10.35 12.86
N VAL B 78 61.25 11.40 13.46
CA VAL B 78 61.30 12.80 12.95
C VAL B 78 62.62 13.46 13.36
N ASP B 79 63.38 12.84 14.25
CA ASP B 79 64.73 13.33 14.65
C ASP B 79 65.64 13.41 13.43
N SER B 80 66.64 14.30 13.50
CA SER B 80 67.69 14.47 12.47
C SER B 80 68.53 13.20 12.43
N HIS B 81 69.17 12.97 11.28
CA HIS B 81 70.15 11.88 11.08
C HIS B 81 71.35 12.12 12.01
N PHE B 82 71.60 13.36 12.44
CA PHE B 82 72.66 13.72 13.45
C PHE B 82 72.26 13.24 14.85
N SER B 83 71.00 13.42 15.24
CA SER B 83 70.44 12.84 16.49
C SER B 83 70.59 11.31 16.47
N HIS B 84 70.17 10.64 15.39
CA HIS B 84 70.31 9.15 15.27
C HIS B 84 71.75 8.75 15.60
N LEU B 85 72.75 9.41 15.00
CA LEU B 85 74.18 8.99 15.06
C LEU B 85 74.70 9.23 16.48
N ALA B 86 74.35 10.35 17.09
CA ALA B 86 74.75 10.66 18.48
C ALA B 86 74.22 9.54 19.39
N TRP B 87 73.00 9.08 19.13
CA TRP B 87 72.32 8.07 19.98
C TRP B 87 72.98 6.70 19.79
N ILE B 88 73.21 6.28 18.54
CA ILE B 88 74.00 5.06 18.19
C ILE B 88 75.43 5.13 18.75
N ASN B 89 76.08 6.30 18.75
CA ASN B 89 77.50 6.44 19.22
C ASN B 89 77.57 6.55 20.74
N THR B 90 76.42 6.60 21.41
CA THR B 90 76.34 6.48 22.89
C THR B 90 76.21 5.01 23.21
N PRO B 91 77.23 4.37 23.83
CA PRO B 91 77.13 2.94 24.16
C PRO B 91 75.99 2.62 25.15
N ARG B 92 75.48 1.39 25.08
CA ARG B 92 74.34 0.92 25.90
C ARG B 92 74.65 1.05 27.38
N LYS B 93 75.91 0.82 27.76
CA LYS B 93 76.37 0.91 29.17
C LYS B 93 76.28 2.32 29.73
N GLN B 94 76.20 3.32 28.85
CA GLN B 94 76.01 4.75 29.22
C GLN B 94 74.67 5.26 28.70
N GLY B 95 73.65 4.42 28.62
CA GLY B 95 72.26 4.86 28.37
C GLY B 95 71.93 4.99 26.88
N GLY B 96 72.93 4.88 26.02
CA GLY B 96 72.77 5.05 24.56
C GLY B 96 72.20 3.81 23.92
N LEU B 97 72.00 3.86 22.61
CA LEU B 97 71.51 2.73 21.79
C LEU B 97 72.67 1.75 21.54
N GLY B 98 73.89 2.27 21.37
CA GLY B 98 75.03 1.51 20.84
C GLY B 98 74.76 1.10 19.41
N THR B 99 75.69 0.37 18.78
CA THR B 99 75.57 -0.12 17.39
C THR B 99 74.23 -0.80 17.15
N MET B 100 73.62 -0.54 15.98
CA MET B 100 72.31 -1.08 15.51
C MET B 100 72.54 -1.93 14.26
N LYS B 101 71.66 -2.90 14.01
CA LYS B 101 71.78 -3.87 12.87
C LYS B 101 70.77 -3.53 11.78
N ILE B 102 70.02 -2.43 11.96
CA ILE B 102 69.00 -1.87 11.03
C ILE B 102 69.30 -0.39 10.76
N PRO B 103 68.94 0.14 9.56
CA PRO B 103 69.05 1.59 9.33
C PRO B 103 68.01 2.42 10.11
N LEU B 104 68.40 3.61 10.60
CA LEU B 104 67.46 4.62 11.17
C LEU B 104 67.24 5.74 10.15
N VAL B 105 65.99 5.92 9.72
CA VAL B 105 65.56 6.92 8.72
C VAL B 105 65.14 8.22 9.44
N SER B 106 65.55 9.35 8.89
CA SER B 106 65.22 10.69 9.42
C SER B 106 64.10 11.33 8.57
N ASP B 107 63.01 11.76 9.24
CA ASP B 107 61.81 12.38 8.64
C ASP B 107 61.61 13.78 9.26
N THR B 108 62.59 14.66 9.08
CA THR B 108 62.59 16.01 9.67
C THR B 108 61.54 16.89 8.98
N ARG B 109 61.16 16.61 7.72
CA ARG B 109 60.04 17.33 7.06
C ARG B 109 58.68 16.74 7.45
N ARG B 110 58.63 15.62 8.18
CA ARG B 110 57.37 15.01 8.70
C ARG B 110 56.51 14.47 7.56
N THR B 111 57.06 14.35 6.35
CA THR B 111 56.28 14.02 5.12
C THR B 111 56.00 12.51 5.09
N ILE B 112 56.93 11.72 5.59
CA ILE B 112 56.81 10.24 5.61
C ILE B 112 55.79 9.83 6.66
N SER B 113 55.91 10.37 7.88
CA SER B 113 54.93 10.21 8.99
C SER B 113 53.53 10.55 8.48
N THR B 114 53.43 11.66 7.76
CA THR B 114 52.14 12.18 7.21
C THR B 114 51.60 11.18 6.18
N ASP B 115 52.44 10.77 5.21
CA ASP B 115 52.08 9.78 4.17
C ASP B 115 51.60 8.46 4.77
N TYR B 116 52.16 8.03 5.89
CA TYR B 116 51.84 6.73 6.50
C TYR B 116 50.74 6.90 7.57
N GLY B 117 50.17 8.09 7.73
CA GLY B 117 49.05 8.30 8.66
C GLY B 117 49.43 8.16 10.13
N VAL B 118 50.68 8.40 10.51
CA VAL B 118 51.13 8.04 11.88
C VAL B 118 51.56 9.28 12.66
N LEU B 119 51.43 10.48 12.10
CA LEU B 119 51.82 11.71 12.82
C LEU B 119 50.78 12.02 13.90
N LYS B 120 51.23 12.10 15.16
CA LYS B 120 50.46 12.67 16.30
C LYS B 120 50.61 14.18 16.18
N GLU B 121 49.58 14.86 15.66
CA GLU B 121 49.67 16.27 15.18
C GLU B 121 50.06 17.23 16.31
N ASP B 122 49.54 17.00 17.51
CA ASP B 122 49.72 17.98 18.63
C ASP B 122 51.17 17.91 19.14
N ASP B 123 51.89 16.80 18.96
CA ASP B 123 53.28 16.63 19.45
C ASP B 123 54.29 16.73 18.29
N GLY B 124 53.87 16.57 17.04
CA GLY B 124 54.75 16.63 15.86
C GLY B 124 55.62 15.39 15.72
N ILE B 125 55.12 14.28 16.24
CA ILE B 125 55.86 13.05 16.59
C ILE B 125 55.08 11.91 15.93
N ALA B 126 55.74 10.86 15.45
CA ALA B 126 55.06 9.64 14.94
C ALA B 126 54.56 8.80 16.12
N TYR B 127 53.36 8.23 15.97
CA TYR B 127 52.87 7.10 16.79
C TYR B 127 53.73 5.86 16.51
N ARG B 128 53.58 4.83 17.33
CA ARG B 128 54.28 3.52 17.13
C ARG B 128 53.55 2.76 16.01
N GLY B 129 53.81 3.19 14.78
CA GLY B 129 53.34 2.57 13.54
C GLY B 129 54.32 1.54 13.05
N LEU B 130 53.79 0.41 12.59
CA LEU B 130 54.53 -0.68 11.91
C LEU B 130 53.77 -1.06 10.65
N PHE B 131 54.47 -1.09 9.51
CA PHE B 131 53.90 -1.40 8.18
C PHE B 131 54.67 -2.57 7.58
N ILE B 132 53.95 -3.53 6.99
CA ILE B 132 54.54 -4.67 6.22
C ILE B 132 54.24 -4.44 4.74
N ILE B 133 55.30 -4.38 3.95
CA ILE B 133 55.31 -4.06 2.50
C ILE B 133 55.88 -5.27 1.75
N ASP B 134 55.21 -5.72 0.69
CA ASP B 134 55.61 -6.97 -0.01
C ASP B 134 56.70 -6.61 -1.03
N ASP B 135 57.19 -7.63 -1.74
CA ASP B 135 58.39 -7.55 -2.62
C ASP B 135 58.07 -6.71 -3.86
N LYS B 136 56.79 -6.46 -4.14
CA LYS B 136 56.34 -5.64 -5.30
C LYS B 136 56.07 -4.20 -4.87
N GLY B 137 56.16 -3.89 -3.57
CA GLY B 137 56.00 -2.54 -3.00
C GLY B 137 54.59 -2.29 -2.47
N ILE B 138 53.76 -3.33 -2.38
CA ILE B 138 52.35 -3.23 -1.92
C ILE B 138 52.31 -3.34 -0.40
N LEU B 139 51.50 -2.49 0.24
CA LEU B 139 51.23 -2.56 1.70
C LEU B 139 50.24 -3.68 2.03
N ARG B 140 50.63 -4.60 2.91
CA ARG B 140 49.87 -5.82 3.31
C ARG B 140 49.29 -5.67 4.71
N GLN B 141 49.86 -4.82 5.56
CA GLN B 141 49.50 -4.82 7.00
C GLN B 141 49.78 -3.46 7.63
N ILE B 142 48.83 -2.94 8.41
CA ILE B 142 48.97 -1.68 9.18
C ILE B 142 48.76 -1.95 10.67
N THR B 143 49.70 -1.52 11.47
CA THR B 143 49.68 -1.62 12.95
C THR B 143 50.05 -0.27 13.51
N ILE B 144 49.14 0.43 14.18
CA ILE B 144 49.59 1.62 14.93
C ILE B 144 49.10 1.54 16.38
N ASN B 145 50.05 1.75 17.31
CA ASN B 145 49.85 1.73 18.78
C ASN B 145 50.00 3.15 19.32
N ASP B 146 49.22 3.49 20.35
CA ASP B 146 49.44 4.67 21.20
C ASP B 146 50.84 4.56 21.81
N LEU B 147 51.43 5.69 22.23
CA LEU B 147 52.87 5.78 22.63
C LEU B 147 53.25 4.82 23.77
N PRO B 148 52.39 4.48 24.74
CA PRO B 148 52.83 3.69 25.90
C PRO B 148 53.07 2.17 25.73
N VAL B 149 52.63 1.57 24.63
CA VAL B 149 52.74 0.10 24.41
C VAL B 149 53.55 -0.16 23.15
N GLY B 150 54.52 -1.07 23.28
CA GLY B 150 55.41 -1.50 22.18
C GLY B 150 54.83 -2.64 21.36
N ARG B 151 55.49 -2.90 20.23
CA ARG B 151 55.13 -3.93 19.24
C ARG B 151 55.88 -5.22 19.58
N SER B 152 55.54 -6.33 18.91
CA SER B 152 56.10 -7.67 19.15
C SER B 152 56.87 -8.16 17.92
N VAL B 153 58.18 -8.35 18.08
CA VAL B 153 59.05 -9.02 17.09
C VAL B 153 58.41 -10.34 16.63
N GLU B 154 57.93 -11.15 17.55
CA GLU B 154 57.42 -12.52 17.27
C GLU B 154 56.13 -12.43 16.46
N GLU B 155 55.26 -11.46 16.77
CA GLU B 155 54.02 -11.23 15.98
C GLU B 155 54.38 -10.71 14.59
N THR B 156 55.27 -9.74 14.49
CA THR B 156 55.75 -9.22 13.18
C THR B 156 56.29 -10.37 12.33
N LEU B 157 57.03 -11.31 12.93
CA LEU B 157 57.62 -12.46 12.22
C LEU B 157 56.51 -13.37 11.74
N ARG B 158 55.51 -13.63 12.58
CA ARG B 158 54.34 -14.48 12.20
C ARG B 158 53.72 -13.85 10.94
N LEU B 159 53.50 -12.54 10.99
CA LEU B 159 52.79 -11.82 9.91
C LEU B 159 53.59 -11.96 8.62
N VAL B 160 54.90 -11.72 8.65
CA VAL B 160 55.72 -11.66 7.41
C VAL B 160 55.74 -13.04 6.76
N GLN B 161 55.94 -14.08 7.54
CA GLN B 161 55.98 -15.47 7.01
C GLN B 161 54.60 -15.84 6.46
N ALA B 162 53.50 -15.41 7.11
CA ALA B 162 52.10 -15.72 6.72
C ALA B 162 51.74 -15.07 5.37
N PHE B 163 52.19 -13.83 5.13
CA PHE B 163 51.96 -13.10 3.84
C PHE B 163 52.83 -13.73 2.74
N GLN B 164 54.07 -14.07 3.09
CA GLN B 164 55.00 -14.78 2.18
C GLN B 164 54.35 -16.10 1.82
N PHE B 165 53.83 -16.82 2.81
CA PHE B 165 53.26 -18.18 2.62
C PHE B 165 52.03 -18.06 1.69
N THR B 166 51.03 -17.26 2.08
CA THR B 166 49.75 -17.12 1.32
C THR B 166 50.02 -16.55 -0.10
N ASP B 167 51.09 -15.80 -0.31
CA ASP B 167 51.51 -15.32 -1.66
C ASP B 167 51.78 -16.52 -2.59
N LYS B 168 52.24 -17.64 -2.06
CA LYS B 168 52.66 -18.79 -2.90
C LYS B 168 51.70 -19.97 -2.78
N HIS B 169 50.67 -19.91 -1.94
CA HIS B 169 49.73 -21.04 -1.72
C HIS B 169 48.30 -20.53 -1.76
N GLY B 170 47.73 -20.16 -0.63
CA GLY B 170 46.29 -19.89 -0.59
C GLY B 170 45.68 -20.88 0.37
N GLU B 171 45.11 -20.45 1.48
CA GLU B 171 45.00 -21.37 2.63
C GLU B 171 43.77 -22.27 2.55
N VAL B 172 43.59 -23.09 3.59
CA VAL B 172 42.43 -23.99 3.88
C VAL B 172 42.75 -24.89 5.08
N ALA C 3 14.08 13.40 -12.30
CA ALA C 3 13.32 14.27 -11.35
C ALA C 3 12.42 13.38 -10.48
N GLY C 4 11.83 13.99 -9.45
CA GLY C 4 10.85 13.32 -8.58
C GLY C 4 11.23 13.42 -7.12
N ASN C 5 10.27 13.72 -6.25
CA ASN C 5 10.39 13.64 -4.78
C ASN C 5 9.65 12.40 -4.23
N ALA C 6 8.76 11.78 -5.01
CA ALA C 6 8.00 10.57 -4.61
C ALA C 6 9.01 9.49 -4.27
N GLN C 7 9.05 9.11 -2.99
CA GLN C 7 10.00 8.14 -2.42
C GLN C 7 9.25 7.20 -1.47
N ILE C 8 9.45 5.89 -1.61
CA ILE C 8 8.83 4.88 -0.70
C ILE C 8 9.24 5.21 0.74
N GLY C 9 8.29 5.28 1.68
CA GLY C 9 8.60 5.50 3.09
C GLY C 9 8.49 6.95 3.49
N LYS C 10 8.50 7.88 2.53
CA LYS C 10 8.28 9.33 2.78
C LYS C 10 6.84 9.68 2.43
N LEU C 11 6.39 10.86 2.89
CA LEU C 11 5.08 11.47 2.50
C LEU C 11 5.03 11.64 0.99
N ALA C 12 3.95 11.19 0.36
CA ALA C 12 3.65 11.46 -1.06
C ALA C 12 3.64 12.97 -1.26
N PRO C 13 4.25 13.52 -2.34
CA PRO C 13 4.20 14.95 -2.60
C PRO C 13 2.77 15.50 -2.59
N ASP C 14 2.53 16.53 -1.78
CA ASP C 14 1.19 17.16 -1.67
C ASP C 14 1.03 18.15 -2.84
N PHE C 15 -0.21 18.49 -3.15
CA PHE C 15 -0.59 19.41 -4.23
C PHE C 15 -2.03 19.89 -4.01
N THR C 16 -2.33 21.07 -4.55
CA THR C 16 -3.70 21.55 -4.83
C THR C 16 -3.84 21.73 -6.35
N ALA C 17 -4.88 21.16 -6.95
CA ALA C 17 -5.11 21.20 -8.41
C ALA C 17 -6.61 21.26 -8.68
N LYS C 18 -6.98 21.86 -9.80
CA LYS C 18 -8.37 21.84 -10.29
C LYS C 18 -8.70 20.39 -10.63
N ALA C 19 -9.93 19.95 -10.39
CA ALA C 19 -10.38 18.57 -10.64
C ALA C 19 -11.85 18.58 -11.09
N VAL C 20 -12.25 17.65 -11.95
CA VAL C 20 -13.68 17.36 -12.22
C VAL C 20 -14.12 16.27 -11.24
N MET C 21 -14.98 16.61 -10.29
CA MET C 21 -15.52 15.65 -9.31
C MET C 21 -16.55 14.77 -10.01
N PRO C 22 -16.93 13.62 -9.43
CA PRO C 22 -17.90 12.71 -10.06
C PRO C 22 -19.24 13.36 -10.45
N ASP C 23 -19.69 14.40 -9.73
CA ASP C 23 -20.97 15.12 -9.97
C ASP C 23 -20.88 16.00 -11.22
N GLY C 24 -19.69 16.37 -11.66
CA GLY C 24 -19.46 17.25 -12.82
C GLY C 24 -18.87 18.58 -12.42
N GLN C 25 -18.78 18.86 -11.11
CA GLN C 25 -18.44 20.20 -10.56
C GLN C 25 -16.93 20.35 -10.50
N PHE C 26 -16.42 21.51 -10.91
CA PHE C 26 -15.00 21.89 -10.73
C PHE C 26 -14.78 22.05 -9.23
N LYS C 27 -13.62 21.62 -8.76
CA LYS C 27 -13.31 21.68 -7.32
C LYS C 27 -11.78 21.64 -7.15
N ASP C 28 -11.26 22.50 -6.28
CA ASP C 28 -9.84 22.49 -5.87
C ASP C 28 -9.66 21.26 -4.98
N LEU C 29 -8.75 20.34 -5.37
CA LEU C 29 -8.55 19.04 -4.69
C LEU C 29 -7.14 18.99 -4.13
N LYS C 30 -7.01 18.54 -2.89
CA LYS C 30 -5.74 18.53 -2.12
C LYS C 30 -5.49 17.09 -1.64
N MET C 31 -4.38 16.49 -2.08
CA MET C 31 -3.96 15.09 -1.76
C MET C 31 -4.13 14.84 -0.26
N SER C 32 -3.52 15.68 0.56
CA SER C 32 -3.44 15.57 2.04
C SER C 32 -4.82 15.63 2.70
N ASP C 33 -5.89 16.02 1.99
CA ASP C 33 -7.28 15.90 2.47
C ASP C 33 -7.72 14.43 2.54
N TYR C 34 -6.94 13.50 1.96
CA TYR C 34 -7.28 12.06 1.88
C TYR C 34 -6.56 11.30 2.99
N ARG C 35 -5.67 11.94 3.75
CA ARG C 35 -5.05 11.33 4.98
C ARG C 35 -6.23 10.93 5.85
N GLY C 36 -6.16 9.75 6.46
CA GLY C 36 -7.32 9.11 7.12
C GLY C 36 -7.77 7.87 6.37
N LYS C 37 -7.59 7.85 5.05
CA LYS C 37 -7.90 6.68 4.20
C LYS C 37 -6.73 6.41 3.26
N TYR C 38 -6.68 5.21 2.70
CA TYR C 38 -5.70 4.82 1.65
C TYR C 38 -6.11 5.52 0.35
N VAL C 39 -5.11 5.85 -0.49
CA VAL C 39 -5.31 6.43 -1.85
C VAL C 39 -4.57 5.61 -2.91
N VAL C 40 -5.27 5.23 -3.98
CA VAL C 40 -4.68 4.87 -5.29
C VAL C 40 -4.70 6.14 -6.17
N PHE C 41 -3.51 6.66 -6.50
CA PHE C 41 -3.32 7.88 -7.33
C PHE C 41 -2.67 7.48 -8.66
N PHE C 42 -3.38 7.58 -9.77
CA PHE C 42 -2.83 7.10 -11.06
C PHE C 42 -2.93 8.18 -12.13
N PHE C 43 -1.90 8.24 -12.96
CA PHE C 43 -1.78 9.18 -14.09
C PHE C 43 -2.16 8.44 -15.36
N TYR C 44 -2.81 9.13 -16.29
CA TYR C 44 -2.89 8.69 -17.71
C TYR C 44 -2.35 9.83 -18.57
N PRO C 45 -1.87 9.51 -19.80
CA PRO C 45 -1.16 10.47 -20.65
C PRO C 45 -2.01 11.60 -21.28
N LEU C 46 -3.13 11.25 -21.94
CA LEU C 46 -3.95 12.21 -22.71
C LEU C 46 -5.43 11.82 -22.74
N ASP C 47 -6.29 12.83 -22.60
CA ASP C 47 -7.73 12.81 -22.94
C ASP C 47 -7.89 12.71 -24.45
N PHE C 48 -9.01 12.13 -24.91
CA PHE C 48 -9.47 12.05 -26.32
C PHE C 48 -8.50 11.24 -27.17
N THR C 49 -7.93 10.21 -26.59
CA THR C 49 -7.09 9.28 -27.35
C THR C 49 -7.98 8.48 -28.29
N PHE C 50 -7.38 7.99 -29.35
CA PHE C 50 -8.11 7.13 -30.30
C PHE C 50 -8.28 5.74 -29.70
N VAL C 51 -7.51 5.37 -28.69
CA VAL C 51 -7.68 4.06 -28.02
C VAL C 51 -8.80 4.15 -26.98
N CYS C 52 -9.68 3.15 -26.97
CA CYS C 52 -10.78 3.00 -25.98
C CYS C 52 -10.17 3.27 -24.61
N PRO C 53 -10.83 4.11 -23.79
CA PRO C 53 -10.34 4.33 -22.44
C PRO C 53 -10.79 3.31 -21.36
N THR C 54 -10.71 2.00 -21.66
CA THR C 54 -11.20 0.90 -20.79
C THR C 54 -10.50 0.89 -19.43
N GLU C 55 -9.24 1.33 -19.36
CA GLU C 55 -8.45 1.35 -18.11
C GLU C 55 -9.04 2.36 -17.11
N ILE C 56 -9.27 3.62 -17.52
CA ILE C 56 -9.88 4.68 -16.65
C ILE C 56 -11.29 4.23 -16.26
N ILE C 57 -12.04 3.70 -17.22
CA ILE C 57 -13.43 3.20 -16.99
C ILE C 57 -13.40 2.07 -15.96
N ALA C 58 -12.51 1.08 -16.12
CA ALA C 58 -12.34 -0.03 -15.17
C ALA C 58 -12.12 0.51 -13.75
N PHE C 59 -11.21 1.48 -13.58
CA PHE C 59 -10.85 2.07 -12.26
C PHE C 59 -12.04 2.84 -11.67
N SER C 60 -12.89 3.46 -12.51
CA SER C 60 -14.11 4.22 -12.10
C SER C 60 -15.17 3.21 -11.64
N ASP C 61 -15.41 2.16 -12.41
CA ASP C 61 -16.37 1.07 -12.08
C ASP C 61 -15.88 0.29 -10.85
N ALA C 62 -14.62 0.36 -10.48
CA ALA C 62 -14.13 -0.36 -9.29
C ALA C 62 -14.10 0.55 -8.06
N ALA C 63 -14.43 1.84 -8.17
CA ALA C 63 -14.24 2.83 -7.08
C ALA C 63 -14.99 2.40 -5.82
N ASP C 64 -16.22 1.90 -5.99
CA ASP C 64 -17.04 1.29 -4.91
C ASP C 64 -16.25 0.21 -4.16
N ASP C 65 -15.57 -0.67 -4.92
CA ASP C 65 -14.73 -1.78 -4.38
C ASP C 65 -13.56 -1.24 -3.54
N PHE C 66 -12.91 -0.16 -3.95
CA PHE C 66 -11.78 0.44 -3.19
C PHE C 66 -12.34 1.12 -1.95
N LYS C 67 -13.55 1.68 -2.06
CA LYS C 67 -14.19 2.43 -0.94
C LYS C 67 -14.53 1.46 0.19
N LYS C 68 -15.12 0.30 -0.11
CA LYS C 68 -15.48 -0.74 0.90
C LYS C 68 -14.30 -0.99 1.83
N ILE C 69 -13.08 -1.04 1.28
CA ILE C 69 -11.83 -1.38 2.04
C ILE C 69 -11.11 -0.09 2.46
N GLY C 70 -11.76 1.07 2.32
CA GLY C 70 -11.25 2.34 2.90
C GLY C 70 -10.14 2.95 2.07
N CYS C 71 -10.25 2.83 0.75
CA CYS C 71 -9.29 3.42 -0.21
C CYS C 71 -10.04 4.33 -1.19
N GLU C 72 -9.54 5.55 -1.39
CA GLU C 72 -10.05 6.51 -2.41
C GLU C 72 -9.22 6.37 -3.68
N VAL C 73 -9.85 6.44 -4.85
CA VAL C 73 -9.17 6.41 -6.19
C VAL C 73 -9.15 7.81 -6.79
N ILE C 74 -8.01 8.22 -7.34
CA ILE C 74 -7.80 9.58 -7.94
C ILE C 74 -7.01 9.42 -9.25
N ALA C 75 -7.52 10.04 -10.33
CA ALA C 75 -6.89 10.03 -11.67
C ALA C 75 -6.37 11.43 -11.98
N ALA C 76 -5.29 11.52 -12.75
CA ALA C 76 -4.64 12.79 -13.12
C ALA C 76 -4.05 12.67 -14.51
N SER C 77 -4.15 13.73 -15.32
CA SER C 77 -3.35 13.95 -16.54
C SER C 77 -2.98 15.43 -16.63
N VAL C 78 -2.09 15.77 -17.56
CA VAL C 78 -1.64 17.17 -17.80
C VAL C 78 -2.72 18.00 -18.53
N ASP C 79 -3.77 17.36 -19.06
CA ASP C 79 -4.90 18.06 -19.76
C ASP C 79 -5.64 18.99 -18.77
N SER C 80 -6.32 20.03 -19.29
CA SER C 80 -7.10 21.01 -18.48
C SER C 80 -8.36 20.33 -17.94
N HIS C 81 -8.99 20.96 -16.95
CA HIS C 81 -10.23 20.46 -16.31
C HIS C 81 -11.37 20.60 -17.31
N PHE C 82 -11.22 21.52 -18.26
CA PHE C 82 -12.22 21.76 -19.34
C PHE C 82 -12.17 20.59 -20.33
N SER C 83 -10.95 20.18 -20.67
CA SER C 83 -10.65 19.00 -21.51
C SER C 83 -11.20 17.74 -20.83
N HIS C 84 -11.00 17.60 -19.51
CA HIS C 84 -11.58 16.48 -18.73
C HIS C 84 -13.11 16.51 -18.86
N LEU C 85 -13.74 17.65 -18.60
CA LEU C 85 -15.22 17.77 -18.52
C LEU C 85 -15.82 17.43 -19.87
N ALA C 86 -15.22 17.95 -20.94
CA ALA C 86 -15.63 17.67 -22.33
C ALA C 86 -15.65 16.16 -22.59
N TRP C 87 -14.61 15.45 -22.13
CA TRP C 87 -14.45 13.99 -22.38
C TRP C 87 -15.45 13.21 -21.53
N ILE C 88 -15.67 13.65 -20.30
CA ILE C 88 -16.69 13.03 -19.42
C ILE C 88 -18.05 13.20 -20.11
N ASN C 89 -18.30 14.38 -20.68
CA ASN C 89 -19.62 14.75 -21.26
C ASN C 89 -19.74 14.16 -22.67
N THR C 90 -18.69 13.54 -23.21
CA THR C 90 -18.76 12.69 -24.42
C THR C 90 -19.30 11.34 -23.97
N PRO C 91 -20.41 10.82 -24.55
CA PRO C 91 -20.90 9.49 -24.19
C PRO C 91 -19.94 8.41 -24.69
N ARG C 92 -19.90 7.28 -23.98
CA ARG C 92 -18.92 6.18 -24.18
C ARG C 92 -19.09 5.62 -25.60
N LYS C 93 -20.33 5.51 -26.06
CA LYS C 93 -20.71 5.00 -27.39
C LYS C 93 -19.96 5.76 -28.51
N GLN C 94 -19.45 6.97 -28.24
CA GLN C 94 -18.63 7.73 -29.21
C GLN C 94 -17.22 7.97 -28.66
N GLY C 95 -16.63 6.93 -28.04
CA GLY C 95 -15.24 6.91 -27.55
C GLY C 95 -14.98 7.92 -26.44
N GLY C 96 -15.98 8.26 -25.63
CA GLY C 96 -15.85 9.18 -24.48
C GLY C 96 -15.76 8.42 -23.18
N LEU C 97 -15.47 9.10 -22.08
CA LEU C 97 -15.44 8.48 -20.72
C LEU C 97 -16.86 8.22 -20.24
N GLY C 98 -17.81 9.09 -20.58
CA GLY C 98 -19.11 9.16 -19.90
C GLY C 98 -18.90 9.59 -18.47
N THR C 99 -19.91 9.40 -17.61
CA THR C 99 -19.86 9.83 -16.19
C THR C 99 -18.85 8.98 -15.41
N MET C 100 -18.09 9.62 -14.53
CA MET C 100 -16.99 9.01 -13.73
C MET C 100 -17.44 8.93 -12.26
N LYS C 101 -17.00 7.88 -11.55
CA LYS C 101 -17.20 7.69 -10.08
C LYS C 101 -15.96 8.10 -9.29
N ILE C 102 -14.96 8.70 -9.97
CA ILE C 102 -13.67 9.15 -9.40
C ILE C 102 -13.38 10.55 -9.90
N PRO C 103 -12.64 11.36 -9.13
CA PRO C 103 -12.25 12.69 -9.59
C PRO C 103 -11.08 12.58 -10.57
N LEU C 104 -11.06 13.39 -11.64
CA LEU C 104 -9.91 13.51 -12.58
C LEU C 104 -9.23 14.87 -12.32
N VAL C 105 -8.03 14.83 -11.75
CA VAL C 105 -7.19 16.02 -11.45
C VAL C 105 -6.60 16.53 -12.77
N SER C 106 -6.38 17.84 -12.87
CA SER C 106 -5.68 18.46 -14.02
C SER C 106 -4.31 18.99 -13.61
N ASP C 107 -3.24 18.53 -14.27
CA ASP C 107 -1.84 18.97 -13.98
C ASP C 107 -1.29 19.83 -15.13
N THR C 108 -1.94 20.96 -15.41
CA THR C 108 -1.55 21.86 -16.53
C THR C 108 -0.14 22.47 -16.28
N ARG C 109 0.30 22.65 -15.04
CA ARG C 109 1.65 23.21 -14.75
C ARG C 109 2.71 22.09 -14.76
N ARG C 110 2.28 20.82 -14.70
CA ARG C 110 3.13 19.62 -14.87
C ARG C 110 4.04 19.41 -13.65
N THR C 111 3.69 20.03 -12.52
CA THR C 111 4.45 20.00 -11.25
C THR C 111 4.12 18.71 -10.47
N ILE C 112 2.87 18.22 -10.58
CA ILE C 112 2.48 16.92 -9.96
C ILE C 112 3.20 15.80 -10.71
N SER C 113 3.14 15.77 -12.04
CA SER C 113 3.83 14.77 -12.88
C SER C 113 5.33 14.80 -12.55
N THR C 114 5.91 15.99 -12.43
CA THR C 114 7.35 16.15 -12.10
C THR C 114 7.63 15.59 -10.71
N ASP C 115 6.86 15.98 -9.70
CA ASP C 115 7.02 15.51 -8.30
C ASP C 115 6.94 13.96 -8.24
N TYR C 116 6.01 13.32 -8.96
CA TYR C 116 5.80 11.85 -8.88
C TYR C 116 6.74 11.13 -9.84
N GLY C 117 7.53 11.85 -10.64
CA GLY C 117 8.59 11.32 -11.53
C GLY C 117 8.03 10.60 -12.75
N VAL C 118 6.84 10.97 -13.22
CA VAL C 118 6.15 10.21 -14.30
C VAL C 118 6.14 11.05 -15.58
N LEU C 119 6.75 12.25 -15.57
CA LEU C 119 6.74 13.16 -16.76
C LEU C 119 7.67 12.59 -17.86
N LYS C 120 7.08 12.38 -19.04
CA LYS C 120 7.80 12.05 -20.29
C LYS C 120 8.18 13.36 -20.98
N GLU C 121 9.43 13.76 -20.84
CA GLU C 121 9.87 15.13 -21.14
C GLU C 121 9.59 15.48 -22.60
N ASP C 122 9.85 14.57 -23.52
CA ASP C 122 9.83 14.85 -24.98
C ASP C 122 8.40 15.13 -25.47
N ASP C 123 7.38 14.54 -24.83
CA ASP C 123 5.95 14.74 -25.19
C ASP C 123 5.27 15.74 -24.23
N GLY C 124 5.87 16.01 -23.08
CA GLY C 124 5.29 16.81 -21.99
C GLY C 124 4.02 16.20 -21.44
N ILE C 125 3.94 14.86 -21.34
CA ILE C 125 2.76 14.15 -20.76
C ILE C 125 3.24 13.10 -19.75
N ALA C 126 2.33 12.61 -18.93
CA ALA C 126 2.58 11.64 -17.86
C ALA C 126 2.68 10.24 -18.43
N TYR C 127 3.60 9.45 -17.91
CA TYR C 127 3.60 7.97 -18.07
C TYR C 127 2.41 7.40 -17.28
N ARG C 128 2.09 6.14 -17.54
CA ARG C 128 1.06 5.39 -16.76
C ARG C 128 1.63 5.03 -15.39
N GLY C 129 1.68 6.02 -14.51
CA GLY C 129 2.13 5.88 -13.12
C GLY C 129 0.96 5.58 -12.24
N LEU C 130 1.13 4.62 -11.34
CA LEU C 130 0.15 4.34 -10.26
C LEU C 130 0.92 4.40 -8.95
N PHE C 131 0.32 4.98 -7.91
CA PHE C 131 0.95 5.13 -6.58
C PHE C 131 -0.06 4.73 -5.51
N ILE C 132 0.40 3.97 -4.52
CA ILE C 132 -0.43 3.61 -3.33
C ILE C 132 0.14 4.35 -2.13
N ILE C 133 -0.75 5.09 -1.45
CA ILE C 133 -0.43 6.06 -0.36
C ILE C 133 -1.28 5.69 0.84
N ASP C 134 -0.66 5.49 2.01
CA ASP C 134 -1.39 4.91 3.16
C ASP C 134 -2.19 6.04 3.83
N ASP C 135 -3.04 5.68 4.80
CA ASP C 135 -3.85 6.61 5.63
C ASP C 135 -2.99 7.71 6.28
N LYS C 136 -1.69 7.49 6.47
CA LYS C 136 -0.79 8.52 7.08
C LYS C 136 -0.09 9.35 6.00
N GLY C 137 -0.42 9.12 4.73
CA GLY C 137 0.13 9.92 3.62
C GLY C 137 1.51 9.45 3.18
N ILE C 138 1.98 8.31 3.71
CA ILE C 138 3.28 7.68 3.34
C ILE C 138 3.08 6.87 2.06
N LEU C 139 4.00 7.04 1.12
CA LEU C 139 4.03 6.30 -0.15
C LEU C 139 4.54 4.88 0.09
N ARG C 140 3.78 3.87 -0.34
CA ARG C 140 4.07 2.43 -0.11
C ARG C 140 4.49 1.73 -1.40
N GLN C 141 4.11 2.25 -2.56
CA GLN C 141 4.15 1.49 -3.85
C GLN C 141 4.29 2.47 -5.00
N ILE C 142 5.15 2.15 -5.95
CA ILE C 142 5.36 2.89 -7.22
C ILE C 142 5.20 1.89 -8.37
N THR C 143 4.27 2.15 -9.26
CA THR C 143 4.11 1.47 -10.57
C THR C 143 4.23 2.54 -11.66
N ILE C 144 5.13 2.36 -12.63
CA ILE C 144 5.20 3.22 -13.85
C ILE C 144 5.28 2.29 -15.07
N ASN C 145 4.41 2.50 -16.05
CA ASN C 145 4.39 1.76 -17.34
C ASN C 145 4.70 2.70 -18.51
N ASP C 146 5.45 2.24 -19.51
CA ASP C 146 5.52 2.90 -20.83
C ASP C 146 4.07 3.02 -21.32
N LEU C 147 3.82 3.92 -22.27
CA LEU C 147 2.47 4.38 -22.64
C LEU C 147 1.59 3.26 -23.18
N PRO C 148 2.10 2.28 -23.95
CA PRO C 148 1.22 1.30 -24.58
C PRO C 148 0.51 0.31 -23.64
N VAL C 149 0.87 0.25 -22.35
CA VAL C 149 0.38 -0.84 -21.47
C VAL C 149 -0.28 -0.28 -20.20
N GLY C 150 -1.53 -0.72 -20.00
CA GLY C 150 -2.38 -0.30 -18.87
C GLY C 150 -2.12 -1.10 -17.60
N ARG C 151 -2.91 -0.78 -16.60
CA ARG C 151 -2.86 -1.26 -15.20
C ARG C 151 -4.08 -2.14 -14.93
N SER C 152 -3.98 -2.98 -13.92
CA SER C 152 -5.01 -3.98 -13.53
C SER C 152 -5.67 -3.48 -12.24
N VAL C 153 -6.98 -3.45 -12.21
CA VAL C 153 -7.76 -3.22 -10.96
C VAL C 153 -7.48 -4.36 -9.98
N GLU C 154 -7.50 -5.63 -10.43
CA GLU C 154 -7.28 -6.81 -9.53
C GLU C 154 -5.95 -6.66 -8.81
N GLU C 155 -4.87 -6.38 -9.54
CA GLU C 155 -3.51 -6.23 -8.96
C GLU C 155 -3.49 -5.07 -7.95
N THR C 156 -4.14 -3.96 -8.23
CA THR C 156 -4.08 -2.77 -7.34
C THR C 156 -4.79 -3.11 -6.04
N LEU C 157 -5.96 -3.77 -6.08
CA LEU C 157 -6.70 -4.27 -4.89
C LEU C 157 -5.80 -5.21 -4.07
N ARG C 158 -5.14 -6.17 -4.72
CA ARG C 158 -4.22 -7.10 -4.02
C ARG C 158 -3.19 -6.27 -3.25
N LEU C 159 -2.59 -5.25 -3.87
CA LEU C 159 -1.53 -4.44 -3.23
C LEU C 159 -2.14 -3.65 -2.08
N VAL C 160 -3.27 -2.96 -2.30
CA VAL C 160 -3.87 -2.10 -1.23
C VAL C 160 -4.21 -3.00 -0.04
N GLN C 161 -4.93 -4.11 -0.25
CA GLN C 161 -5.35 -5.05 0.82
C GLN C 161 -4.11 -5.63 1.53
N ALA C 162 -3.05 -5.96 0.81
CA ALA C 162 -1.80 -6.46 1.40
C ALA C 162 -1.15 -5.39 2.29
N PHE C 163 -1.05 -4.14 1.84
CA PHE C 163 -0.48 -3.07 2.67
C PHE C 163 -1.32 -2.94 3.92
N GLN C 164 -2.65 -2.91 3.75
CA GLN C 164 -3.61 -2.76 4.87
C GLN C 164 -3.44 -3.90 5.87
N PHE C 165 -3.32 -5.13 5.37
CA PHE C 165 -3.17 -6.34 6.21
C PHE C 165 -1.83 -6.30 6.96
N THR C 166 -0.72 -6.03 6.26
CA THR C 166 0.65 -5.95 6.83
C THR C 166 0.79 -4.77 7.80
N ASP C 167 0.09 -3.67 7.62
CA ASP C 167 0.07 -2.55 8.63
C ASP C 167 -0.31 -3.13 9.98
N LYS C 168 -1.17 -4.15 10.02
CA LYS C 168 -1.74 -4.70 11.28
C LYS C 168 -0.98 -5.93 11.76
N HIS C 169 -0.43 -6.74 10.86
CA HIS C 169 0.08 -8.10 11.18
C HIS C 169 1.56 -8.26 10.90
N GLY C 170 2.19 -7.37 10.14
CA GLY C 170 3.50 -7.65 9.51
C GLY C 170 3.37 -8.78 8.50
N GLU C 171 4.46 -9.12 7.83
CA GLU C 171 4.38 -10.09 6.72
C GLU C 171 3.98 -11.47 7.21
N VAL C 172 3.29 -12.24 6.38
CA VAL C 172 2.85 -13.62 6.74
C VAL C 172 3.12 -14.56 5.58
N CYS C 173 3.27 -15.85 5.83
CA CYS C 173 3.62 -16.75 4.73
C CYS C 173 2.46 -16.74 3.75
N ALA D 3 18.58 9.21 -6.45
CA ALA D 3 19.59 8.69 -7.42
C ALA D 3 18.96 7.62 -8.31
N GLY D 4 19.73 7.13 -9.29
CA GLY D 4 19.33 6.07 -10.25
C GLY D 4 19.25 6.60 -11.68
N ASN D 5 19.81 5.84 -12.63
CA ASN D 5 19.81 6.16 -14.08
C ASN D 5 18.65 5.47 -14.77
N ALA D 6 17.90 4.65 -14.04
CA ALA D 6 16.88 3.75 -14.63
C ALA D 6 15.66 4.57 -15.01
N GLN D 7 15.36 4.66 -16.31
CA GLN D 7 14.28 5.50 -16.88
C GLN D 7 13.55 4.74 -18.00
N ILE D 8 12.21 4.70 -17.91
CA ILE D 8 11.32 4.16 -18.97
C ILE D 8 11.83 4.73 -20.29
N GLY D 9 12.04 3.89 -21.31
CA GLY D 9 12.39 4.37 -22.67
C GLY D 9 13.88 4.53 -22.88
N LYS D 10 14.69 4.33 -21.84
CA LYS D 10 16.17 4.36 -21.96
C LYS D 10 16.70 2.98 -21.61
N LEU D 11 17.89 2.64 -22.11
CA LEU D 11 18.56 1.36 -21.78
C LEU D 11 18.57 1.24 -20.27
N ALA D 12 18.09 0.11 -19.76
CA ALA D 12 18.23 -0.30 -18.35
C ALA D 12 19.70 -0.21 -17.99
N PRO D 13 20.12 0.26 -16.79
CA PRO D 13 21.54 0.28 -16.46
C PRO D 13 22.14 -1.12 -16.59
N ASP D 14 23.35 -1.18 -17.15
CA ASP D 14 24.13 -2.43 -17.32
C ASP D 14 24.96 -2.63 -16.05
N PHE D 15 25.43 -3.85 -15.84
CA PHE D 15 26.26 -4.23 -14.68
C PHE D 15 26.89 -5.58 -14.99
N THR D 16 28.02 -5.88 -14.36
CA THR D 16 28.63 -7.23 -14.30
C THR D 16 28.76 -7.56 -12.83
N ALA D 17 28.15 -8.65 -12.40
CA ALA D 17 28.10 -9.02 -10.97
C ALA D 17 28.19 -10.55 -10.79
N LYS D 18 28.61 -11.00 -9.61
CA LYS D 18 28.70 -12.46 -9.31
C LYS D 18 27.28 -12.99 -9.22
N ALA D 19 27.00 -14.11 -9.87
CA ALA D 19 25.68 -14.77 -9.84
C ALA D 19 25.86 -16.22 -9.43
N VAL D 20 24.98 -16.73 -8.59
CA VAL D 20 24.77 -18.20 -8.46
C VAL D 20 23.82 -18.66 -9.57
N MET D 21 24.32 -19.42 -10.55
CA MET D 21 23.53 -19.94 -11.68
C MET D 21 22.72 -21.14 -11.21
N PRO D 22 21.64 -21.51 -11.92
CA PRO D 22 20.79 -22.64 -11.52
C PRO D 22 21.54 -23.96 -11.30
N ASP D 23 22.65 -24.21 -12.01
CA ASP D 23 23.47 -25.43 -11.87
C ASP D 23 24.17 -25.47 -10.50
N GLY D 24 24.23 -24.35 -9.78
CA GLY D 24 24.88 -24.20 -8.47
C GLY D 24 26.19 -23.42 -8.56
N GLN D 25 26.64 -23.09 -9.76
CA GLN D 25 27.98 -22.50 -10.01
C GLN D 25 28.00 -20.96 -9.99
N PHE D 26 29.05 -20.40 -9.39
CA PHE D 26 29.42 -18.98 -9.54
C PHE D 26 29.74 -18.69 -11.01
N LYS D 27 29.34 -17.51 -11.45
CA LYS D 27 29.50 -17.04 -12.85
C LYS D 27 29.31 -15.53 -12.90
N ASP D 28 30.16 -14.81 -13.63
CA ASP D 28 29.99 -13.36 -13.89
C ASP D 28 28.82 -13.17 -14.84
N LEU D 29 27.75 -12.53 -14.37
CA LEU D 29 26.52 -12.22 -15.16
C LEU D 29 26.52 -10.73 -15.56
N LYS D 30 26.23 -10.47 -16.83
CA LYS D 30 26.13 -9.12 -17.44
C LYS D 30 24.72 -8.96 -18.03
N MET D 31 24.00 -7.90 -17.63
CA MET D 31 22.61 -7.63 -18.06
C MET D 31 22.57 -7.61 -19.60
N SER D 32 23.49 -6.88 -20.22
CA SER D 32 23.54 -6.66 -21.68
C SER D 32 23.61 -8.01 -22.43
N ASP D 33 24.09 -9.07 -21.81
CA ASP D 33 24.15 -10.41 -22.43
C ASP D 33 22.73 -10.93 -22.69
N TYR D 34 21.72 -10.38 -22.01
CA TYR D 34 20.33 -10.89 -22.09
C TYR D 34 19.55 -10.19 -23.21
N ARG D 35 20.19 -9.28 -23.95
CA ARG D 35 19.59 -8.67 -25.17
C ARG D 35 19.21 -9.79 -26.14
N GLY D 36 18.16 -9.56 -26.93
CA GLY D 36 17.56 -10.60 -27.78
C GLY D 36 16.29 -11.14 -27.16
N LYS D 37 16.23 -11.22 -25.83
CA LYS D 37 15.00 -11.66 -25.09
C LYS D 37 14.56 -10.58 -24.09
N TYR D 38 13.29 -10.62 -23.71
CA TYR D 38 12.73 -9.85 -22.59
C TYR D 38 13.43 -10.31 -21.31
N VAL D 39 13.40 -9.50 -20.26
CA VAL D 39 13.99 -9.78 -18.92
C VAL D 39 13.04 -9.26 -17.83
N VAL D 40 12.58 -10.12 -16.93
CA VAL D 40 12.03 -9.71 -15.61
C VAL D 40 13.19 -9.73 -14.63
N PHE D 41 13.54 -8.54 -14.13
CA PHE D 41 14.65 -8.30 -13.19
C PHE D 41 14.03 -7.86 -11.87
N PHE D 42 14.20 -8.65 -10.81
CA PHE D 42 13.55 -8.30 -9.52
C PHE D 42 14.56 -8.44 -8.38
N PHE D 43 14.49 -7.49 -7.45
CA PHE D 43 15.29 -7.44 -6.21
C PHE D 43 14.44 -7.98 -5.06
N TYR D 44 15.06 -8.75 -4.15
CA TYR D 44 14.49 -9.02 -2.81
C TYR D 44 15.42 -8.43 -1.76
N PRO D 45 14.95 -8.22 -0.51
CA PRO D 45 15.73 -7.49 0.50
C PRO D 45 16.94 -8.26 1.08
N LEU D 46 16.74 -9.49 1.57
CA LEU D 46 17.76 -10.28 2.32
C LEU D 46 17.51 -11.78 2.20
N ASP D 47 18.59 -12.55 2.13
CA ASP D 47 18.62 -14.03 2.30
C ASP D 47 18.33 -14.36 3.76
N PHE D 48 17.73 -15.53 4.01
CA PHE D 48 17.62 -16.21 5.31
C PHE D 48 16.64 -15.48 6.23
N THR D 49 15.65 -14.82 5.67
CA THR D 49 14.68 -14.12 6.54
C THR D 49 13.82 -15.17 7.20
N PHE D 50 13.25 -14.81 8.33
CA PHE D 50 12.29 -15.73 8.97
C PHE D 50 11.05 -15.82 8.09
N VAL D 51 10.80 -14.82 7.24
CA VAL D 51 9.61 -14.89 6.36
C VAL D 51 9.91 -15.85 5.23
N CYS D 52 8.97 -16.73 4.92
CA CYS D 52 9.15 -17.71 3.82
C CYS D 52 9.49 -16.93 2.55
N PRO D 53 10.23 -17.58 1.64
CA PRO D 53 10.51 -16.98 0.33
C PRO D 53 9.63 -17.53 -0.81
N THR D 54 8.32 -17.69 -0.57
CA THR D 54 7.34 -18.15 -1.58
C THR D 54 7.47 -17.34 -2.87
N GLU D 55 7.66 -16.03 -2.74
CA GLU D 55 7.74 -15.12 -3.91
C GLU D 55 8.90 -15.56 -4.81
N ILE D 56 10.11 -15.70 -4.26
CA ILE D 56 11.30 -16.15 -5.03
C ILE D 56 11.00 -17.52 -5.65
N ILE D 57 10.38 -18.44 -4.88
CA ILE D 57 10.09 -19.81 -5.36
C ILE D 57 9.03 -19.75 -6.48
N ALA D 58 7.99 -18.92 -6.36
CA ALA D 58 6.97 -18.76 -7.41
C ALA D 58 7.64 -18.41 -8.75
N PHE D 59 8.62 -17.50 -8.75
CA PHE D 59 9.32 -17.01 -9.98
C PHE D 59 10.21 -18.11 -10.55
N SER D 60 10.94 -18.81 -9.69
CA SER D 60 11.79 -19.98 -10.07
C SER D 60 10.90 -21.01 -10.78
N ASP D 61 9.80 -21.42 -10.16
CA ASP D 61 8.84 -22.42 -10.70
C ASP D 61 8.28 -21.95 -12.03
N ALA D 62 8.10 -20.67 -12.28
CA ALA D 62 7.47 -20.18 -13.51
C ALA D 62 8.51 -19.79 -14.55
N ALA D 63 9.79 -19.91 -14.22
CA ALA D 63 10.89 -19.48 -15.12
C ALA D 63 10.75 -20.18 -16.47
N ASP D 64 10.14 -21.37 -16.53
CA ASP D 64 9.91 -22.12 -17.79
C ASP D 64 8.83 -21.46 -18.63
N ASP D 65 7.67 -21.17 -18.04
CA ASP D 65 6.56 -20.45 -18.70
C ASP D 65 7.09 -19.14 -19.30
N PHE D 66 7.94 -18.40 -18.56
CA PHE D 66 8.60 -17.15 -19.03
C PHE D 66 9.53 -17.43 -20.22
N LYS D 67 10.32 -18.49 -20.18
CA LYS D 67 11.21 -18.86 -21.31
C LYS D 67 10.38 -19.21 -22.54
N LYS D 68 9.23 -19.87 -22.33
CA LYS D 68 8.24 -20.22 -23.39
C LYS D 68 7.91 -18.99 -24.22
N ILE D 69 7.82 -17.83 -23.57
CA ILE D 69 7.37 -16.57 -24.22
C ILE D 69 8.53 -15.57 -24.40
N GLY D 70 9.77 -16.04 -24.46
CA GLY D 70 10.93 -15.22 -24.90
C GLY D 70 11.42 -14.28 -23.81
N CYS D 71 11.30 -14.69 -22.57
CA CYS D 71 11.59 -13.83 -21.40
C CYS D 71 12.44 -14.57 -20.37
N GLU D 72 13.62 -14.05 -20.04
CA GLU D 72 14.52 -14.56 -18.96
C GLU D 72 14.10 -13.91 -17.64
N VAL D 73 14.30 -14.62 -16.52
CA VAL D 73 14.00 -14.15 -15.14
C VAL D 73 15.28 -14.17 -14.31
N ILE D 74 15.53 -13.07 -13.59
CA ILE D 74 16.81 -12.82 -12.85
C ILE D 74 16.46 -12.15 -11.53
N ALA D 75 16.93 -12.71 -10.42
CA ALA D 75 16.72 -12.20 -9.05
C ALA D 75 18.03 -11.58 -8.55
N ALA D 76 17.95 -10.56 -7.69
CA ALA D 76 19.13 -9.93 -7.09
C ALA D 76 18.84 -9.47 -5.65
N SER D 77 19.84 -9.61 -4.78
CA SER D 77 19.91 -8.92 -3.46
C SER D 77 21.35 -8.45 -3.19
N VAL D 78 21.52 -7.71 -2.11
CA VAL D 78 22.83 -7.12 -1.69
C VAL D 78 23.64 -8.16 -0.91
N ASP D 79 23.06 -9.32 -0.56
CA ASP D 79 23.80 -10.49 -0.02
C ASP D 79 24.87 -10.92 -1.04
N SER D 80 25.93 -11.61 -0.56
CA SER D 80 27.05 -12.13 -1.39
C SER D 80 26.60 -13.39 -2.11
N HIS D 81 27.37 -13.82 -3.11
CA HIS D 81 27.13 -15.10 -3.82
C HIS D 81 27.27 -16.26 -2.83
N PHE D 82 28.13 -16.13 -1.83
CA PHE D 82 28.34 -17.17 -0.78
C PHE D 82 27.04 -17.35 0.02
N SER D 83 26.39 -16.26 0.42
CA SER D 83 25.09 -16.33 1.12
C SER D 83 24.02 -16.92 0.17
N HIS D 84 24.01 -16.50 -1.09
CA HIS D 84 23.06 -17.01 -2.10
C HIS D 84 23.15 -18.54 -2.14
N LEU D 85 24.36 -19.08 -2.21
CA LEU D 85 24.61 -20.54 -2.34
C LEU D 85 24.17 -21.26 -1.07
N ALA D 86 24.59 -20.75 0.10
CA ALA D 86 24.21 -21.31 1.42
C ALA D 86 22.68 -21.33 1.57
N TRP D 87 21.97 -20.37 1.01
CA TRP D 87 20.50 -20.35 1.12
C TRP D 87 19.90 -21.39 0.17
N ILE D 88 20.41 -21.47 -1.06
CA ILE D 88 19.99 -22.46 -2.09
C ILE D 88 20.26 -23.87 -1.54
N ASN D 89 21.40 -24.05 -0.89
CA ASN D 89 21.86 -25.37 -0.36
C ASN D 89 21.13 -25.70 0.96
N THR D 90 20.25 -24.84 1.44
CA THR D 90 19.36 -25.12 2.59
C THR D 90 18.07 -25.70 2.03
N PRO D 91 17.60 -26.87 2.49
CA PRO D 91 16.40 -27.48 1.94
C PRO D 91 15.20 -26.68 2.45
N ARG D 92 14.15 -26.58 1.62
CA ARG D 92 12.99 -25.69 1.86
C ARG D 92 12.36 -25.98 3.22
N LYS D 93 12.31 -27.24 3.68
CA LYS D 93 11.55 -27.52 4.92
C LYS D 93 12.43 -27.22 6.15
N GLN D 94 13.54 -26.50 6.00
CA GLN D 94 14.19 -25.76 7.11
C GLN D 94 14.40 -24.30 6.73
N GLY D 95 13.40 -23.66 6.10
CA GLY D 95 13.41 -22.22 5.77
C GLY D 95 14.37 -21.83 4.64
N GLY D 96 14.94 -22.80 3.93
CA GLY D 96 15.87 -22.54 2.81
C GLY D 96 15.12 -22.26 1.53
N LEU D 97 15.84 -22.03 0.43
CA LEU D 97 15.30 -21.87 -0.94
C LEU D 97 15.21 -23.23 -1.65
N GLY D 98 16.15 -24.14 -1.38
CA GLY D 98 16.38 -25.31 -2.25
C GLY D 98 16.91 -24.88 -3.59
N THR D 99 16.95 -25.76 -4.58
CA THR D 99 17.49 -25.43 -5.94
C THR D 99 16.54 -24.45 -6.63
N MET D 100 17.13 -23.63 -7.51
CA MET D 100 16.52 -22.47 -8.21
C MET D 100 16.64 -22.69 -9.72
N LYS D 101 15.63 -22.31 -10.51
CA LYS D 101 15.72 -22.37 -12.00
C LYS D 101 16.08 -20.98 -12.53
N ILE D 102 16.50 -20.07 -11.65
CA ILE D 102 16.87 -18.66 -12.01
C ILE D 102 18.19 -18.31 -11.35
N PRO D 103 19.02 -17.44 -11.98
CA PRO D 103 20.22 -16.90 -11.33
C PRO D 103 19.90 -15.92 -10.18
N LEU D 104 20.68 -16.00 -9.10
CA LEU D 104 20.68 -15.04 -7.97
C LEU D 104 21.93 -14.15 -8.08
N VAL D 105 21.74 -12.90 -8.54
CA VAL D 105 22.82 -11.87 -8.67
C VAL D 105 23.12 -11.29 -7.30
N SER D 106 24.40 -10.98 -7.05
CA SER D 106 24.86 -10.41 -5.76
C SER D 106 25.29 -8.96 -6.01
N ASP D 107 24.74 -8.03 -5.21
CA ASP D 107 25.01 -6.57 -5.30
C ASP D 107 25.67 -6.08 -4.00
N THR D 108 26.76 -6.72 -3.61
CA THR D 108 27.51 -6.40 -2.37
C THR D 108 27.93 -4.92 -2.38
N ARG D 109 28.41 -4.36 -3.50
CA ARG D 109 28.87 -2.94 -3.53
C ARG D 109 27.67 -1.98 -3.55
N ARG D 110 26.44 -2.48 -3.84
CA ARG D 110 25.14 -1.73 -3.79
C ARG D 110 24.94 -0.78 -4.99
N THR D 111 25.75 -0.93 -6.04
CA THR D 111 25.72 -0.04 -7.22
C THR D 111 24.50 -0.36 -8.10
N ILE D 112 24.12 -1.64 -8.20
CA ILE D 112 22.98 -2.04 -9.08
C ILE D 112 21.68 -1.53 -8.46
N SER D 113 21.51 -1.74 -7.16
CA SER D 113 20.37 -1.22 -6.37
C SER D 113 20.31 0.30 -6.48
N THR D 114 21.45 1.00 -6.47
CA THR D 114 21.50 2.48 -6.63
C THR D 114 21.06 2.90 -8.03
N ASP D 115 21.61 2.26 -9.05
CA ASP D 115 21.29 2.54 -10.47
C ASP D 115 19.80 2.33 -10.72
N TYR D 116 19.20 1.29 -10.15
CA TYR D 116 17.79 0.90 -10.39
C TYR D 116 16.86 1.68 -9.47
N GLY D 117 17.43 2.46 -8.53
CA GLY D 117 16.73 3.36 -7.60
C GLY D 117 15.94 2.61 -6.54
N VAL D 118 16.43 1.46 -6.08
CA VAL D 118 15.63 0.60 -5.17
C VAL D 118 16.33 0.45 -3.82
N LEU D 119 17.46 1.14 -3.59
CA LEU D 119 18.18 1.04 -2.28
C LEU D 119 17.37 1.74 -1.19
N LYS D 120 17.09 1.06 -0.09
CA LYS D 120 16.52 1.64 1.16
C LYS D 120 17.71 2.06 2.02
N GLU D 121 18.08 3.34 1.96
CA GLU D 121 19.40 3.80 2.44
C GLU D 121 19.60 3.45 3.91
N ASP D 122 18.58 3.61 4.74
CA ASP D 122 18.71 3.44 6.23
C ASP D 122 18.94 1.96 6.62
N ASP D 123 18.72 0.97 5.74
CA ASP D 123 18.96 -0.47 6.01
C ASP D 123 20.10 -1.00 5.12
N GLY D 124 20.41 -0.31 4.02
CA GLY D 124 21.44 -0.75 3.07
C GLY D 124 21.03 -2.00 2.30
N ILE D 125 19.72 -2.21 2.13
CA ILE D 125 19.11 -3.33 1.35
C ILE D 125 18.15 -2.77 0.30
N ALA D 126 17.80 -3.59 -0.71
CA ALA D 126 16.93 -3.21 -1.84
C ALA D 126 15.48 -3.33 -1.40
N TYR D 127 14.64 -2.44 -1.90
CA TYR D 127 13.17 -2.62 -1.89
C TYR D 127 12.81 -3.75 -2.85
N ARG D 128 11.58 -4.23 -2.73
CA ARG D 128 11.03 -5.24 -3.66
C ARG D 128 10.77 -4.58 -5.02
N GLY D 129 11.84 -4.27 -5.75
CA GLY D 129 11.75 -3.69 -7.09
C GLY D 129 11.62 -4.78 -8.14
N LEU D 130 10.92 -4.50 -9.23
CA LEU D 130 10.75 -5.40 -10.39
C LEU D 130 10.74 -4.57 -11.66
N PHE D 131 11.51 -4.98 -12.66
CA PHE D 131 11.75 -4.16 -13.86
C PHE D 131 11.52 -5.04 -15.10
N ILE D 132 10.79 -4.52 -16.08
CA ILE D 132 10.63 -5.23 -17.38
C ILE D 132 11.48 -4.50 -18.40
N ILE D 133 12.35 -5.28 -19.06
CA ILE D 133 13.41 -4.83 -20.01
C ILE D 133 13.14 -5.61 -21.30
N ASP D 134 13.05 -4.91 -22.42
CA ASP D 134 12.67 -5.53 -23.71
C ASP D 134 13.94 -6.11 -24.38
N ASP D 135 13.77 -6.83 -25.47
CA ASP D 135 14.84 -7.52 -26.22
C ASP D 135 15.91 -6.52 -26.69
N LYS D 136 15.61 -5.22 -26.71
CA LYS D 136 16.55 -4.16 -27.15
C LYS D 136 17.27 -3.54 -25.95
N GLY D 137 16.96 -3.98 -24.73
CA GLY D 137 17.57 -3.47 -23.49
C GLY D 137 16.86 -2.24 -22.91
N ILE D 138 15.72 -1.86 -23.47
CA ILE D 138 15.00 -0.63 -23.06
C ILE D 138 14.07 -0.97 -21.90
N LEU D 139 14.12 -0.16 -20.84
CA LEU D 139 13.23 -0.27 -19.67
C LEU D 139 11.78 0.11 -20.05
N ARG D 140 10.82 -0.79 -19.80
CA ARG D 140 9.40 -0.59 -20.20
C ARG D 140 8.52 -0.38 -18.96
N GLN D 141 8.89 -0.93 -17.80
CA GLN D 141 8.06 -1.00 -16.56
C GLN D 141 8.94 -0.87 -15.31
N ILE D 142 8.47 -0.08 -14.33
CA ILE D 142 9.05 0.00 -12.96
C ILE D 142 7.98 -0.36 -11.95
N THR D 143 8.33 -1.18 -10.97
CA THR D 143 7.49 -1.56 -9.79
C THR D 143 8.40 -1.59 -8.56
N ILE D 144 8.05 -0.87 -7.51
CA ILE D 144 8.79 -0.91 -6.22
C ILE D 144 7.76 -1.03 -5.11
N ASN D 145 7.84 -2.07 -4.30
CA ASN D 145 6.99 -2.22 -3.09
C ASN D 145 7.84 -1.93 -1.86
N ASP D 146 7.23 -1.35 -0.84
CA ASP D 146 7.73 -1.44 0.55
C ASP D 146 7.94 -2.93 0.88
N LEU D 147 8.81 -3.18 1.87
CA LEU D 147 9.31 -4.52 2.25
C LEU D 147 8.19 -5.53 2.45
N PRO D 148 7.09 -5.23 3.18
CA PRO D 148 6.16 -6.27 3.62
C PRO D 148 5.27 -6.92 2.56
N VAL D 149 5.17 -6.34 1.36
CA VAL D 149 4.25 -6.82 0.29
C VAL D 149 5.05 -7.30 -0.91
N GLY D 150 4.77 -8.51 -1.36
CA GLY D 150 5.48 -9.22 -2.45
C GLY D 150 4.78 -9.02 -3.78
N ARG D 151 5.25 -9.74 -4.80
CA ARG D 151 4.91 -9.56 -6.23
C ARG D 151 4.11 -10.77 -6.73
N SER D 152 3.42 -10.61 -7.86
CA SER D 152 2.55 -11.63 -8.47
C SER D 152 3.15 -12.03 -9.81
N VAL D 153 3.39 -13.32 -9.95
CA VAL D 153 3.83 -13.95 -11.23
C VAL D 153 2.75 -13.69 -12.28
N GLU D 154 1.46 -13.81 -11.96
CA GLU D 154 0.41 -13.64 -13.00
C GLU D 154 0.50 -12.22 -13.59
N GLU D 155 0.59 -11.21 -12.71
CA GLU D 155 0.66 -9.79 -13.09
C GLU D 155 1.93 -9.52 -13.91
N THR D 156 3.05 -10.14 -13.55
CA THR D 156 4.30 -10.02 -14.33
C THR D 156 4.09 -10.62 -15.73
N LEU D 157 3.39 -11.75 -15.84
CA LEU D 157 3.05 -12.38 -17.14
C LEU D 157 2.14 -11.44 -17.92
N ARG D 158 1.09 -10.90 -17.32
CA ARG D 158 0.18 -9.95 -18.01
C ARG D 158 1.04 -8.86 -18.69
N LEU D 159 2.03 -8.30 -17.97
CA LEU D 159 2.78 -7.09 -18.39
C LEU D 159 3.71 -7.47 -19.54
N VAL D 160 4.50 -8.52 -19.36
CA VAL D 160 5.44 -8.98 -20.42
C VAL D 160 4.65 -9.27 -21.70
N GLN D 161 3.56 -10.03 -21.62
CA GLN D 161 2.71 -10.39 -22.78
C GLN D 161 2.20 -9.11 -23.46
N ALA D 162 1.71 -8.16 -22.65
CA ALA D 162 1.15 -6.85 -23.09
C ALA D 162 2.20 -6.00 -23.82
N PHE D 163 3.45 -5.96 -23.33
CA PHE D 163 4.56 -5.18 -23.97
C PHE D 163 4.89 -5.87 -25.29
N GLN D 164 5.13 -7.19 -25.26
CA GLN D 164 5.38 -8.03 -26.47
C GLN D 164 4.24 -7.84 -27.50
N PHE D 165 2.99 -7.81 -27.04
CA PHE D 165 1.82 -7.64 -27.95
C PHE D 165 1.80 -6.23 -28.56
N THR D 166 2.04 -5.19 -27.76
CA THR D 166 1.92 -3.78 -28.21
C THR D 166 3.15 -3.43 -29.06
N ASP D 167 4.27 -4.13 -28.88
CA ASP D 167 5.47 -3.96 -29.74
C ASP D 167 5.10 -4.24 -31.22
N LYS D 168 4.05 -5.04 -31.45
CA LYS D 168 3.71 -5.55 -32.81
C LYS D 168 2.37 -5.04 -33.31
N HIS D 169 1.49 -4.57 -32.43
CA HIS D 169 0.08 -4.21 -32.77
C HIS D 169 -0.23 -2.80 -32.27
N GLY D 170 0.29 -2.41 -31.12
CA GLY D 170 0.13 -1.08 -30.52
C GLY D 170 -1.30 -0.81 -30.12
N GLU D 171 -1.83 -1.46 -29.09
CA GLU D 171 -3.07 -1.05 -28.37
C GLU D 171 -4.33 -1.30 -29.16
N VAL D 172 -5.15 -2.16 -28.63
CA VAL D 172 -6.41 -2.56 -29.29
C VAL D 172 -7.39 -2.93 -28.21
N CYS D 173 -7.99 -1.96 -27.57
CA CYS D 173 -9.11 -2.19 -26.62
C CYS D 173 -9.92 -3.45 -26.99
N ALA E 3 13.99 42.40 -21.84
CA ALA E 3 14.18 43.08 -20.51
C ALA E 3 12.81 43.33 -19.87
N GLY E 4 12.81 43.86 -18.64
CA GLY E 4 11.67 44.57 -18.03
C GLY E 4 10.88 43.72 -17.06
N ASN E 5 10.23 44.39 -16.10
CA ASN E 5 9.34 43.77 -15.08
C ASN E 5 7.88 43.78 -15.56
N ALA E 6 7.60 44.31 -16.75
CA ALA E 6 6.24 44.58 -17.23
C ALA E 6 5.60 43.25 -17.60
N GLN E 7 4.59 42.83 -16.86
CA GLN E 7 3.97 41.49 -16.97
C GLN E 7 2.46 41.64 -16.92
N ILE E 8 1.76 41.01 -17.86
CA ILE E 8 0.28 40.91 -17.82
C ILE E 8 -0.10 40.39 -16.43
N GLY E 9 -1.07 41.02 -15.79
CA GLY E 9 -1.65 40.55 -14.53
C GLY E 9 -0.90 41.10 -13.35
N LYS E 10 0.28 41.69 -13.54
CA LYS E 10 1.05 42.33 -12.44
C LYS E 10 0.89 43.85 -12.53
N LEU E 11 1.17 44.54 -11.43
CA LEU E 11 1.25 46.00 -11.39
C LEU E 11 2.26 46.42 -12.44
N ALA E 12 1.91 47.38 -13.29
CA ALA E 12 2.85 48.04 -14.21
C ALA E 12 3.96 48.69 -13.38
N PRO E 13 5.21 48.73 -13.88
CA PRO E 13 6.29 49.44 -13.20
C PRO E 13 5.93 50.90 -12.93
N ASP E 14 6.07 51.34 -11.69
CA ASP E 14 5.91 52.75 -11.30
C ASP E 14 7.20 53.50 -11.69
N PHE E 15 7.11 54.81 -11.81
CA PHE E 15 8.27 55.68 -12.12
C PHE E 15 7.88 57.09 -11.74
N THR E 16 8.89 57.91 -11.47
CA THR E 16 8.73 59.36 -11.35
C THR E 16 9.64 59.99 -12.40
N ALA E 17 9.06 60.76 -13.32
CA ALA E 17 9.80 61.40 -14.41
C ALA E 17 9.25 62.80 -14.66
N LYS E 18 10.07 63.65 -15.30
CA LYS E 18 9.65 64.99 -15.77
C LYS E 18 8.69 64.80 -16.94
N ALA E 19 7.66 65.63 -16.99
CA ALA E 19 6.61 65.62 -18.02
C ALA E 19 6.29 67.07 -18.40
N VAL E 20 5.98 67.31 -19.67
CA VAL E 20 5.35 68.56 -20.17
C VAL E 20 3.85 68.30 -20.21
N MET E 21 3.10 68.94 -19.32
CA MET E 21 1.64 68.74 -19.19
C MET E 21 0.95 69.52 -20.31
N PRO E 22 -0.33 69.20 -20.64
CA PRO E 22 -1.02 69.89 -21.72
C PRO E 22 -0.94 71.42 -21.65
N ASP E 23 -0.98 72.01 -20.46
CA ASP E 23 -0.89 73.47 -20.23
C ASP E 23 0.50 74.04 -20.59
N GLY E 24 1.48 73.24 -21.01
CA GLY E 24 2.85 73.71 -21.31
C GLY E 24 3.80 73.70 -20.11
N GLN E 25 3.34 73.33 -18.91
CA GLN E 25 4.15 73.35 -17.67
C GLN E 25 4.88 72.01 -17.44
N PHE E 26 6.09 72.10 -16.90
CA PHE E 26 6.86 70.98 -16.33
C PHE E 26 6.24 70.53 -15.02
N LYS E 27 6.25 69.23 -14.78
CA LYS E 27 5.64 68.58 -13.60
C LYS E 27 6.24 67.18 -13.46
N ASP E 28 6.67 66.81 -12.26
CA ASP E 28 7.00 65.41 -11.90
C ASP E 28 5.72 64.59 -12.00
N LEU E 29 5.77 63.47 -12.70
CA LEU E 29 4.57 62.67 -12.99
C LEU E 29 4.85 61.25 -12.55
N LYS E 30 3.98 60.71 -11.71
CA LYS E 30 4.08 59.33 -11.17
C LYS E 30 2.93 58.50 -11.76
N MET E 31 3.22 57.37 -12.40
CA MET E 31 2.24 56.38 -12.93
C MET E 31 1.18 56.03 -11.87
N SER E 32 1.55 55.87 -10.59
CA SER E 32 0.59 55.44 -9.52
C SER E 32 -0.39 56.57 -9.16
N ASP E 33 -0.10 57.80 -9.59
CA ASP E 33 -1.02 58.96 -9.46
C ASP E 33 -2.29 58.75 -10.29
N TYR E 34 -2.29 57.81 -11.26
CA TYR E 34 -3.40 57.62 -12.23
C TYR E 34 -4.29 56.45 -11.80
N ARG E 35 -4.02 55.85 -10.65
CA ARG E 35 -4.89 54.81 -10.05
C ARG E 35 -6.27 55.44 -9.82
N GLY E 36 -7.33 54.66 -10.07
CA GLY E 36 -8.73 55.11 -10.11
C GLY E 36 -9.27 55.18 -11.52
N LYS E 37 -8.38 55.34 -12.50
CA LYS E 37 -8.69 55.42 -13.95
C LYS E 37 -7.78 54.45 -14.72
N TYR E 38 -8.28 53.95 -15.85
CA TYR E 38 -7.48 53.20 -16.86
C TYR E 38 -6.40 54.15 -17.43
N VAL E 39 -5.28 53.61 -17.92
CA VAL E 39 -4.20 54.40 -18.56
C VAL E 39 -3.74 53.71 -19.85
N VAL E 40 -3.66 54.47 -20.94
CA VAL E 40 -2.98 54.12 -22.22
C VAL E 40 -1.61 54.81 -22.14
N PHE E 41 -0.59 54.04 -21.84
CA PHE E 41 0.82 54.49 -21.76
C PHE E 41 1.52 54.08 -23.06
N PHE E 42 1.95 55.04 -23.87
CA PHE E 42 2.55 54.70 -25.18
C PHE E 42 3.88 55.45 -25.34
N PHE E 43 4.82 54.71 -25.94
CA PHE E 43 6.20 55.17 -26.21
C PHE E 43 6.29 55.50 -27.67
N TYR E 44 7.03 56.56 -27.99
CA TYR E 44 7.51 56.78 -29.36
C TYR E 44 9.03 56.90 -29.30
N PRO E 45 9.71 56.66 -30.44
CA PRO E 45 11.17 56.64 -30.49
C PRO E 45 11.79 57.99 -30.14
N LEU E 46 11.49 59.00 -30.92
CA LEU E 46 12.17 60.28 -30.69
C LEU E 46 11.26 61.43 -31.05
N ASP E 47 11.66 62.63 -30.66
CA ASP E 47 10.94 63.85 -31.07
C ASP E 47 11.55 64.33 -32.41
N PHE E 48 10.92 65.34 -33.01
CA PHE E 48 11.41 66.05 -34.21
C PHE E 48 11.47 65.26 -35.52
N THR E 49 10.39 64.58 -35.88
CA THR E 49 10.23 63.92 -37.21
C THR E 49 11.23 62.81 -37.53
N PHE E 50 11.74 62.10 -36.53
CA PHE E 50 12.59 60.92 -36.83
C PHE E 50 11.62 59.89 -37.40
N VAL E 51 10.44 59.87 -36.81
CA VAL E 51 9.31 59.01 -37.20
C VAL E 51 8.12 59.95 -37.43
N CYS E 52 7.19 59.58 -38.30
CA CYS E 52 6.07 60.50 -38.60
C CYS E 52 5.30 60.89 -37.35
N PRO E 53 5.07 62.19 -37.12
CA PRO E 53 4.34 62.67 -35.96
C PRO E 53 2.82 62.47 -35.99
N THR E 54 2.26 61.99 -37.09
CA THR E 54 0.79 61.84 -37.20
C THR E 54 0.18 60.98 -36.09
N GLU E 55 0.91 60.00 -35.60
CA GLU E 55 0.45 59.04 -34.56
C GLU E 55 0.21 59.78 -33.24
N ILE E 56 1.17 60.57 -32.75
CA ILE E 56 1.05 61.30 -31.44
C ILE E 56 -0.11 62.31 -31.56
N ILE E 57 -0.20 62.98 -32.69
CA ILE E 57 -1.29 63.96 -32.96
C ILE E 57 -2.60 63.18 -32.91
N ALA E 58 -2.66 62.01 -33.53
CA ALA E 58 -3.91 61.22 -33.62
C ALA E 58 -4.36 60.91 -32.20
N PHE E 59 -3.42 60.59 -31.31
CA PHE E 59 -3.71 60.24 -29.89
C PHE E 59 -4.11 61.51 -29.10
N SER E 60 -3.50 62.68 -29.39
CA SER E 60 -3.76 63.98 -28.71
C SER E 60 -5.19 64.47 -29.03
N ASP E 61 -5.55 64.62 -30.31
CA ASP E 61 -6.99 64.61 -30.69
C ASP E 61 -7.42 63.23 -30.26
N ALA E 62 -8.54 63.01 -29.63
CA ALA E 62 -8.93 61.65 -29.17
C ALA E 62 -8.77 61.56 -27.66
N ALA E 63 -7.87 62.36 -27.08
CA ALA E 63 -7.72 62.46 -25.59
C ALA E 63 -9.12 62.46 -24.96
N ASP E 64 -10.00 63.28 -25.51
CA ASP E 64 -11.40 63.47 -25.06
C ASP E 64 -12.19 62.16 -25.14
N ASP E 65 -12.04 61.37 -26.22
CA ASP E 65 -12.71 60.06 -26.41
C ASP E 65 -12.25 59.09 -25.31
N PHE E 66 -10.99 59.16 -24.91
CA PHE E 66 -10.44 58.36 -23.80
C PHE E 66 -10.96 58.90 -22.48
N LYS E 67 -10.96 60.22 -22.33
CA LYS E 67 -11.41 60.97 -21.13
C LYS E 67 -12.86 60.62 -20.80
N LYS E 68 -13.64 60.42 -21.84
CA LYS E 68 -15.09 60.16 -21.79
C LYS E 68 -15.37 58.82 -21.08
N ILE E 69 -14.48 57.85 -21.21
CA ILE E 69 -14.69 56.49 -20.63
C ILE E 69 -13.72 56.31 -19.47
N GLY E 70 -13.26 57.43 -18.91
CA GLY E 70 -12.49 57.43 -17.66
C GLY E 70 -11.13 56.82 -17.88
N CYS E 71 -10.50 57.15 -18.99
CA CYS E 71 -9.15 56.66 -19.37
C CYS E 71 -8.22 57.85 -19.66
N GLU E 72 -7.03 57.85 -19.09
CA GLU E 72 -6.00 58.88 -19.33
C GLU E 72 -5.01 58.33 -20.36
N VAL E 73 -4.47 59.20 -21.18
CA VAL E 73 -3.45 58.88 -22.22
C VAL E 73 -2.17 59.59 -21.81
N ILE E 74 -1.04 58.90 -21.91
CA ILE E 74 0.31 59.41 -21.52
C ILE E 74 1.31 58.92 -22.56
N ALA E 75 2.12 59.84 -23.10
CA ALA E 75 3.18 59.57 -24.10
C ALA E 75 4.54 59.69 -23.41
N ALA E 76 5.53 58.97 -23.93
CA ALA E 76 6.90 58.95 -23.37
C ALA E 76 7.90 58.65 -24.49
N SER E 77 9.04 59.35 -24.45
CA SER E 77 10.24 59.02 -25.23
C SER E 77 11.46 59.30 -24.35
N VAL E 78 12.64 58.92 -24.84
CA VAL E 78 13.95 59.10 -24.15
C VAL E 78 14.44 60.55 -24.25
N ASP E 79 13.82 61.36 -25.12
CA ASP E 79 14.12 62.80 -25.28
C ASP E 79 14.04 63.48 -23.91
N SER E 80 14.77 64.58 -23.74
CA SER E 80 14.68 65.45 -22.55
C SER E 80 13.33 66.16 -22.55
N HIS E 81 12.86 66.60 -21.38
CA HIS E 81 11.64 67.42 -21.20
C HIS E 81 11.83 68.79 -21.88
N PHE E 82 13.07 69.27 -22.02
CA PHE E 82 13.37 70.53 -22.77
C PHE E 82 13.11 70.32 -24.26
N SER E 83 13.56 69.21 -24.81
CA SER E 83 13.24 68.76 -26.20
C SER E 83 11.72 68.63 -26.39
N HIS E 84 11.01 68.00 -25.45
CA HIS E 84 9.53 67.90 -25.50
C HIS E 84 8.95 69.31 -25.64
N LEU E 85 9.39 70.23 -24.78
CA LEU E 85 8.80 71.59 -24.68
C LEU E 85 9.09 72.39 -25.95
N ALA E 86 10.30 72.30 -26.50
CA ALA E 86 10.69 72.98 -27.75
C ALA E 86 9.77 72.49 -28.86
N TRP E 87 9.55 71.18 -28.91
CA TRP E 87 8.79 70.56 -30.02
C TRP E 87 7.35 71.07 -29.95
N ILE E 88 6.77 71.08 -28.76
CA ILE E 88 5.39 71.60 -28.52
C ILE E 88 5.34 73.10 -28.82
N ASN E 89 6.38 73.85 -28.49
CA ASN E 89 6.35 75.33 -28.59
C ASN E 89 6.61 75.81 -30.02
N THR E 90 6.98 74.92 -30.93
CA THR E 90 6.91 75.17 -32.39
C THR E 90 5.50 74.81 -32.84
N PRO E 91 4.78 75.72 -33.53
CA PRO E 91 3.44 75.44 -34.03
C PRO E 91 3.45 74.48 -35.24
N ARG E 92 2.32 73.78 -35.46
CA ARG E 92 2.18 72.74 -36.52
C ARG E 92 2.55 73.31 -37.88
N LYS E 93 2.19 74.57 -38.09
CA LYS E 93 2.39 75.32 -39.37
C LYS E 93 3.82 75.71 -39.63
N GLN E 94 4.72 75.45 -38.68
CA GLN E 94 6.16 75.67 -38.87
C GLN E 94 6.95 74.41 -38.56
N GLY E 95 6.34 73.24 -38.71
CA GLY E 95 7.02 71.93 -38.58
C GLY E 95 6.89 71.30 -37.20
N GLY E 96 6.46 72.10 -36.23
CA GLY E 96 6.37 71.70 -34.83
C GLY E 96 5.19 70.78 -34.60
N LEU E 97 4.97 70.44 -33.35
CA LEU E 97 3.90 69.55 -32.83
C LEU E 97 2.75 70.46 -32.43
N GLY E 98 3.09 71.64 -31.90
CA GLY E 98 2.14 72.54 -31.26
C GLY E 98 1.54 71.94 -30.00
N THR E 99 0.47 72.55 -29.49
CA THR E 99 -0.12 72.16 -28.20
C THR E 99 -0.70 70.75 -28.30
N MET E 100 -0.42 69.95 -27.26
CA MET E 100 -0.84 68.55 -27.09
C MET E 100 -1.87 68.49 -25.95
N LYS E 101 -2.80 67.53 -26.02
CA LYS E 101 -3.86 67.36 -24.99
C LYS E 101 -3.48 66.25 -24.02
N ILE E 102 -2.27 65.68 -24.19
CA ILE E 102 -1.71 64.61 -23.31
C ILE E 102 -0.34 65.06 -22.82
N PRO E 103 0.08 64.60 -21.63
CA PRO E 103 1.45 64.83 -21.16
C PRO E 103 2.48 64.02 -21.95
N LEU E 104 3.67 64.58 -22.16
CA LEU E 104 4.84 63.91 -22.80
C LEU E 104 5.90 63.67 -21.74
N VAL E 105 6.10 62.41 -21.33
CA VAL E 105 7.04 62.01 -20.27
C VAL E 105 8.45 61.91 -20.86
N SER E 106 9.45 62.33 -20.08
CA SER E 106 10.87 62.25 -20.47
C SER E 106 11.51 61.06 -19.76
N ASP E 107 12.20 60.17 -20.49
CA ASP E 107 12.87 58.97 -19.94
C ASP E 107 14.36 59.01 -20.28
N THR E 108 15.07 60.05 -19.85
CA THR E 108 16.51 60.29 -20.15
C THR E 108 17.41 59.22 -19.50
N ARG E 109 17.01 58.64 -18.36
CA ARG E 109 17.78 57.55 -17.69
C ARG E 109 17.43 56.21 -18.33
N ARG E 110 16.40 56.16 -19.19
CA ARG E 110 16.01 54.96 -19.99
C ARG E 110 15.57 53.80 -19.10
N THR E 111 15.26 54.09 -17.82
CA THR E 111 14.80 53.09 -16.82
C THR E 111 13.36 52.66 -17.14
N ILE E 112 12.55 53.57 -17.65
CA ILE E 112 11.10 53.30 -17.89
C ILE E 112 10.99 52.38 -19.10
N SER E 113 11.71 52.73 -20.15
CA SER E 113 11.84 51.95 -21.41
C SER E 113 12.29 50.53 -21.06
N THR E 114 13.32 50.43 -20.24
CA THR E 114 13.90 49.14 -19.77
C THR E 114 12.82 48.36 -19.02
N ASP E 115 12.17 48.99 -18.03
CA ASP E 115 11.13 48.37 -17.18
C ASP E 115 9.98 47.84 -18.03
N TYR E 116 9.58 48.55 -19.06
CA TYR E 116 8.42 48.17 -19.91
C TYR E 116 8.90 47.26 -21.03
N GLY E 117 10.20 47.12 -21.20
CA GLY E 117 10.81 46.15 -22.12
C GLY E 117 10.66 46.57 -23.56
N VAL E 118 10.84 47.85 -23.85
CA VAL E 118 10.68 48.41 -25.23
C VAL E 118 11.94 49.14 -25.68
N LEU E 119 13.04 49.08 -24.94
CA LEU E 119 14.27 49.79 -25.35
C LEU E 119 14.89 49.03 -26.52
N LYS E 120 15.01 49.69 -27.67
CA LYS E 120 15.83 49.22 -28.82
C LYS E 120 17.30 49.50 -28.49
N GLU E 121 18.01 48.47 -28.03
CA GLU E 121 19.27 48.62 -27.25
C GLU E 121 20.38 49.21 -28.11
N ASP E 122 20.38 48.88 -29.40
CA ASP E 122 21.44 49.31 -30.35
C ASP E 122 21.27 50.80 -30.71
N ASP E 123 20.10 51.40 -30.48
CA ASP E 123 19.85 52.84 -30.78
C ASP E 123 19.67 53.66 -29.49
N GLY E 124 19.26 53.04 -28.38
CA GLY E 124 19.06 53.75 -27.10
C GLY E 124 17.73 54.49 -27.06
N ILE E 125 16.81 54.12 -27.94
CA ILE E 125 15.46 54.74 -28.07
C ILE E 125 14.41 53.66 -27.89
N ALA E 126 13.18 54.05 -27.62
CA ALA E 126 12.05 53.14 -27.38
C ALA E 126 11.43 52.70 -28.71
N TYR E 127 11.07 51.43 -28.80
CA TYR E 127 10.15 50.89 -29.83
C TYR E 127 8.77 51.51 -29.60
N ARG E 128 7.86 51.32 -30.57
CA ARG E 128 6.45 51.81 -30.52
C ARG E 128 5.64 50.88 -29.60
N GLY E 129 5.87 51.04 -28.31
CA GLY E 129 5.19 50.27 -27.26
C GLY E 129 3.95 50.99 -26.81
N LEU E 130 2.88 50.25 -26.63
CA LEU E 130 1.62 50.77 -26.07
C LEU E 130 1.12 49.78 -25.02
N PHE E 131 0.81 50.28 -23.83
CA PHE E 131 0.41 49.48 -22.64
C PHE E 131 -0.93 50.01 -22.14
N ILE E 132 -1.81 49.09 -21.76
CA ILE E 132 -3.11 49.39 -21.13
C ILE E 132 -3.06 48.89 -19.69
N ILE E 133 -3.15 49.84 -18.77
CA ILE E 133 -3.12 49.68 -17.30
C ILE E 133 -4.53 49.96 -16.78
N ASP E 134 -5.07 49.08 -15.93
CA ASP E 134 -6.45 49.23 -15.39
C ASP E 134 -6.40 50.18 -14.18
N ASP E 135 -7.55 50.38 -13.55
CA ASP E 135 -7.78 51.38 -12.46
C ASP E 135 -6.97 50.97 -11.22
N LYS E 136 -6.70 49.67 -11.04
CA LYS E 136 -5.93 49.08 -9.90
C LYS E 136 -4.42 49.12 -10.18
N GLY E 137 -3.98 49.52 -11.37
CA GLY E 137 -2.55 49.62 -11.72
C GLY E 137 -2.03 48.37 -12.41
N ILE E 138 -2.90 47.40 -12.70
CA ILE E 138 -2.51 46.09 -13.26
C ILE E 138 -2.35 46.24 -14.78
N LEU E 139 -1.26 45.72 -15.35
CA LEU E 139 -1.06 45.65 -16.81
C LEU E 139 -2.02 44.62 -17.42
N ARG E 140 -2.81 45.03 -18.39
CA ARG E 140 -3.83 44.19 -19.08
C ARG E 140 -3.40 43.85 -20.52
N GLN E 141 -2.52 44.63 -21.14
CA GLN E 141 -2.34 44.60 -22.61
C GLN E 141 -0.97 45.15 -22.94
N ILE E 142 -0.18 44.39 -23.71
CA ILE E 142 1.11 44.85 -24.31
C ILE E 142 0.99 44.88 -25.84
N THR E 143 1.47 45.95 -26.45
CA THR E 143 1.55 46.14 -27.92
C THR E 143 2.92 46.74 -28.22
N ILE E 144 3.71 46.10 -29.09
CA ILE E 144 5.05 46.60 -29.53
C ILE E 144 5.14 46.44 -31.05
N ASN E 145 5.46 47.54 -31.73
CA ASN E 145 5.67 47.60 -33.19
C ASN E 145 7.13 47.97 -33.44
N ASP E 146 7.69 47.40 -34.51
CA ASP E 146 8.92 47.87 -35.16
C ASP E 146 8.66 49.33 -35.58
N LEU E 147 9.73 50.10 -35.77
CA LEU E 147 9.71 51.58 -35.92
C LEU E 147 8.86 52.03 -37.10
N PRO E 148 8.82 51.32 -38.25
CA PRO E 148 8.13 51.85 -39.44
C PRO E 148 6.60 52.01 -39.38
N VAL E 149 5.91 51.29 -38.49
CA VAL E 149 4.42 51.12 -38.54
C VAL E 149 3.80 51.64 -37.25
N GLY E 150 2.81 52.52 -37.35
CA GLY E 150 2.17 53.19 -36.19
C GLY E 150 0.98 52.41 -35.63
N ARG E 151 0.41 52.95 -34.54
CA ARG E 151 -0.70 52.35 -33.77
C ARG E 151 -2.00 53.05 -34.17
N SER E 152 -3.14 52.49 -33.76
CA SER E 152 -4.50 52.91 -34.19
C SER E 152 -5.29 53.31 -32.96
N VAL E 153 -5.82 54.52 -32.97
CA VAL E 153 -6.70 55.05 -31.91
C VAL E 153 -7.91 54.12 -31.80
N GLU E 154 -8.57 53.78 -32.90
CA GLU E 154 -9.80 52.92 -32.90
C GLU E 154 -9.56 51.64 -32.10
N GLU E 155 -8.47 50.94 -32.39
CA GLU E 155 -8.13 49.65 -31.72
C GLU E 155 -7.89 49.88 -30.22
N THR E 156 -7.13 50.93 -29.88
CA THR E 156 -6.81 51.25 -28.47
C THR E 156 -8.14 51.51 -27.75
N LEU E 157 -9.06 52.26 -28.36
CA LEU E 157 -10.41 52.48 -27.79
C LEU E 157 -11.14 51.16 -27.63
N ARG E 158 -11.12 50.26 -28.62
CA ARG E 158 -11.87 49.00 -28.51
C ARG E 158 -11.29 48.19 -27.34
N LEU E 159 -9.96 48.12 -27.27
CA LEU E 159 -9.29 47.36 -26.17
C LEU E 159 -9.70 47.91 -24.81
N VAL E 160 -9.66 49.24 -24.61
CA VAL E 160 -9.95 49.88 -23.28
C VAL E 160 -11.39 49.59 -22.88
N GLN E 161 -12.35 49.81 -23.78
CA GLN E 161 -13.79 49.56 -23.50
C GLN E 161 -14.02 48.08 -23.15
N ALA E 162 -13.36 47.16 -23.87
CA ALA E 162 -13.50 45.70 -23.70
C ALA E 162 -13.00 45.28 -22.32
N PHE E 163 -11.83 45.78 -21.88
CA PHE E 163 -11.28 45.45 -20.55
C PHE E 163 -12.26 45.93 -19.47
N GLN E 164 -12.69 47.19 -19.59
CA GLN E 164 -13.69 47.86 -18.72
C GLN E 164 -14.96 47.02 -18.71
N PHE E 165 -15.45 46.63 -19.89
CA PHE E 165 -16.72 45.87 -20.04
C PHE E 165 -16.53 44.52 -19.33
N THR E 166 -15.43 43.82 -19.59
CA THR E 166 -15.17 42.45 -19.03
C THR E 166 -14.84 42.54 -17.53
N ASP E 167 -14.31 43.65 -17.03
CA ASP E 167 -14.10 43.84 -15.57
C ASP E 167 -15.45 43.75 -14.85
N LYS E 168 -16.56 44.05 -15.53
CA LYS E 168 -17.87 44.18 -14.85
C LYS E 168 -18.89 43.15 -15.36
N HIS E 169 -18.57 42.34 -16.37
CA HIS E 169 -19.50 41.30 -16.87
C HIS E 169 -18.69 40.06 -17.25
N GLY E 170 -19.27 38.88 -17.30
CA GLY E 170 -18.53 37.77 -17.89
C GLY E 170 -18.58 37.85 -19.41
N GLU E 171 -18.33 36.68 -20.03
CA GLU E 171 -18.22 36.37 -21.49
C GLU E 171 -18.80 37.42 -22.44
N VAL E 172 -20.13 37.41 -22.65
CA VAL E 172 -20.89 38.08 -23.76
C VAL E 172 -20.66 37.38 -25.10
N CYS E 173 -21.52 36.40 -25.42
CA CYS E 173 -21.42 35.61 -26.68
C CYS E 173 -22.66 34.71 -26.78
N PRO E 174 -23.85 35.32 -26.84
CA PRO E 174 -25.14 34.59 -26.92
C PRO E 174 -25.18 33.39 -25.92
N ALA F 3 9.99 36.47 -19.57
CA ALA F 3 10.52 35.23 -20.20
C ALA F 3 10.63 35.41 -21.72
N GLY F 4 11.35 34.52 -22.39
CA GLY F 4 11.24 34.31 -23.84
C GLY F 4 12.32 35.02 -24.63
N ASN F 5 12.59 34.49 -25.83
CA ASN F 5 13.60 35.00 -26.78
C ASN F 5 12.93 35.89 -27.84
N ALA F 6 11.61 35.96 -27.86
CA ALA F 6 10.84 36.64 -28.95
C ALA F 6 11.13 38.13 -28.87
N GLN F 7 11.95 38.67 -29.75
CA GLN F 7 12.28 40.11 -29.77
C GLN F 7 12.08 40.70 -31.17
N ILE F 8 11.62 41.95 -31.22
CA ILE F 8 11.36 42.70 -32.47
C ILE F 8 12.70 42.82 -33.18
N GLY F 9 12.73 42.59 -34.50
CA GLY F 9 13.96 42.75 -35.31
C GLY F 9 14.90 41.57 -35.25
N LYS F 10 14.54 40.51 -34.52
CA LYS F 10 15.28 39.22 -34.52
C LYS F 10 14.41 38.14 -35.15
N LEU F 11 15.02 37.04 -35.55
CA LEU F 11 14.28 35.86 -36.06
C LEU F 11 13.33 35.44 -34.95
N ALA F 12 12.10 35.08 -35.31
CA ALA F 12 11.10 34.55 -34.36
C ALA F 12 11.62 33.22 -33.86
N PRO F 13 11.43 32.83 -32.58
CA PRO F 13 11.82 31.49 -32.13
C PRO F 13 11.20 30.40 -33.01
N ASP F 14 12.05 29.46 -33.49
CA ASP F 14 11.61 28.35 -34.37
C ASP F 14 11.12 27.21 -33.51
N PHE F 15 10.37 26.29 -34.09
CA PHE F 15 9.83 25.13 -33.35
C PHE F 15 9.28 24.12 -34.35
N THR F 16 9.23 22.85 -33.94
CA THR F 16 8.50 21.76 -34.60
C THR F 16 7.48 21.25 -33.58
N ALA F 17 6.23 21.08 -33.99
CA ALA F 17 5.16 20.70 -33.07
C ALA F 17 4.06 19.98 -33.83
N LYS F 18 3.33 19.11 -33.14
CA LYS F 18 2.12 18.43 -33.65
C LYS F 18 1.09 19.52 -33.97
N ALA F 19 0.46 19.43 -35.14
CA ALA F 19 -0.59 20.37 -35.57
C ALA F 19 -1.75 19.58 -36.20
N VAL F 20 -2.99 20.00 -35.96
CA VAL F 20 -4.16 19.50 -36.72
C VAL F 20 -4.40 20.45 -37.90
N MET F 21 -4.06 19.99 -39.11
CA MET F 21 -4.17 20.78 -40.35
C MET F 21 -5.65 20.89 -40.70
N PRO F 22 -6.03 21.84 -41.58
CA PRO F 22 -7.43 22.07 -41.93
C PRO F 22 -8.25 20.85 -42.42
N ASP F 23 -7.62 19.87 -43.07
CA ASP F 23 -8.29 18.63 -43.57
C ASP F 23 -8.66 17.68 -42.41
N GLY F 24 -8.10 17.90 -41.21
CA GLY F 24 -8.34 17.10 -39.99
C GLY F 24 -7.23 16.09 -39.73
N GLN F 25 -6.04 16.30 -40.29
CA GLN F 25 -4.94 15.32 -40.30
C GLN F 25 -3.76 15.86 -39.50
N PHE F 26 -3.20 15.05 -38.59
CA PHE F 26 -1.98 15.39 -37.81
C PHE F 26 -0.80 15.55 -38.77
N LYS F 27 0.04 16.53 -38.49
CA LYS F 27 1.28 16.80 -39.24
C LYS F 27 2.23 17.55 -38.30
N ASP F 28 3.53 17.30 -38.43
CA ASP F 28 4.56 18.11 -37.74
C ASP F 28 4.68 19.41 -38.53
N LEU F 29 4.58 20.54 -37.82
CA LEU F 29 4.60 21.91 -38.38
C LEU F 29 5.85 22.60 -37.84
N LYS F 30 6.61 23.22 -38.74
CA LYS F 30 7.85 23.94 -38.42
C LYS F 30 7.65 25.39 -38.84
N MET F 31 7.87 26.32 -37.90
CA MET F 31 7.71 27.79 -38.12
C MET F 31 8.52 28.24 -39.35
N SER F 32 9.77 27.79 -39.48
CA SER F 32 10.71 28.24 -40.56
C SER F 32 10.28 27.70 -41.93
N ASP F 33 9.35 26.76 -42.00
CA ASP F 33 8.78 26.23 -43.27
C ASP F 33 7.91 27.30 -43.95
N TYR F 34 7.53 28.34 -43.22
CA TYR F 34 6.57 29.40 -43.64
C TYR F 34 7.36 30.62 -44.13
N ARG F 35 8.69 30.53 -44.19
CA ARG F 35 9.55 31.62 -44.69
C ARG F 35 9.30 31.78 -46.17
N GLY F 36 9.42 33.02 -46.65
CA GLY F 36 9.02 33.44 -48.01
C GLY F 36 7.64 34.04 -47.97
N LYS F 37 6.90 33.80 -46.89
CA LYS F 37 5.56 34.40 -46.65
C LYS F 37 5.50 35.04 -45.25
N TYR F 38 4.62 36.02 -45.08
CA TYR F 38 4.29 36.63 -43.78
C TYR F 38 3.51 35.59 -42.97
N VAL F 39 3.66 35.62 -41.65
CA VAL F 39 2.90 34.72 -40.74
C VAL F 39 2.24 35.56 -39.64
N VAL F 40 0.94 35.35 -39.43
CA VAL F 40 0.26 35.76 -38.18
C VAL F 40 0.19 34.54 -37.28
N PHE F 41 0.84 34.64 -36.12
CA PHE F 41 0.95 33.51 -35.16
C PHE F 41 0.25 33.91 -33.87
N PHE F 42 -0.89 33.29 -33.54
CA PHE F 42 -1.66 33.69 -32.35
C PHE F 42 -1.94 32.51 -31.43
N PHE F 43 -1.82 32.78 -30.13
CA PHE F 43 -2.10 31.82 -29.02
C PHE F 43 -3.51 32.04 -28.51
N TYR F 44 -4.15 30.97 -28.09
CA TYR F 44 -5.34 31.06 -27.23
C TYR F 44 -5.10 30.18 -26.00
N PRO F 45 -5.88 30.36 -24.93
CA PRO F 45 -5.58 29.71 -23.66
C PRO F 45 -5.93 28.22 -23.68
N LEU F 46 -7.16 27.86 -24.06
CA LEU F 46 -7.69 26.48 -23.80
C LEU F 46 -8.78 26.07 -24.80
N ASP F 47 -8.69 24.84 -25.26
CA ASP F 47 -9.78 24.12 -25.98
C ASP F 47 -10.91 23.88 -24.97
N PHE F 48 -12.14 23.86 -25.47
CA PHE F 48 -13.37 23.40 -24.78
C PHE F 48 -13.77 24.34 -23.64
N THR F 49 -13.43 25.61 -23.71
CA THR F 49 -13.90 26.53 -22.65
C THR F 49 -15.37 26.87 -22.85
N PHE F 50 -15.92 27.48 -21.83
CA PHE F 50 -17.33 27.93 -21.84
C PHE F 50 -17.43 29.25 -22.57
N VAL F 51 -16.32 29.93 -22.90
CA VAL F 51 -16.34 31.11 -23.81
C VAL F 51 -16.42 30.61 -25.25
N CYS F 52 -17.48 31.02 -25.95
CA CYS F 52 -17.70 30.83 -27.40
C CYS F 52 -16.40 31.18 -28.11
N PRO F 53 -15.98 30.38 -29.12
CA PRO F 53 -14.67 30.60 -29.75
C PRO F 53 -14.72 31.55 -30.95
N THR F 54 -15.47 32.66 -30.85
CA THR F 54 -15.85 33.51 -32.01
C THR F 54 -14.61 34.21 -32.60
N GLU F 55 -13.56 34.40 -31.81
CA GLU F 55 -12.28 35.00 -32.26
C GLU F 55 -11.49 34.00 -33.10
N ILE F 56 -11.41 32.73 -32.68
CA ILE F 56 -10.69 31.66 -33.43
C ILE F 56 -11.43 31.46 -34.75
N ILE F 57 -12.75 31.41 -34.71
CA ILE F 57 -13.55 31.20 -35.95
C ILE F 57 -13.38 32.42 -36.85
N ALA F 58 -13.27 33.62 -36.26
CA ALA F 58 -13.16 34.89 -37.02
C ALA F 58 -11.86 34.88 -37.82
N PHE F 59 -10.78 34.33 -37.26
CA PHE F 59 -9.46 34.24 -37.92
C PHE F 59 -9.43 33.10 -38.93
N SER F 60 -10.21 32.04 -38.70
CA SER F 60 -10.33 30.85 -39.60
C SER F 60 -10.96 31.31 -40.92
N ASP F 61 -12.22 31.79 -40.88
CA ASP F 61 -12.81 32.69 -41.92
C ASP F 61 -11.89 33.89 -41.98
N ALA F 62 -11.36 34.33 -43.10
CA ALA F 62 -10.35 35.42 -43.15
C ALA F 62 -8.96 34.87 -43.46
N ALA F 63 -8.73 33.57 -43.29
CA ALA F 63 -7.48 32.89 -43.72
C ALA F 63 -7.27 33.18 -45.20
N ASP F 64 -8.33 33.02 -46.01
CA ASP F 64 -8.30 33.31 -47.47
C ASP F 64 -7.90 34.77 -47.74
N ASP F 65 -8.53 35.71 -47.04
CA ASP F 65 -8.15 37.15 -47.10
C ASP F 65 -6.66 37.32 -46.79
N PHE F 66 -6.10 36.54 -45.85
CA PHE F 66 -4.68 36.63 -45.42
C PHE F 66 -3.80 36.00 -46.50
N LYS F 67 -4.18 34.83 -47.02
CA LYS F 67 -3.43 34.12 -48.08
C LYS F 67 -3.34 35.00 -49.31
N LYS F 68 -4.41 35.70 -49.68
CA LYS F 68 -4.39 36.40 -50.98
C LYS F 68 -3.40 37.58 -50.93
N ILE F 69 -2.98 38.04 -49.74
CA ILE F 69 -1.95 39.11 -49.61
C ILE F 69 -0.60 38.58 -49.11
N GLY F 70 -0.42 37.25 -49.19
CA GLY F 70 0.87 36.54 -48.95
C GLY F 70 1.13 36.28 -47.48
N CYS F 71 0.10 35.93 -46.71
CA CYS F 71 0.20 35.78 -45.24
C CYS F 71 -0.55 34.52 -44.79
N GLU F 72 0.15 33.66 -44.05
CA GLU F 72 -0.43 32.44 -43.45
C GLU F 72 -0.83 32.77 -42.00
N VAL F 73 -1.89 32.11 -41.52
CA VAL F 73 -2.42 32.24 -40.14
C VAL F 73 -2.26 30.90 -39.43
N ILE F 74 -1.66 30.93 -38.23
CA ILE F 74 -1.38 29.74 -37.37
C ILE F 74 -1.82 30.02 -35.93
N ALA F 75 -2.69 29.15 -35.41
CA ALA F 75 -3.18 29.17 -34.01
C ALA F 75 -2.38 28.15 -33.22
N ALA F 76 -2.35 28.29 -31.90
CA ALA F 76 -1.61 27.42 -30.96
C ALA F 76 -2.20 27.60 -29.57
N SER F 77 -2.21 26.52 -28.81
CA SER F 77 -2.53 26.50 -27.36
C SER F 77 -1.79 25.32 -26.74
N VAL F 78 -1.73 25.27 -25.42
CA VAL F 78 -0.98 24.20 -24.69
C VAL F 78 -1.75 22.86 -24.70
N ASP F 79 -2.97 22.80 -25.24
CA ASP F 79 -3.74 21.52 -25.31
C ASP F 79 -3.05 20.60 -26.33
N SER F 80 -3.29 19.29 -26.22
CA SER F 80 -2.75 18.27 -27.17
C SER F 80 -3.47 18.38 -28.52
N HIS F 81 -2.85 17.87 -29.58
CA HIS F 81 -3.46 17.67 -30.92
C HIS F 81 -4.74 16.85 -30.80
N PHE F 82 -4.83 15.91 -29.85
CA PHE F 82 -6.02 15.06 -29.61
C PHE F 82 -7.18 15.91 -29.09
N SER F 83 -6.87 16.90 -28.24
CA SER F 83 -7.84 17.91 -27.75
C SER F 83 -8.31 18.76 -28.94
N HIS F 84 -7.36 19.35 -29.67
CA HIS F 84 -7.61 20.15 -30.88
C HIS F 84 -8.57 19.40 -31.80
N LEU F 85 -8.32 18.12 -32.09
CA LEU F 85 -9.13 17.39 -33.10
C LEU F 85 -10.53 17.16 -32.57
N ALA F 86 -10.65 16.80 -31.30
CA ALA F 86 -11.95 16.58 -30.60
C ALA F 86 -12.80 17.86 -30.66
N TRP F 87 -12.17 19.03 -30.55
CA TRP F 87 -12.88 20.34 -30.49
C TRP F 87 -13.35 20.76 -31.90
N ILE F 88 -12.45 20.66 -32.89
CA ILE F 88 -12.75 20.83 -34.35
C ILE F 88 -13.91 19.93 -34.75
N ASN F 89 -14.05 18.74 -34.14
CA ASN F 89 -15.07 17.74 -34.52
C ASN F 89 -16.25 17.81 -33.55
N THR F 90 -16.37 18.91 -32.83
CA THR F 90 -17.60 19.26 -32.07
C THR F 90 -18.33 20.33 -32.87
N PRO F 91 -19.62 20.15 -33.22
CA PRO F 91 -20.35 21.16 -33.99
C PRO F 91 -20.41 22.44 -33.15
N ARG F 92 -20.32 23.61 -33.80
CA ARG F 92 -20.39 24.95 -33.16
C ARG F 92 -21.71 25.08 -32.41
N LYS F 93 -22.76 24.55 -33.00
CA LYS F 93 -24.10 24.40 -32.40
C LYS F 93 -24.02 23.82 -30.98
N GLN F 94 -23.03 22.97 -30.64
CA GLN F 94 -22.83 22.37 -29.28
C GLN F 94 -21.49 22.78 -28.67
N GLY F 95 -21.18 24.08 -28.66
CA GLY F 95 -20.00 24.63 -27.98
C GLY F 95 -18.76 24.58 -28.87
N GLY F 96 -18.69 23.65 -29.81
CA GLY F 96 -17.45 23.26 -30.50
C GLY F 96 -16.89 24.34 -31.45
N LEU F 97 -15.86 23.94 -32.20
CA LEU F 97 -15.09 24.82 -33.11
C LEU F 97 -15.52 24.56 -34.57
N GLY F 98 -16.04 23.36 -34.86
CA GLY F 98 -16.32 22.91 -36.23
C GLY F 98 -15.05 22.88 -37.05
N THR F 99 -15.17 22.87 -38.38
CA THR F 99 -14.02 22.79 -39.31
C THR F 99 -13.22 24.11 -39.26
N MET F 100 -11.92 24.01 -39.52
CA MET F 100 -10.94 25.13 -39.44
C MET F 100 -10.22 25.24 -40.78
N LYS F 101 -9.89 26.46 -41.19
CA LYS F 101 -9.17 26.73 -42.46
C LYS F 101 -7.75 27.13 -42.11
N ILE F 102 -7.34 26.89 -40.85
CA ILE F 102 -5.97 27.21 -40.34
C ILE F 102 -5.48 26.04 -39.50
N PRO F 103 -4.15 25.81 -39.43
CA PRO F 103 -3.59 24.82 -38.53
C PRO F 103 -3.67 25.25 -37.05
N LEU F 104 -4.01 24.28 -36.19
CA LEU F 104 -4.00 24.36 -34.71
C LEU F 104 -2.75 23.64 -34.18
N VAL F 105 -1.74 24.41 -33.79
CA VAL F 105 -0.46 23.89 -33.22
C VAL F 105 -0.73 23.46 -31.77
N SER F 106 -0.10 22.34 -31.37
CA SER F 106 -0.15 21.81 -30.00
C SER F 106 1.16 22.16 -29.32
N ASP F 107 1.12 22.78 -28.13
CA ASP F 107 2.32 23.24 -27.39
C ASP F 107 2.36 22.58 -26.00
N THR F 108 2.39 21.24 -25.94
CA THR F 108 2.16 20.47 -24.68
C THR F 108 3.39 20.59 -23.76
N ARG F 109 4.59 20.70 -24.31
CA ARG F 109 5.85 20.90 -23.52
C ARG F 109 5.98 22.35 -23.04
N ARG F 110 5.11 23.25 -23.53
CA ARG F 110 5.03 24.68 -23.17
C ARG F 110 6.33 25.45 -23.47
N THR F 111 7.15 24.97 -24.40
CA THR F 111 8.41 25.66 -24.79
C THR F 111 8.10 26.80 -25.78
N ILE F 112 7.10 26.63 -26.64
CA ILE F 112 6.74 27.65 -27.66
C ILE F 112 6.24 28.85 -26.87
N SER F 113 5.24 28.62 -26.01
CA SER F 113 4.62 29.65 -25.13
C SER F 113 5.72 30.37 -24.32
N THR F 114 6.72 29.63 -23.87
CA THR F 114 7.83 30.22 -23.08
C THR F 114 8.67 31.12 -23.99
N ASP F 115 8.98 30.64 -25.20
CA ASP F 115 9.89 31.32 -26.16
C ASP F 115 9.27 32.67 -26.56
N TYR F 116 7.96 32.71 -26.77
CA TYR F 116 7.17 33.90 -27.20
C TYR F 116 6.69 34.73 -26.00
N GLY F 117 7.01 34.34 -24.75
CA GLY F 117 6.69 35.10 -23.53
C GLY F 117 5.20 35.29 -23.26
N VAL F 118 4.36 34.31 -23.61
CA VAL F 118 2.89 34.41 -23.42
C VAL F 118 2.40 33.42 -22.36
N LEU F 119 3.29 32.71 -21.66
CA LEU F 119 2.86 31.65 -20.71
C LEU F 119 2.35 32.30 -19.44
N LYS F 120 1.12 31.97 -19.05
CA LYS F 120 0.51 32.37 -17.75
C LYS F 120 0.95 31.31 -16.73
N GLU F 121 1.99 31.62 -15.98
CA GLU F 121 2.73 30.68 -15.12
C GLU F 121 1.72 29.98 -14.21
N ASP F 122 0.88 30.74 -13.51
CA ASP F 122 0.03 30.21 -12.42
C ASP F 122 -1.03 29.23 -12.95
N ASP F 123 -1.39 29.25 -14.24
CA ASP F 123 -2.42 28.37 -14.85
C ASP F 123 -1.77 27.38 -15.82
N GLY F 124 -0.51 27.63 -16.22
CA GLY F 124 0.19 26.82 -17.22
C GLY F 124 -0.46 26.90 -18.58
N ILE F 125 -1.19 27.98 -18.88
CA ILE F 125 -1.80 28.23 -20.22
C ILE F 125 -1.23 29.52 -20.79
N ALA F 126 -1.52 29.76 -22.07
CA ALA F 126 -1.05 30.94 -22.82
C ALA F 126 -2.06 32.08 -22.70
N TYR F 127 -1.48 33.27 -22.60
CA TYR F 127 -2.14 34.58 -22.82
C TYR F 127 -2.59 34.67 -24.29
N ARG F 128 -3.46 35.64 -24.58
CA ARG F 128 -3.91 35.97 -25.95
C ARG F 128 -2.80 36.78 -26.64
N GLY F 129 -1.69 36.12 -26.90
CA GLY F 129 -0.57 36.62 -27.69
C GLY F 129 -0.86 36.51 -29.18
N LEU F 130 -0.47 37.52 -29.96
CA LEU F 130 -0.51 37.43 -31.42
C LEU F 130 0.76 38.07 -31.94
N PHE F 131 1.35 37.48 -32.98
CA PHE F 131 2.69 37.85 -33.47
C PHE F 131 2.68 37.96 -34.99
N ILE F 132 3.35 38.99 -35.50
CA ILE F 132 3.55 39.17 -36.95
C ILE F 132 5.03 38.98 -37.24
N ILE F 133 5.27 37.98 -38.09
CA ILE F 133 6.62 37.58 -38.57
C ILE F 133 6.64 37.80 -40.09
N ASP F 134 7.68 38.45 -40.59
CA ASP F 134 7.79 38.78 -42.02
C ASP F 134 8.28 37.54 -42.80
N ASP F 135 8.44 37.69 -44.12
CA ASP F 135 8.83 36.65 -45.12
C ASP F 135 10.26 36.14 -44.86
N LYS F 136 11.11 36.91 -44.19
CA LYS F 136 12.48 36.50 -43.75
C LYS F 136 12.47 35.91 -42.33
N GLY F 137 11.29 35.69 -41.74
CA GLY F 137 11.14 35.12 -40.38
C GLY F 137 11.51 36.08 -39.25
N ILE F 138 11.67 37.38 -39.52
CA ILE F 138 11.96 38.41 -38.48
C ILE F 138 10.66 38.81 -37.77
N LEU F 139 10.71 38.99 -36.45
CA LEU F 139 9.53 39.38 -35.65
C LEU F 139 9.30 40.90 -35.76
N ARG F 140 8.12 41.30 -36.26
CA ARG F 140 7.79 42.71 -36.61
C ARG F 140 6.84 43.33 -35.58
N GLN F 141 6.03 42.52 -34.91
CA GLN F 141 4.96 43.00 -33.99
C GLN F 141 4.63 41.97 -32.91
N ILE F 142 4.55 42.46 -31.66
CA ILE F 142 4.07 41.71 -30.45
C ILE F 142 2.75 42.30 -29.94
N THR F 143 1.74 41.45 -29.74
CA THR F 143 0.41 41.79 -29.14
C THR F 143 0.10 40.74 -28.08
N ILE F 144 -0.04 41.15 -26.82
CA ILE F 144 -0.50 40.24 -25.73
C ILE F 144 -1.65 40.89 -24.95
N ASN F 145 -2.79 40.20 -24.87
CA ASN F 145 -4.00 40.64 -24.16
C ASN F 145 -4.18 39.75 -22.94
N ASP F 146 -4.72 40.32 -21.86
CA ASP F 146 -5.23 39.51 -20.73
C ASP F 146 -6.33 38.61 -21.30
N LEU F 147 -6.68 37.53 -20.58
CA LEU F 147 -7.54 36.41 -21.06
C LEU F 147 -8.92 36.92 -21.51
N PRO F 148 -9.57 37.88 -20.81
CA PRO F 148 -10.97 38.18 -21.11
C PRO F 148 -11.20 38.96 -22.41
N VAL F 149 -10.15 39.44 -23.09
CA VAL F 149 -10.32 40.32 -24.27
C VAL F 149 -9.60 39.75 -25.50
N GLY F 150 -10.33 39.61 -26.60
CA GLY F 150 -9.82 39.03 -27.84
C GLY F 150 -9.21 40.06 -28.77
N ARG F 151 -8.93 39.59 -29.98
CA ARG F 151 -8.13 40.28 -31.01
C ARG F 151 -9.05 40.57 -32.20
N SER F 152 -8.71 41.59 -32.96
CA SER F 152 -9.43 42.08 -34.15
C SER F 152 -8.71 41.58 -35.39
N VAL F 153 -9.41 40.85 -36.29
CA VAL F 153 -8.81 40.44 -37.59
C VAL F 153 -8.52 41.72 -38.37
N GLU F 154 -9.42 42.69 -38.29
CA GLU F 154 -9.33 43.95 -39.06
C GLU F 154 -8.04 44.66 -38.66
N GLU F 155 -7.75 44.78 -37.36
CA GLU F 155 -6.50 45.42 -36.87
C GLU F 155 -5.27 44.62 -37.34
N THR F 156 -5.34 43.30 -37.29
CA THR F 156 -4.25 42.37 -37.71
C THR F 156 -3.97 42.57 -39.19
N LEU F 157 -5.01 42.65 -40.02
CA LEU F 157 -4.87 42.88 -41.48
C LEU F 157 -4.20 44.23 -41.74
N ARG F 158 -4.62 45.31 -41.06
CA ARG F 158 -3.98 46.65 -41.18
C ARG F 158 -2.48 46.56 -40.93
N LEU F 159 -2.06 45.79 -39.94
CA LEU F 159 -0.64 45.71 -39.51
C LEU F 159 0.18 44.95 -40.56
N VAL F 160 -0.36 43.84 -41.07
CA VAL F 160 0.35 42.96 -42.04
C VAL F 160 0.61 43.78 -43.29
N GLN F 161 -0.45 44.41 -43.80
CA GLN F 161 -0.39 45.32 -44.98
C GLN F 161 0.54 46.50 -44.69
N ALA F 162 0.45 47.12 -43.52
CA ALA F 162 1.28 48.29 -43.22
C ALA F 162 2.75 47.86 -43.31
N PHE F 163 3.08 46.70 -42.74
CA PHE F 163 4.47 46.19 -42.70
C PHE F 163 4.96 45.86 -44.11
N GLN F 164 4.16 45.12 -44.89
CA GLN F 164 4.47 44.76 -46.30
C GLN F 164 4.78 46.03 -47.10
N PHE F 165 3.96 47.05 -46.97
CA PHE F 165 4.09 48.36 -47.63
C PHE F 165 5.41 49.04 -47.22
N THR F 166 5.68 49.13 -45.92
CA THR F 166 6.89 49.82 -45.39
C THR F 166 8.14 49.02 -45.75
N ASP F 167 8.03 47.70 -45.94
CA ASP F 167 9.15 46.85 -46.44
C ASP F 167 9.50 47.34 -47.84
N LYS F 168 8.51 47.66 -48.69
CA LYS F 168 8.75 48.08 -50.10
C LYS F 168 9.08 49.58 -50.20
N HIS F 169 8.45 50.46 -49.40
CA HIS F 169 8.44 51.91 -49.68
C HIS F 169 8.87 52.76 -48.48
N GLY F 170 8.98 52.20 -47.28
CA GLY F 170 9.33 52.96 -46.08
C GLY F 170 8.09 53.55 -45.43
N GLU F 171 8.31 54.41 -44.45
CA GLU F 171 7.23 54.93 -43.61
C GLU F 171 6.36 55.89 -44.40
N VAL F 172 5.05 55.74 -44.24
CA VAL F 172 4.10 56.69 -44.87
C VAL F 172 4.15 57.92 -44.00
N CYS F 173 4.57 59.00 -44.59
CA CYS F 173 4.50 60.29 -43.93
C CYS F 173 4.06 61.28 -44.98
N PRO F 174 3.08 62.11 -44.65
CA PRO F 174 2.83 63.29 -45.43
C PRO F 174 4.10 64.15 -45.53
N ALA F 175 4.26 64.88 -46.64
CA ALA F 175 5.33 65.87 -46.92
C ALA F 175 5.28 67.03 -45.91
N GLY F 176 6.42 67.71 -45.72
CA GLY F 176 6.64 68.68 -44.63
C GLY F 176 7.09 68.04 -43.31
N TRP F 177 7.00 66.71 -43.13
CA TRP F 177 7.30 65.95 -41.86
C TRP F 177 6.19 66.10 -40.77
N LYS F 178 5.02 65.44 -40.93
CA LYS F 178 3.71 65.77 -40.29
C LYS F 178 3.86 66.40 -38.90
N ALA G 3 -27.05 -36.25 19.31
CA ALA G 3 -26.91 -36.05 17.84
C ALA G 3 -25.43 -35.97 17.45
N GLY G 4 -25.12 -36.23 16.17
CA GLY G 4 -23.75 -36.22 15.61
C GLY G 4 -23.42 -37.53 14.94
N ASN G 5 -22.70 -37.48 13.82
CA ASN G 5 -22.21 -38.66 13.07
C ASN G 5 -20.76 -38.94 13.46
N ALA G 6 -20.24 -38.23 14.46
CA ALA G 6 -18.84 -38.30 14.93
C ALA G 6 -18.73 -39.43 15.97
N GLN G 7 -17.96 -40.48 15.63
CA GLN G 7 -17.78 -41.71 16.43
C GLN G 7 -16.33 -42.15 16.32
N ILE G 8 -15.72 -42.53 17.44
CA ILE G 8 -14.35 -43.11 17.48
C ILE G 8 -14.36 -44.32 16.54
N GLY G 9 -13.30 -44.44 15.74
CA GLY G 9 -13.08 -45.61 14.86
C GLY G 9 -13.77 -45.42 13.52
N LYS G 10 -14.65 -44.43 13.38
CA LYS G 10 -15.30 -44.05 12.10
C LYS G 10 -14.56 -42.84 11.50
N LEU G 11 -14.59 -42.74 10.16
CA LEU G 11 -14.24 -41.52 9.39
C LEU G 11 -14.90 -40.32 10.07
N ALA G 12 -14.11 -39.32 10.49
CA ALA G 12 -14.62 -38.03 11.01
C ALA G 12 -15.54 -37.43 9.95
N PRO G 13 -16.65 -36.79 10.35
CA PRO G 13 -17.52 -36.09 9.39
C PRO G 13 -16.76 -35.09 8.49
N ASP G 14 -16.96 -35.19 7.18
CA ASP G 14 -16.36 -34.29 6.16
C ASP G 14 -17.22 -33.03 6.07
N PHE G 15 -16.67 -31.98 5.50
CA PHE G 15 -17.37 -30.69 5.28
C PHE G 15 -16.53 -29.84 4.35
N THR G 16 -17.18 -28.92 3.63
CA THR G 16 -16.57 -27.79 2.90
C THR G 16 -17.08 -26.50 3.54
N ALA G 17 -16.19 -25.59 3.91
CA ALA G 17 -16.59 -24.33 4.60
C ALA G 17 -15.58 -23.23 4.32
N LYS G 18 -16.04 -21.99 4.34
CA LYS G 18 -15.17 -20.78 4.26
C LYS G 18 -14.27 -20.79 5.51
N ALA G 19 -12.99 -20.52 5.34
CA ALA G 19 -12.04 -20.27 6.44
C ALA G 19 -11.23 -19.02 6.12
N VAL G 20 -10.75 -18.33 7.14
CA VAL G 20 -9.69 -17.30 6.98
C VAL G 20 -8.36 -17.99 7.20
N MET G 21 -7.50 -18.02 6.18
CA MET G 21 -6.16 -18.63 6.31
C MET G 21 -5.23 -17.62 6.99
N PRO G 22 -4.03 -18.07 7.45
CA PRO G 22 -3.09 -17.21 8.18
C PRO G 22 -2.68 -15.91 7.46
N ASP G 23 -2.68 -15.92 6.13
CA ASP G 23 -2.33 -14.76 5.25
C ASP G 23 -3.50 -13.77 5.12
N GLY G 24 -4.65 -14.05 5.72
CA GLY G 24 -5.85 -13.19 5.66
C GLY G 24 -6.77 -13.52 4.48
N GLN G 25 -6.40 -14.46 3.61
CA GLN G 25 -7.23 -14.90 2.45
C GLN G 25 -8.41 -15.77 2.93
N PHE G 26 -9.56 -15.66 2.27
CA PHE G 26 -10.71 -16.58 2.39
C PHE G 26 -10.44 -17.81 1.50
N LYS G 27 -10.77 -18.99 1.99
CA LYS G 27 -10.61 -20.29 1.27
C LYS G 27 -11.78 -21.21 1.61
N ASP G 28 -12.36 -21.88 0.63
CA ASP G 28 -13.23 -23.05 0.88
C ASP G 28 -12.28 -24.12 1.42
N LEU G 29 -12.53 -24.63 2.62
CA LEU G 29 -11.64 -25.59 3.30
C LEU G 29 -12.41 -26.90 3.48
N LYS G 30 -11.82 -28.00 3.01
CA LYS G 30 -12.41 -29.35 3.02
C LYS G 30 -11.57 -30.23 3.95
N MET G 31 -12.20 -30.82 4.97
CA MET G 31 -11.56 -31.68 6.01
C MET G 31 -10.78 -32.83 5.34
N SER G 32 -11.33 -33.46 4.30
CA SER G 32 -10.72 -34.65 3.65
C SER G 32 -9.45 -34.25 2.88
N ASP G 33 -9.25 -32.96 2.59
CA ASP G 33 -8.01 -32.48 1.92
C ASP G 33 -6.80 -32.60 2.85
N TYR G 34 -7.04 -32.87 4.15
CA TYR G 34 -6.01 -32.99 5.20
C TYR G 34 -5.62 -34.45 5.49
N ARG G 35 -6.23 -35.41 4.79
CA ARG G 35 -5.82 -36.84 4.87
C ARG G 35 -4.36 -36.97 4.46
N GLY G 36 -3.61 -37.84 5.17
CA GLY G 36 -2.16 -38.02 5.01
C GLY G 36 -1.39 -37.42 6.18
N LYS G 37 -1.94 -36.42 6.86
CA LYS G 37 -1.45 -35.92 8.17
C LYS G 37 -2.52 -36.14 9.25
N TYR G 38 -2.11 -36.10 10.52
CA TYR G 38 -3.00 -35.98 11.70
C TYR G 38 -3.64 -34.58 11.74
N VAL G 39 -4.83 -34.48 12.31
CA VAL G 39 -5.53 -33.18 12.47
C VAL G 39 -6.00 -33.04 13.91
N VAL G 40 -5.69 -31.89 14.54
CA VAL G 40 -6.37 -31.39 15.76
C VAL G 40 -7.41 -30.39 15.28
N PHE G 41 -8.69 -30.67 15.54
CA PHE G 41 -9.83 -29.83 15.14
C PHE G 41 -10.56 -29.37 16.41
N PHE G 42 -10.61 -28.07 16.67
CA PHE G 42 -11.23 -27.57 17.92
C PHE G 42 -12.19 -26.42 17.61
N PHE G 43 -13.31 -26.46 18.33
CA PHE G 43 -14.41 -25.48 18.29
C PHE G 43 -14.15 -24.46 19.39
N TYR G 44 -14.52 -23.21 19.17
CA TYR G 44 -14.68 -22.24 20.28
C TYR G 44 -16.05 -21.61 20.12
N PRO G 45 -16.63 -21.07 21.22
CA PRO G 45 -17.95 -20.46 21.18
C PRO G 45 -18.12 -19.30 20.17
N LEU G 46 -17.49 -18.16 20.44
CA LEU G 46 -17.79 -16.89 19.73
C LEU G 46 -16.52 -16.03 19.55
N ASP G 47 -16.56 -15.21 18.50
CA ASP G 47 -15.60 -14.12 18.26
C ASP G 47 -16.03 -12.96 19.17
N PHE G 48 -15.08 -12.10 19.54
CA PHE G 48 -15.31 -10.78 20.17
C PHE G 48 -15.95 -10.95 21.55
N THR G 49 -15.70 -12.06 22.23
CA THR G 49 -16.16 -12.15 23.63
C THR G 49 -15.22 -11.32 24.50
N PHE G 50 -15.71 -11.10 25.70
CA PHE G 50 -14.95 -10.42 26.76
C PHE G 50 -13.94 -11.40 27.34
N VAL G 51 -13.92 -12.67 26.91
CA VAL G 51 -12.97 -13.67 27.47
C VAL G 51 -11.70 -13.59 26.64
N CYS G 52 -10.54 -13.41 27.28
CA CYS G 52 -9.21 -13.55 26.64
C CYS G 52 -9.24 -14.74 25.70
N PRO G 53 -8.80 -14.56 24.45
CA PRO G 53 -8.63 -15.68 23.53
C PRO G 53 -7.30 -16.43 23.70
N THR G 54 -6.80 -16.53 24.93
CA THR G 54 -5.50 -17.17 25.26
C THR G 54 -5.41 -18.56 24.63
N GLU G 55 -6.47 -19.35 24.74
CA GLU G 55 -6.51 -20.76 24.32
C GLU G 55 -6.27 -20.86 22.80
N ILE G 56 -6.98 -20.04 22.00
CA ILE G 56 -6.82 -20.02 20.51
C ILE G 56 -5.39 -19.56 20.17
N ILE G 57 -4.91 -18.47 20.79
CA ILE G 57 -3.52 -17.94 20.58
C ILE G 57 -2.50 -19.05 20.91
N ALA G 58 -2.73 -19.82 21.99
CA ALA G 58 -1.77 -20.86 22.41
C ALA G 58 -1.76 -21.98 21.37
N PHE G 59 -2.87 -22.29 20.69
CA PHE G 59 -2.88 -23.35 19.64
C PHE G 59 -2.23 -22.81 18.35
N SER G 60 -2.40 -21.52 18.07
CA SER G 60 -1.75 -20.77 16.97
C SER G 60 -0.23 -20.78 17.17
N ASP G 61 0.30 -20.23 18.28
CA ASP G 61 1.71 -20.52 18.70
C ASP G 61 1.71 -22.03 18.92
N ALA G 62 2.69 -22.82 18.53
CA ALA G 62 2.62 -24.29 18.74
C ALA G 62 2.06 -25.04 17.52
N ALA G 63 1.38 -24.39 16.57
CA ALA G 63 1.03 -25.00 15.28
C ALA G 63 2.30 -25.58 14.63
N ASP G 64 3.44 -24.89 14.78
CA ASP G 64 4.77 -25.35 14.28
C ASP G 64 5.15 -26.67 14.93
N ASP G 65 5.01 -26.73 16.26
CA ASP G 65 5.33 -27.92 17.09
C ASP G 65 4.50 -29.11 16.57
N PHE G 66 3.23 -28.89 16.25
CA PHE G 66 2.33 -29.93 15.72
C PHE G 66 2.77 -30.29 14.31
N LYS G 67 3.15 -29.29 13.50
CA LYS G 67 3.50 -29.54 12.08
C LYS G 67 4.78 -30.38 11.99
N LYS G 68 5.70 -30.21 12.93
CA LYS G 68 6.99 -30.94 12.88
C LYS G 68 6.81 -32.38 13.40
N ILE G 69 5.58 -32.83 13.69
CA ILE G 69 5.26 -34.28 13.92
C ILE G 69 4.08 -34.69 13.04
N GLY G 70 3.86 -34.00 11.92
CA GLY G 70 2.91 -34.41 10.87
C GLY G 70 1.47 -34.25 11.32
N CYS G 71 1.17 -33.17 12.05
CA CYS G 71 -0.18 -32.87 12.57
C CYS G 71 -0.55 -31.43 12.25
N GLU G 72 -1.70 -31.22 11.58
CA GLU G 72 -2.30 -29.89 11.26
C GLU G 72 -3.30 -29.49 12.37
N VAL G 73 -3.45 -28.20 12.63
CA VAL G 73 -4.38 -27.62 13.64
C VAL G 73 -5.39 -26.71 12.94
N ILE G 74 -6.69 -26.85 13.25
CA ILE G 74 -7.82 -26.10 12.62
C ILE G 74 -8.79 -25.71 13.73
N ALA G 75 -9.14 -24.43 13.84
CA ALA G 75 -10.19 -23.89 14.75
C ALA G 75 -11.48 -23.67 13.97
N ALA G 76 -12.61 -23.56 14.65
CA ALA G 76 -13.94 -23.38 14.03
C ALA G 76 -14.89 -22.79 15.07
N SER G 77 -15.75 -21.86 14.64
CA SER G 77 -16.90 -21.35 15.42
C SER G 77 -18.05 -21.07 14.44
N VAL G 78 -19.22 -20.74 14.96
CA VAL G 78 -20.45 -20.52 14.16
C VAL G 78 -20.44 -19.11 13.54
N ASP G 79 -19.45 -18.30 13.93
CA ASP G 79 -19.27 -16.91 13.42
C ASP G 79 -18.97 -16.95 11.93
N SER G 80 -19.37 -15.92 11.20
CA SER G 80 -19.05 -15.71 9.78
C SER G 80 -17.53 -15.61 9.63
N HIS G 81 -17.04 -15.85 8.42
CA HIS G 81 -15.62 -15.65 8.02
C HIS G 81 -15.26 -14.15 8.01
N PHE G 82 -16.25 -13.26 7.86
CA PHE G 82 -16.07 -11.78 7.99
C PHE G 82 -15.84 -11.40 9.45
N SER G 83 -16.57 -12.06 10.35
CA SER G 83 -16.43 -11.93 11.82
C SER G 83 -15.02 -12.38 12.24
N HIS G 84 -14.59 -13.57 11.81
CA HIS G 84 -13.24 -14.13 12.08
C HIS G 84 -12.17 -13.08 11.68
N LEU G 85 -12.30 -12.54 10.46
CA LEU G 85 -11.28 -11.67 9.84
C LEU G 85 -11.22 -10.34 10.62
N ALA G 86 -12.37 -9.81 11.01
CA ALA G 86 -12.45 -8.56 11.78
C ALA G 86 -11.76 -8.75 13.14
N TRP G 87 -11.88 -9.95 13.72
CA TRP G 87 -11.36 -10.25 15.07
C TRP G 87 -9.85 -10.46 15.01
N ILE G 88 -9.39 -11.17 13.98
CA ILE G 88 -7.95 -11.27 13.62
C ILE G 88 -7.36 -9.86 13.40
N ASN G 89 -8.13 -8.95 12.79
CA ASN G 89 -7.64 -7.60 12.42
C ASN G 89 -7.80 -6.66 13.62
N THR G 90 -8.40 -7.13 14.70
CA THR G 90 -8.41 -6.41 15.99
C THR G 90 -7.09 -6.72 16.69
N PRO G 91 -6.28 -5.71 17.07
CA PRO G 91 -5.04 -5.97 17.81
C PRO G 91 -5.31 -6.65 19.16
N ARG G 92 -4.41 -7.53 19.61
CA ARG G 92 -4.58 -8.26 20.90
C ARG G 92 -4.71 -7.26 22.04
N LYS G 93 -3.93 -6.18 22.11
CA LYS G 93 -4.01 -5.34 23.34
C LYS G 93 -5.36 -4.60 23.39
N GLN G 94 -6.22 -4.71 22.36
CA GLN G 94 -7.64 -4.26 22.41
C GLN G 94 -8.58 -5.47 22.33
N GLY G 95 -8.16 -6.65 22.77
CA GLY G 95 -9.07 -7.79 22.91
C GLY G 95 -9.18 -8.57 21.61
N GLY G 96 -8.43 -8.19 20.59
CA GLY G 96 -8.47 -8.92 19.32
C GLY G 96 -7.81 -10.26 19.46
N LEU G 97 -7.87 -11.05 18.39
CA LEU G 97 -7.13 -12.32 18.18
C LEU G 97 -5.72 -12.01 17.66
N GLY G 98 -5.56 -10.89 16.96
CA GLY G 98 -4.31 -10.56 16.25
C GLY G 98 -3.97 -11.65 15.24
N THR G 99 -2.73 -11.70 14.77
CA THR G 99 -2.27 -12.63 13.71
C THR G 99 -2.53 -14.08 14.10
N MET G 100 -2.88 -14.94 13.14
CA MET G 100 -3.04 -16.40 13.36
C MET G 100 -2.10 -17.18 12.44
N LYS G 101 -1.63 -18.34 12.90
CA LYS G 101 -0.81 -19.31 12.15
C LYS G 101 -1.63 -20.58 11.90
N ILE G 102 -2.94 -20.52 12.16
CA ILE G 102 -3.88 -21.63 11.85
C ILE G 102 -5.09 -21.02 11.11
N PRO G 103 -5.80 -21.85 10.30
CA PRO G 103 -7.02 -21.42 9.63
C PRO G 103 -8.17 -21.39 10.64
N LEU G 104 -9.10 -20.45 10.50
CA LEU G 104 -10.36 -20.41 11.29
C LEU G 104 -11.55 -20.68 10.37
N VAL G 105 -12.18 -21.85 10.53
CA VAL G 105 -13.34 -22.29 9.71
C VAL G 105 -14.58 -21.57 10.23
N SER G 106 -15.51 -21.23 9.34
CA SER G 106 -16.84 -20.67 9.70
C SER G 106 -17.92 -21.75 9.55
N ASP G 107 -18.85 -21.79 10.50
CA ASP G 107 -19.91 -22.81 10.60
C ASP G 107 -21.25 -22.10 10.80
N THR G 108 -21.58 -21.17 9.90
CA THR G 108 -22.79 -20.33 10.02
C THR G 108 -24.05 -21.19 9.91
N ARG G 109 -24.05 -22.27 9.13
CA ARG G 109 -25.26 -23.13 8.98
C ARG G 109 -25.33 -24.14 10.12
N ARG G 110 -24.24 -24.29 10.88
CA ARG G 110 -24.18 -25.08 12.13
C ARG G 110 -24.17 -26.58 11.82
N THR G 111 -23.98 -26.96 10.55
CA THR G 111 -23.94 -28.38 10.10
C THR G 111 -22.72 -29.07 10.72
N ILE G 112 -21.57 -28.39 10.76
CA ILE G 112 -20.29 -28.96 11.28
C ILE G 112 -20.46 -29.24 12.78
N SER G 113 -20.96 -28.26 13.54
CA SER G 113 -21.19 -28.32 15.00
C SER G 113 -22.15 -29.47 15.33
N THR G 114 -23.24 -29.55 14.56
CA THR G 114 -24.30 -30.59 14.68
C THR G 114 -23.66 -31.97 14.52
N ASP G 115 -22.82 -32.17 13.49
CA ASP G 115 -22.23 -33.47 13.08
C ASP G 115 -21.17 -33.96 14.09
N TYR G 116 -20.35 -33.06 14.62
CA TYR G 116 -19.31 -33.37 15.65
C TYR G 116 -19.93 -33.33 17.06
N GLY G 117 -21.21 -32.98 17.21
CA GLY G 117 -21.97 -33.14 18.46
C GLY G 117 -21.59 -32.12 19.52
N VAL G 118 -21.21 -30.89 19.11
CA VAL G 118 -20.69 -29.84 20.03
C VAL G 118 -21.68 -28.68 20.16
N LEU G 119 -22.78 -28.69 19.40
CA LEU G 119 -23.74 -27.54 19.38
C LEU G 119 -24.48 -27.42 20.71
N LYS G 120 -24.43 -26.24 21.30
CA LYS G 120 -25.23 -25.82 22.49
C LYS G 120 -26.53 -25.22 21.93
N GLU G 121 -27.61 -26.01 21.97
CA GLU G 121 -28.90 -25.70 21.28
C GLU G 121 -29.41 -24.35 21.77
N ASP G 122 -29.44 -24.12 23.07
CA ASP G 122 -30.15 -22.94 23.67
C ASP G 122 -29.45 -21.62 23.30
N ASP G 123 -28.14 -21.60 23.09
CA ASP G 123 -27.38 -20.38 22.69
C ASP G 123 -26.97 -20.46 21.21
N GLY G 124 -26.98 -21.65 20.61
CA GLY G 124 -26.70 -21.82 19.17
C GLY G 124 -25.23 -21.66 18.85
N ILE G 125 -24.36 -22.00 19.79
CA ILE G 125 -22.88 -21.91 19.63
C ILE G 125 -22.29 -23.28 19.92
N ALA G 126 -21.05 -23.52 19.48
CA ALA G 126 -20.27 -24.74 19.80
C ALA G 126 -19.73 -24.66 21.24
N TYR G 127 -19.85 -25.76 21.98
CA TYR G 127 -19.07 -26.09 23.20
C TYR G 127 -17.58 -26.16 22.86
N ARG G 128 -16.71 -26.23 23.86
CA ARG G 128 -15.24 -26.30 23.62
C ARG G 128 -14.83 -27.73 23.21
N GLY G 129 -15.21 -28.17 22.01
CA GLY G 129 -14.88 -29.50 21.50
C GLY G 129 -13.50 -29.55 20.84
N LEU G 130 -12.74 -30.62 21.05
CA LEU G 130 -11.46 -30.85 20.36
C LEU G 130 -11.44 -32.31 19.92
N PHE G 131 -10.89 -32.57 18.75
CA PHE G 131 -11.00 -33.85 18.01
C PHE G 131 -9.68 -34.17 17.33
N ILE G 132 -9.22 -35.40 17.51
CA ILE G 132 -7.96 -35.88 16.87
C ILE G 132 -8.38 -36.85 15.78
N ILE G 133 -8.00 -36.54 14.55
CA ILE G 133 -8.35 -37.29 13.32
C ILE G 133 -7.01 -37.75 12.72
N ASP G 134 -6.86 -39.06 12.49
CA ASP G 134 -5.57 -39.64 12.10
C ASP G 134 -5.35 -39.31 10.62
N ASP G 135 -4.27 -39.81 10.02
CA ASP G 135 -3.91 -39.55 8.61
C ASP G 135 -4.89 -40.24 7.66
N LYS G 136 -5.54 -41.33 8.09
CA LYS G 136 -6.50 -42.11 7.25
C LYS G 136 -7.89 -41.50 7.38
N GLY G 137 -8.06 -40.53 8.30
CA GLY G 137 -9.28 -39.69 8.44
C GLY G 137 -10.19 -40.22 9.52
N ILE G 138 -9.71 -41.17 10.33
CA ILE G 138 -10.48 -41.83 11.41
C ILE G 138 -10.39 -40.91 12.62
N LEU G 139 -11.50 -40.79 13.34
CA LEU G 139 -11.58 -40.09 14.64
C LEU G 139 -10.94 -40.96 15.71
N ARG G 140 -9.96 -40.43 16.44
CA ARG G 140 -9.19 -41.19 17.46
C ARG G 140 -9.56 -40.71 18.87
N GLN G 141 -10.05 -39.49 19.03
CA GLN G 141 -10.19 -38.88 20.39
C GLN G 141 -11.28 -37.80 20.38
N ILE G 142 -12.13 -37.78 21.39
CA ILE G 142 -13.17 -36.72 21.59
C ILE G 142 -12.90 -36.03 22.93
N THR G 143 -12.88 -34.70 22.93
CA THR G 143 -12.78 -33.84 24.14
C THR G 143 -13.82 -32.75 24.01
N ILE G 144 -14.76 -32.64 24.96
CA ILE G 144 -15.79 -31.57 24.97
C ILE G 144 -15.81 -31.00 26.39
N ASN G 145 -15.46 -29.72 26.52
CA ASN G 145 -15.58 -28.96 27.80
C ASN G 145 -16.84 -28.08 27.78
N ASP G 146 -17.44 -27.89 28.95
CA ASP G 146 -18.33 -26.74 29.23
C ASP G 146 -17.57 -25.45 28.90
N LEU G 147 -18.29 -24.38 28.58
CA LEU G 147 -17.73 -23.11 28.05
C LEU G 147 -16.68 -22.52 28.99
N PRO G 148 -16.84 -22.56 30.35
CA PRO G 148 -15.95 -21.84 31.25
C PRO G 148 -14.47 -22.30 31.32
N VAL G 149 -14.13 -23.48 30.79
CA VAL G 149 -12.80 -24.11 31.00
C VAL G 149 -12.18 -24.49 29.67
N GLY G 150 -10.93 -24.12 29.43
CA GLY G 150 -10.23 -24.30 28.14
C GLY G 150 -9.42 -25.58 28.11
N ARG G 151 -8.71 -25.79 27.00
CA ARG G 151 -7.98 -27.03 26.70
C ARG G 151 -6.47 -26.74 26.82
N SER G 152 -5.67 -27.79 26.76
CA SER G 152 -4.21 -27.78 26.99
C SER G 152 -3.49 -28.21 25.70
N VAL G 153 -2.55 -27.40 25.24
CA VAL G 153 -1.64 -27.73 24.11
C VAL G 153 -0.81 -28.95 24.49
N GLU G 154 -0.34 -29.02 25.73
CA GLU G 154 0.54 -30.11 26.21
C GLU G 154 -0.19 -31.44 26.08
N GLU G 155 -1.39 -31.52 26.65
CA GLU G 155 -2.19 -32.78 26.67
C GLU G 155 -2.49 -33.21 25.23
N THR G 156 -2.84 -32.28 24.35
CA THR G 156 -3.14 -32.53 22.90
C THR G 156 -1.89 -33.12 22.21
N LEU G 157 -0.71 -32.54 22.43
CA LEU G 157 0.58 -33.08 21.95
C LEU G 157 0.76 -34.50 22.47
N ARG G 158 0.57 -34.71 23.77
CA ARG G 158 0.75 -36.05 24.37
C ARG G 158 -0.16 -37.06 23.64
N LEU G 159 -1.42 -36.72 23.37
CA LEU G 159 -2.39 -37.64 22.73
C LEU G 159 -1.95 -37.91 21.28
N VAL G 160 -1.68 -36.86 20.51
CA VAL G 160 -1.32 -37.00 19.08
C VAL G 160 -0.10 -37.91 18.96
N GLN G 161 0.94 -37.66 19.77
CA GLN G 161 2.18 -38.47 19.77
C GLN G 161 1.83 -39.91 20.17
N ALA G 162 1.04 -40.09 21.24
CA ALA G 162 0.57 -41.41 21.72
C ALA G 162 -0.08 -42.18 20.54
N PHE G 163 -0.93 -41.52 19.77
CA PHE G 163 -1.67 -42.20 18.68
C PHE G 163 -0.69 -42.58 17.57
N GLN G 164 0.22 -41.68 17.19
CA GLN G 164 1.28 -41.95 16.19
C GLN G 164 2.14 -43.13 16.67
N PHE G 165 2.66 -43.07 17.90
CA PHE G 165 3.49 -44.15 18.47
C PHE G 165 2.76 -45.49 18.32
N THR G 166 1.51 -45.61 18.78
CA THR G 166 0.72 -46.87 18.82
C THR G 166 0.28 -47.30 17.41
N ASP G 167 0.14 -46.39 16.45
CA ASP G 167 -0.13 -46.73 15.02
C ASP G 167 1.01 -47.58 14.47
N LYS G 168 2.24 -47.37 14.97
CA LYS G 168 3.48 -48.04 14.50
C LYS G 168 3.90 -49.20 15.39
N HIS G 169 3.70 -49.14 16.70
CA HIS G 169 4.16 -50.24 17.59
C HIS G 169 2.98 -50.93 18.28
N GLY G 170 1.87 -50.23 18.47
CA GLY G 170 0.73 -50.81 19.19
C GLY G 170 0.90 -50.59 20.69
N GLU G 171 0.01 -51.15 21.51
CA GLU G 171 0.18 -50.97 22.96
C GLU G 171 1.48 -51.68 23.34
N VAL G 172 2.59 -50.94 23.43
CA VAL G 172 3.91 -51.54 23.72
C VAL G 172 4.61 -50.79 24.86
N CYS G 173 3.96 -50.70 26.03
CA CYS G 173 4.53 -50.03 27.22
C CYS G 173 5.97 -50.51 27.45
N ALA H 3 -25.43 -42.43 20.11
CA ALA H 3 -26.40 -42.83 21.17
C ALA H 3 -25.86 -42.42 22.54
N GLY H 4 -26.73 -42.39 23.56
CA GLY H 4 -26.38 -42.02 24.94
C GLY H 4 -27.09 -40.76 25.39
N ASN H 5 -27.35 -40.65 26.69
CA ASN H 5 -28.11 -39.54 27.33
C ASN H 5 -27.17 -38.47 27.90
N ALA H 6 -25.87 -38.77 28.05
CA ALA H 6 -24.87 -37.87 28.67
C ALA H 6 -24.69 -36.64 27.80
N GLN H 7 -24.98 -35.45 28.35
CA GLN H 7 -24.88 -34.14 27.67
C GLN H 7 -24.27 -33.12 28.64
N ILE H 8 -23.32 -32.29 28.17
CA ILE H 8 -22.75 -31.17 28.97
C ILE H 8 -23.93 -30.32 29.44
N GLY H 9 -23.98 -29.95 30.73
CA GLY H 9 -24.99 -29.06 31.31
C GLY H 9 -26.27 -29.81 31.72
N LYS H 10 -26.38 -31.11 31.45
CA LYS H 10 -27.48 -31.97 31.99
C LYS H 10 -26.96 -32.77 33.18
N LEU H 11 -27.88 -33.33 33.96
CA LEU H 11 -27.54 -34.31 35.02
C LEU H 11 -26.85 -35.50 34.36
N ALA H 12 -25.69 -35.89 34.88
CA ALA H 12 -24.98 -37.12 34.44
C ALA H 12 -25.96 -38.28 34.58
N PRO H 13 -26.03 -39.22 33.59
CA PRO H 13 -26.85 -40.42 33.74
C PRO H 13 -26.57 -41.13 35.07
N ASP H 14 -27.64 -41.43 35.81
CA ASP H 14 -27.60 -42.14 37.11
C ASP H 14 -27.68 -43.65 36.85
N PHE H 15 -27.38 -44.44 37.87
CA PHE H 15 -27.27 -45.91 37.78
C PHE H 15 -27.05 -46.44 39.19
N THR H 16 -27.38 -47.71 39.37
CA THR H 16 -26.97 -48.53 40.53
C THR H 16 -26.26 -49.75 39.93
N ALA H 17 -25.15 -50.17 40.55
CA ALA H 17 -24.29 -51.25 40.04
C ALA H 17 -23.45 -51.85 41.17
N LYS H 18 -23.08 -53.11 41.05
CA LYS H 18 -22.14 -53.75 42.00
C LYS H 18 -20.79 -53.07 41.79
N ALA H 19 -20.04 -52.85 42.88
CA ALA H 19 -18.69 -52.26 42.85
C ALA H 19 -17.85 -52.95 43.93
N VAL H 20 -16.58 -53.22 43.62
CA VAL H 20 -15.56 -53.66 44.61
C VAL H 20 -14.98 -52.39 45.24
N MET H 21 -15.35 -52.09 46.48
CA MET H 21 -14.87 -50.88 47.20
C MET H 21 -13.40 -51.07 47.54
N PRO H 22 -12.66 -49.98 47.86
CA PRO H 22 -11.24 -50.09 48.20
C PRO H 22 -10.89 -51.07 49.33
N ASP H 23 -11.80 -51.30 50.29
CA ASP H 23 -11.56 -52.25 51.41
C ASP H 23 -11.65 -53.71 50.91
N GLY H 24 -12.15 -53.93 49.68
CA GLY H 24 -12.28 -55.25 49.03
C GLY H 24 -13.72 -55.74 49.00
N GLN H 25 -14.65 -55.07 49.67
CA GLN H 25 -16.03 -55.55 49.88
C GLN H 25 -16.91 -55.17 48.68
N PHE H 26 -17.94 -55.96 48.38
CA PHE H 26 -18.97 -55.64 47.36
C PHE H 26 -19.97 -54.66 47.97
N LYS H 27 -20.54 -53.80 47.13
CA LYS H 27 -21.53 -52.80 47.54
C LYS H 27 -22.29 -52.32 46.30
N ASP H 28 -23.58 -52.04 46.46
CA ASP H 28 -24.41 -51.33 45.44
C ASP H 28 -23.99 -49.86 45.49
N LEU H 29 -23.48 -49.35 44.38
CA LEU H 29 -22.99 -47.96 44.30
C LEU H 29 -23.90 -47.23 43.33
N LYS H 30 -24.37 -46.04 43.72
CA LYS H 30 -25.31 -45.17 42.97
C LYS H 30 -24.61 -43.84 42.66
N MET H 31 -24.67 -43.37 41.41
CA MET H 31 -23.89 -42.17 40.98
C MET H 31 -24.34 -40.96 41.81
N SER H 32 -25.66 -40.74 41.92
CA SER H 32 -26.30 -39.60 42.64
C SER H 32 -25.95 -39.57 44.15
N ASP H 33 -25.43 -40.67 44.72
CA ASP H 33 -24.94 -40.69 46.13
C ASP H 33 -23.69 -39.84 46.29
N TYR H 34 -23.04 -39.47 45.18
CA TYR H 34 -21.79 -38.67 45.19
C TYR H 34 -22.14 -37.18 45.02
N ARG H 35 -23.42 -36.86 44.88
CA ARG H 35 -23.84 -35.43 44.79
C ARG H 35 -23.30 -34.72 46.03
N GLY H 36 -22.84 -33.50 45.90
CA GLY H 36 -22.24 -32.73 47.00
C GLY H 36 -20.75 -32.59 46.83
N LYS H 37 -20.14 -33.50 46.07
CA LYS H 37 -18.71 -33.40 45.67
C LYS H 37 -18.54 -33.64 44.17
N TYR H 38 -17.44 -33.14 43.62
CA TYR H 38 -17.01 -33.40 42.21
C TYR H 38 -16.72 -34.90 42.09
N VAL H 39 -17.00 -35.44 40.90
CA VAL H 39 -16.70 -36.86 40.56
C VAL H 39 -15.92 -36.89 39.23
N VAL H 40 -14.85 -37.67 39.19
CA VAL H 40 -14.14 -38.07 37.95
C VAL H 40 -14.54 -39.52 37.70
N PHE H 41 -15.35 -39.78 36.67
CA PHE H 41 -15.86 -41.13 36.32
C PHE H 41 -15.16 -41.59 35.04
N PHE H 42 -14.32 -42.63 35.09
CA PHE H 42 -13.62 -43.14 33.89
C PHE H 42 -13.82 -44.66 33.70
N PHE H 43 -14.00 -45.02 32.44
CA PHE H 43 -14.14 -46.41 31.98
C PHE H 43 -12.77 -46.90 31.51
N TYR H 44 -12.54 -48.19 31.70
CA TYR H 44 -11.43 -48.90 31.04
C TYR H 44 -12.09 -50.07 30.30
N PRO H 45 -11.42 -50.63 29.26
CA PRO H 45 -12.02 -51.70 28.45
C PRO H 45 -12.21 -53.05 29.16
N LEU H 46 -11.13 -53.67 29.69
CA LEU H 46 -11.14 -55.06 30.23
C LEU H 46 -10.19 -55.23 31.42
N ASP H 47 -10.63 -55.97 32.44
CA ASP H 47 -9.78 -56.63 33.46
C ASP H 47 -8.84 -57.64 32.80
N PHE H 48 -7.60 -57.74 33.29
CA PHE H 48 -6.62 -58.85 33.03
C PHE H 48 -6.07 -58.80 31.61
N THR H 49 -5.94 -57.64 31.00
CA THR H 49 -5.33 -57.61 29.66
C THR H 49 -3.83 -57.75 29.80
N PHE H 50 -3.15 -57.90 28.69
CA PHE H 50 -1.67 -57.95 28.68
C PHE H 50 -1.12 -56.54 28.59
N VAL H 51 -1.99 -55.54 28.62
CA VAL H 51 -1.59 -54.13 28.80
C VAL H 51 -1.31 -53.90 30.28
N CYS H 52 -0.08 -53.48 30.64
CA CYS H 52 0.26 -52.90 31.97
C CYS H 52 -0.88 -51.99 32.38
N PRO H 53 -1.56 -52.20 33.53
CA PRO H 53 -2.62 -51.29 33.97
C PRO H 53 -2.11 -50.07 34.74
N THR H 54 -1.07 -49.41 34.24
CA THR H 54 -0.39 -48.23 34.86
C THR H 54 -1.39 -47.06 35.00
N GLU H 55 -2.33 -46.92 34.04
CA GLU H 55 -3.38 -45.86 34.02
C GLU H 55 -4.31 -45.98 35.25
N ILE H 56 -4.97 -47.12 35.46
CA ILE H 56 -5.87 -47.37 36.63
C ILE H 56 -5.06 -47.14 37.91
N ILE H 57 -3.81 -47.57 37.93
CA ILE H 57 -2.99 -47.52 39.17
C ILE H 57 -2.65 -46.06 39.48
N ALA H 58 -2.21 -45.31 38.47
CA ALA H 58 -1.92 -43.86 38.55
C ALA H 58 -3.13 -43.11 39.14
N PHE H 59 -4.37 -43.48 38.80
CA PHE H 59 -5.61 -42.81 39.29
C PHE H 59 -5.91 -43.26 40.72
N SER H 60 -5.66 -44.53 41.03
CA SER H 60 -5.73 -45.13 42.39
C SER H 60 -4.76 -44.37 43.32
N ASP H 61 -3.45 -44.44 43.04
CA ASP H 61 -2.42 -43.57 43.67
C ASP H 61 -2.71 -42.16 43.19
N ALA H 62 -3.32 -41.29 43.97
CA ALA H 62 -3.76 -39.94 43.52
C ALA H 62 -5.23 -39.75 43.86
N ALA H 63 -5.95 -40.83 44.19
CA ALA H 63 -7.33 -40.73 44.74
C ALA H 63 -7.35 -39.70 45.88
N ASP H 64 -6.27 -39.57 46.66
CA ASP H 64 -6.27 -38.69 47.86
C ASP H 64 -5.89 -37.26 47.46
N ASP H 65 -5.09 -37.04 46.40
CA ASP H 65 -4.88 -35.70 45.76
C ASP H 65 -6.20 -35.12 45.25
N PHE H 66 -7.17 -35.96 44.83
CA PHE H 66 -8.52 -35.55 44.36
C PHE H 66 -9.46 -35.27 45.55
N LYS H 67 -9.34 -36.06 46.62
CA LYS H 67 -10.15 -35.90 47.85
C LYS H 67 -9.86 -34.55 48.50
N LYS H 68 -8.57 -34.21 48.64
CA LYS H 68 -8.08 -32.91 49.18
C LYS H 68 -8.86 -31.74 48.57
N ILE H 69 -9.26 -31.85 47.30
CA ILE H 69 -9.90 -30.73 46.54
C ILE H 69 -11.40 -31.02 46.37
N GLY H 70 -11.94 -31.96 47.15
CA GLY H 70 -13.41 -32.20 47.20
C GLY H 70 -13.91 -32.99 45.99
N CYS H 71 -13.11 -33.94 45.49
CA CYS H 71 -13.44 -34.76 44.30
C CYS H 71 -13.25 -36.25 44.59
N GLU H 72 -14.22 -37.08 44.26
CA GLU H 72 -14.12 -38.57 44.32
C GLU H 72 -13.72 -39.12 42.95
N VAL H 73 -12.95 -40.20 42.90
CA VAL H 73 -12.62 -40.90 41.63
C VAL H 73 -13.30 -42.28 41.64
N ILE H 74 -13.88 -42.68 40.51
CA ILE H 74 -14.61 -43.96 40.31
C ILE H 74 -14.23 -44.55 38.96
N ALA H 75 -13.89 -45.83 38.90
CA ALA H 75 -13.56 -46.56 37.66
C ALA H 75 -14.69 -47.54 37.34
N ALA H 76 -14.82 -47.91 36.08
CA ALA H 76 -15.88 -48.78 35.58
C ALA H 76 -15.41 -49.50 34.32
N SER H 77 -15.87 -50.74 34.16
CA SER H 77 -15.73 -51.61 32.96
C SER H 77 -16.93 -52.54 32.90
N VAL H 78 -17.08 -53.32 31.84
CA VAL H 78 -18.25 -54.23 31.65
C VAL H 78 -17.97 -55.60 32.30
N ASP H 79 -16.74 -55.86 32.75
CA ASP H 79 -16.37 -57.06 33.54
C ASP H 79 -17.26 -57.09 34.80
N SER H 80 -17.50 -58.28 35.34
CA SER H 80 -18.27 -58.49 36.59
C SER H 80 -17.43 -58.00 37.76
N HIS H 81 -18.08 -57.78 38.91
CA HIS H 81 -17.42 -57.45 40.20
C HIS H 81 -16.57 -58.64 40.68
N PHE H 82 -16.98 -59.87 40.37
CA PHE H 82 -16.17 -61.09 40.65
C PHE H 82 -14.84 -60.92 39.94
N SER H 83 -14.90 -60.51 38.68
CA SER H 83 -13.72 -60.30 37.80
C SER H 83 -12.85 -59.19 38.41
N HIS H 84 -13.48 -58.09 38.86
CA HIS H 84 -12.79 -56.95 39.52
C HIS H 84 -12.02 -57.47 40.74
N LEU H 85 -12.69 -58.21 41.62
CA LEU H 85 -12.10 -58.72 42.88
C LEU H 85 -10.89 -59.59 42.55
N ALA H 86 -11.06 -60.56 41.66
CA ALA H 86 -9.98 -61.52 41.29
C ALA H 86 -8.75 -60.75 40.78
N TRP H 87 -8.94 -59.57 40.19
CA TRP H 87 -7.82 -58.78 39.59
C TRP H 87 -7.09 -57.99 40.67
N ILE H 88 -7.84 -57.45 41.64
CA ILE H 88 -7.31 -56.78 42.86
C ILE H 88 -6.47 -57.80 43.65
N ASN H 89 -6.94 -59.05 43.73
CA ASN H 89 -6.32 -60.11 44.58
C ASN H 89 -5.18 -60.78 43.80
N THR H 90 -4.89 -60.31 42.58
CA THR H 90 -3.69 -60.71 41.79
C THR H 90 -2.58 -59.69 42.09
N PRO H 91 -1.45 -60.10 42.69
CA PRO H 91 -0.33 -59.17 42.90
C PRO H 91 0.20 -58.50 41.63
N ARG H 92 0.69 -57.26 41.74
CA ARG H 92 1.09 -56.41 40.58
C ARG H 92 2.19 -57.07 39.76
N LYS H 93 3.03 -57.89 40.40
CA LYS H 93 4.23 -58.47 39.76
C LYS H 93 3.84 -59.76 39.01
N GLN H 94 2.62 -60.28 39.20
CA GLN H 94 2.07 -61.40 38.39
C GLN H 94 1.05 -60.86 37.39
N GLY H 95 1.09 -59.55 37.08
CA GLY H 95 0.21 -58.93 36.06
C GLY H 95 -1.01 -58.27 36.66
N GLY H 96 -1.22 -58.40 37.97
CA GLY H 96 -2.49 -58.00 38.64
C GLY H 96 -2.56 -56.52 38.91
N LEU H 97 -3.59 -56.11 39.65
CA LEU H 97 -3.91 -54.70 40.00
C LEU H 97 -3.35 -54.35 41.37
N GLY H 98 -3.43 -55.30 42.33
CA GLY H 98 -3.13 -55.08 43.75
C GLY H 98 -4.28 -54.35 44.41
N THR H 99 -4.04 -53.82 45.62
CA THR H 99 -5.06 -53.02 46.36
C THR H 99 -5.35 -51.74 45.55
N MET H 100 -6.63 -51.36 45.52
CA MET H 100 -7.13 -50.13 44.88
C MET H 100 -7.62 -49.17 45.96
N LYS H 101 -7.39 -47.86 45.78
CA LYS H 101 -7.92 -46.79 46.67
C LYS H 101 -9.19 -46.16 46.06
N ILE H 102 -9.73 -46.75 44.98
CA ILE H 102 -10.94 -46.23 44.26
C ILE H 102 -11.87 -47.41 43.98
N PRO H 103 -13.19 -47.24 44.06
CA PRO H 103 -14.10 -48.33 43.71
C PRO H 103 -13.96 -48.70 42.23
N LEU H 104 -14.20 -49.98 41.90
CA LEU H 104 -14.34 -50.50 40.52
C LEU H 104 -15.80 -50.86 40.31
N VAL H 105 -16.53 -50.06 39.53
CA VAL H 105 -17.95 -50.34 39.16
C VAL H 105 -18.02 -51.37 38.04
N SER H 106 -19.03 -52.25 38.12
CA SER H 106 -19.31 -53.30 37.12
C SER H 106 -20.54 -52.86 36.30
N ASP H 107 -20.41 -52.91 34.98
CA ASP H 107 -21.49 -52.59 34.03
C ASP H 107 -21.75 -53.84 33.17
N THR H 108 -22.07 -54.94 33.83
CA THR H 108 -22.33 -56.26 33.18
C THR H 108 -23.49 -56.15 32.19
N ARG H 109 -24.52 -55.34 32.44
CA ARG H 109 -25.66 -55.21 31.49
C ARG H 109 -25.38 -54.17 30.40
N ARG H 110 -24.28 -53.41 30.50
CA ARG H 110 -23.80 -52.44 29.48
C ARG H 110 -24.68 -51.19 29.38
N THR H 111 -25.59 -50.98 30.34
CA THR H 111 -26.52 -49.83 30.31
C THR H 111 -25.74 -48.54 30.64
N ILE H 112 -24.68 -48.63 31.45
CA ILE H 112 -23.93 -47.43 31.90
C ILE H 112 -23.06 -46.97 30.73
N SER H 113 -22.30 -47.90 30.13
CA SER H 113 -21.49 -47.68 28.91
C SER H 113 -22.36 -47.10 27.78
N THR H 114 -23.57 -47.61 27.62
CA THR H 114 -24.53 -47.15 26.58
C THR H 114 -24.97 -45.72 26.91
N ASP H 115 -25.35 -45.45 28.16
CA ASP H 115 -25.87 -44.14 28.62
C ASP H 115 -24.82 -43.03 28.43
N TYR H 116 -23.56 -43.33 28.77
CA TYR H 116 -22.40 -42.42 28.68
C TYR H 116 -21.76 -42.46 27.28
N GLY H 117 -22.34 -43.21 26.34
CA GLY H 117 -21.92 -43.25 24.93
C GLY H 117 -20.48 -43.70 24.76
N VAL H 118 -20.00 -44.65 25.57
CA VAL H 118 -18.60 -45.16 25.43
C VAL H 118 -18.58 -46.61 24.92
N LEU H 119 -19.74 -47.25 24.68
CA LEU H 119 -19.77 -48.68 24.26
C LEU H 119 -19.21 -48.87 22.83
N LYS H 120 -18.09 -49.58 22.71
CA LYS H 120 -17.55 -50.09 21.41
C LYS H 120 -18.35 -51.36 21.04
N GLU H 121 -19.38 -51.19 20.20
CA GLU H 121 -20.45 -52.21 19.96
C GLU H 121 -19.83 -53.54 19.53
N ASP H 122 -18.89 -53.51 18.60
CA ASP H 122 -18.36 -54.72 17.93
C ASP H 122 -17.55 -55.58 18.91
N ASP H 123 -17.12 -55.06 20.06
CA ASP H 123 -16.34 -55.81 21.10
C ASP H 123 -17.18 -56.00 22.36
N GLY H 124 -18.29 -55.27 22.49
CA GLY H 124 -19.10 -55.20 23.72
C GLY H 124 -18.35 -54.62 24.91
N ILE H 125 -17.36 -53.74 24.70
CA ILE H 125 -16.54 -53.13 25.80
C ILE H 125 -16.51 -51.63 25.64
N ALA H 126 -16.22 -50.92 26.73
CA ALA H 126 -16.15 -49.45 26.78
C ALA H 126 -14.83 -48.97 26.17
N TYR H 127 -14.87 -47.90 25.40
CA TYR H 127 -13.69 -47.04 25.11
C TYR H 127 -13.18 -46.45 26.43
N ARG H 128 -12.00 -45.83 26.36
CA ARG H 128 -11.39 -45.09 27.48
C ARG H 128 -12.13 -43.75 27.61
N GLY H 129 -13.33 -43.80 28.17
CA GLY H 129 -14.12 -42.62 28.54
C GLY H 129 -13.73 -42.07 29.90
N LEU H 130 -13.60 -40.76 30.01
CA LEU H 130 -13.50 -40.05 31.31
C LEU H 130 -14.50 -38.88 31.33
N PHE H 131 -15.26 -38.78 32.40
CA PHE H 131 -16.34 -37.79 32.60
C PHE H 131 -16.08 -37.03 33.90
N ILE H 132 -16.20 -35.72 33.86
CA ILE H 132 -16.12 -34.88 35.08
C ILE H 132 -17.53 -34.39 35.37
N ILE H 133 -18.04 -34.71 36.57
CA ILE H 133 -19.41 -34.36 37.02
C ILE H 133 -19.21 -33.45 38.22
N ASP H 134 -19.98 -32.37 38.34
CA ASP H 134 -19.81 -31.38 39.44
C ASP H 134 -20.64 -31.82 40.65
N ASP H 135 -20.61 -31.02 41.72
CA ASP H 135 -21.24 -31.28 43.03
C ASP H 135 -22.76 -31.36 42.89
N LYS H 136 -23.33 -30.84 41.82
CA LYS H 136 -24.80 -30.83 41.60
C LYS H 136 -25.22 -31.96 40.66
N GLY H 137 -24.29 -32.82 40.26
CA GLY H 137 -24.55 -33.97 39.37
C GLY H 137 -24.61 -33.58 37.88
N ILE H 138 -24.24 -32.33 37.56
CA ILE H 138 -24.18 -31.82 36.16
C ILE H 138 -22.89 -32.28 35.50
N LEU H 139 -22.97 -32.88 34.33
CA LEU H 139 -21.79 -33.25 33.51
C LEU H 139 -21.10 -31.99 33.02
N ARG H 140 -19.78 -31.88 33.17
CA ARG H 140 -19.01 -30.66 32.79
C ARG H 140 -17.94 -30.96 31.74
N GLN H 141 -17.65 -32.21 31.45
CA GLN H 141 -16.51 -32.54 30.57
C GLN H 141 -16.64 -33.99 30.13
N ILE H 142 -16.41 -34.25 28.85
CA ILE H 142 -16.42 -35.60 28.23
C ILE H 142 -15.07 -35.75 27.57
N THR H 143 -14.38 -36.85 27.87
CA THR H 143 -13.16 -37.27 27.16
C THR H 143 -13.36 -38.72 26.75
N ILE H 144 -13.15 -39.05 25.47
CA ILE H 144 -13.18 -40.46 24.97
C ILE H 144 -11.95 -40.69 24.10
N ASN H 145 -11.09 -41.63 24.49
CA ASN H 145 -9.92 -42.12 23.70
C ASN H 145 -10.24 -43.46 23.01
N ASP H 146 -9.60 -43.71 21.88
CA ASP H 146 -9.51 -45.05 21.25
C ASP H 146 -8.70 -45.92 22.23
N LEU H 147 -8.85 -47.25 22.14
CA LEU H 147 -8.31 -48.22 23.13
C LEU H 147 -6.80 -48.07 23.34
N PRO H 148 -5.95 -47.80 22.32
CA PRO H 148 -4.50 -47.79 22.53
C PRO H 148 -3.90 -46.66 23.37
N VAL H 149 -4.63 -45.60 23.72
CA VAL H 149 -4.03 -44.43 24.42
C VAL H 149 -4.75 -44.14 25.72
N GLY H 150 -4.00 -44.04 26.81
CA GLY H 150 -4.53 -43.76 28.15
C GLY H 150 -4.66 -42.27 28.46
N ARG H 151 -5.26 -41.98 29.60
CA ARG H 151 -5.59 -40.64 30.11
C ARG H 151 -4.48 -40.19 31.06
N SER H 152 -4.38 -38.90 31.32
CA SER H 152 -3.36 -38.28 32.20
C SER H 152 -4.05 -37.79 33.47
N VAL H 153 -3.54 -38.20 34.62
CA VAL H 153 -4.01 -37.74 35.96
C VAL H 153 -3.85 -36.22 36.06
N GLU H 154 -2.73 -35.68 35.58
CA GLU H 154 -2.36 -34.25 35.71
C GLU H 154 -3.34 -33.39 34.92
N GLU H 155 -3.70 -33.82 33.72
CA GLU H 155 -4.69 -33.10 32.89
C GLU H 155 -6.03 -33.15 33.62
N THR H 156 -6.36 -34.28 34.24
CA THR H 156 -7.69 -34.46 34.90
C THR H 156 -7.81 -33.54 36.12
N LEU H 157 -6.74 -33.43 36.91
CA LEU H 157 -6.61 -32.46 38.04
C LEU H 157 -6.80 -31.03 37.55
N ARG H 158 -6.04 -30.63 36.54
CA ARG H 158 -6.13 -29.26 35.96
C ARG H 158 -7.62 -28.93 35.72
N LEU H 159 -8.32 -29.81 35.00
CA LEU H 159 -9.74 -29.63 34.61
C LEU H 159 -10.63 -29.49 35.85
N VAL H 160 -10.49 -30.41 36.80
CA VAL H 160 -11.35 -30.42 38.02
C VAL H 160 -11.13 -29.08 38.76
N GLN H 161 -9.86 -28.67 38.93
CA GLN H 161 -9.46 -27.42 39.62
C GLN H 161 -10.03 -26.22 38.86
N ALA H 162 -9.92 -26.22 37.53
CA ALA H 162 -10.46 -25.17 36.63
C ALA H 162 -11.98 -25.07 36.75
N PHE H 163 -12.71 -26.19 36.85
CA PHE H 163 -14.19 -26.15 36.94
C PHE H 163 -14.62 -25.56 38.29
N GLN H 164 -13.90 -25.89 39.36
CA GLN H 164 -14.19 -25.42 40.74
C GLN H 164 -13.89 -23.92 40.82
N PHE H 165 -12.75 -23.50 40.27
CA PHE H 165 -12.34 -22.09 40.21
C PHE H 165 -13.43 -21.26 39.50
N THR H 166 -13.91 -21.73 38.34
CA THR H 166 -14.89 -20.97 37.49
C THR H 166 -16.31 -21.08 38.05
N ASP H 167 -16.62 -22.08 38.88
CA ASP H 167 -17.91 -22.15 39.63
C ASP H 167 -18.00 -21.00 40.65
N LYS H 168 -16.86 -20.47 41.10
CA LYS H 168 -16.79 -19.45 42.18
C LYS H 168 -16.50 -18.07 41.60
N HIS H 169 -15.64 -17.95 40.57
CA HIS H 169 -15.15 -16.64 40.07
C HIS H 169 -15.53 -16.40 38.61
N GLY H 170 -16.13 -17.35 37.91
CA GLY H 170 -16.38 -17.22 36.46
C GLY H 170 -15.07 -17.20 35.69
N GLU H 171 -15.16 -17.19 34.36
CA GLU H 171 -14.00 -17.39 33.44
C GLU H 171 -12.96 -16.30 33.69
N VAL H 172 -11.72 -16.70 33.96
CA VAL H 172 -10.63 -15.72 34.19
C VAL H 172 -9.79 -15.69 32.93
N CYS H 173 -9.48 -14.50 32.44
CA CYS H 173 -8.54 -14.35 31.31
C CYS H 173 -7.22 -15.01 31.69
N PRO H 174 -7.06 -16.28 31.27
CA PRO H 174 -5.98 -17.11 31.78
C PRO H 174 -4.66 -16.70 31.14
N ALA H 175 -3.60 -17.48 31.45
CA ALA H 175 -2.17 -17.18 31.17
C ALA H 175 -1.79 -17.63 29.76
N ALA I 3 -41.70 -22.44 5.11
CA ALA I 3 -41.34 -22.00 6.49
C ALA I 3 -41.67 -20.50 6.64
N GLY I 4 -42.19 -20.13 7.79
CA GLY I 4 -42.60 -18.75 8.08
C GLY I 4 -43.99 -18.74 8.65
N ASN I 5 -44.15 -18.14 9.84
CA ASN I 5 -45.46 -17.85 10.49
C ASN I 5 -45.93 -16.47 10.09
N ALA I 6 -45.09 -15.67 9.44
CA ALA I 6 -45.37 -14.24 9.14
C ALA I 6 -46.42 -14.17 8.02
N GLN I 7 -47.64 -13.77 8.38
CA GLN I 7 -48.74 -13.55 7.42
C GLN I 7 -49.31 -12.15 7.65
N ILE I 8 -49.51 -11.41 6.56
CA ILE I 8 -50.35 -10.17 6.55
C ILE I 8 -51.66 -10.48 7.31
N GLY I 9 -52.02 -9.67 8.29
CA GLY I 9 -53.32 -9.71 8.98
C GLY I 9 -53.27 -10.54 10.25
N LYS I 10 -52.13 -11.16 10.55
CA LYS I 10 -51.92 -11.98 11.77
C LYS I 10 -50.93 -11.26 12.69
N LEU I 11 -50.88 -11.69 13.95
CA LEU I 11 -49.80 -11.28 14.88
C LEU I 11 -48.46 -11.69 14.27
N ALA I 12 -47.59 -10.70 14.04
CA ALA I 12 -46.16 -10.86 13.69
C ALA I 12 -45.53 -11.84 14.68
N PRO I 13 -44.73 -12.83 14.21
CA PRO I 13 -44.10 -13.79 15.12
C PRO I 13 -43.33 -13.06 16.23
N ASP I 14 -43.61 -13.42 17.49
CA ASP I 14 -42.91 -12.87 18.69
C ASP I 14 -41.59 -13.64 18.89
N PHE I 15 -40.74 -13.11 19.75
CA PHE I 15 -39.40 -13.65 20.10
C PHE I 15 -38.81 -12.83 21.23
N THR I 16 -37.88 -13.44 21.97
CA THR I 16 -36.99 -12.77 22.95
C THR I 16 -35.58 -13.06 22.50
N ALA I 17 -34.77 -12.03 22.34
CA ALA I 17 -33.40 -12.17 21.79
C ALA I 17 -32.48 -11.16 22.45
N LYS I 18 -31.19 -11.48 22.52
CA LYS I 18 -30.12 -10.53 22.91
C LYS I 18 -30.12 -9.40 21.87
N ALA I 19 -29.90 -8.17 22.30
CA ALA I 19 -29.74 -7.01 21.40
C ALA I 19 -28.75 -6.03 22.01
N VAL I 20 -28.02 -5.29 21.17
CA VAL I 20 -27.20 -4.11 21.58
C VAL I 20 -28.06 -2.86 21.41
N MET I 21 -28.48 -2.26 22.53
CA MET I 21 -29.34 -1.05 22.52
C MET I 21 -28.47 0.10 22.03
N PRO I 22 -29.10 1.23 21.62
CA PRO I 22 -28.36 2.39 21.13
C PRO I 22 -27.33 2.95 22.13
N ASP I 23 -27.53 2.71 23.44
CA ASP I 23 -26.60 3.16 24.50
C ASP I 23 -25.37 2.25 24.60
N GLY I 24 -25.38 1.08 23.93
CA GLY I 24 -24.24 0.15 23.86
C GLY I 24 -24.39 -1.05 24.78
N GLN I 25 -25.52 -1.18 25.48
CA GLN I 25 -25.73 -2.23 26.52
C GLN I 25 -26.52 -3.39 25.95
N PHE I 26 -26.15 -4.60 26.33
CA PHE I 26 -26.89 -5.85 26.05
C PHE I 26 -28.21 -5.81 26.82
N LYS I 27 -29.31 -6.07 26.12
CA LYS I 27 -30.65 -6.23 26.74
C LYS I 27 -31.41 -7.34 26.01
N ASP I 28 -32.16 -8.14 26.75
CA ASP I 28 -33.16 -9.07 26.17
C ASP I 28 -34.28 -8.18 25.63
N LEU I 29 -34.62 -8.34 24.35
CA LEU I 29 -35.61 -7.50 23.63
C LEU I 29 -36.77 -8.41 23.19
N LYS I 30 -38.00 -8.10 23.61
CA LYS I 30 -39.21 -8.85 23.19
C LYS I 30 -40.01 -8.01 22.20
N MET I 31 -40.42 -8.59 21.07
CA MET I 31 -41.18 -7.87 20.01
C MET I 31 -42.48 -7.29 20.61
N SER I 32 -43.23 -8.07 21.40
CA SER I 32 -44.56 -7.70 21.94
C SER I 32 -44.48 -6.49 22.89
N ASP I 33 -43.29 -6.17 23.43
CA ASP I 33 -43.04 -4.95 24.25
C ASP I 33 -43.30 -3.68 23.43
N TYR I 34 -43.17 -3.76 22.11
CA TYR I 34 -43.29 -2.61 21.17
C TYR I 34 -44.75 -2.37 20.79
N ARG I 35 -45.67 -3.17 21.33
CA ARG I 35 -47.12 -2.94 21.10
C ARG I 35 -47.49 -1.61 21.75
N GLY I 36 -48.41 -0.89 21.13
CA GLY I 36 -48.76 0.50 21.46
C GLY I 36 -48.20 1.44 20.41
N LYS I 37 -47.21 0.97 19.65
CA LYS I 37 -46.56 1.77 18.59
C LYS I 37 -46.30 0.90 17.35
N TYR I 38 -46.13 1.53 16.20
CA TYR I 38 -45.76 0.84 14.94
C TYR I 38 -44.31 0.38 15.06
N VAL I 39 -43.93 -0.66 14.32
CA VAL I 39 -42.54 -1.20 14.26
C VAL I 39 -42.12 -1.37 12.79
N VAL I 40 -40.99 -0.79 12.43
CA VAL I 40 -40.22 -1.17 11.20
C VAL I 40 -39.14 -2.15 11.66
N PHE I 41 -39.25 -3.40 11.21
CA PHE I 41 -38.34 -4.51 11.58
C PHE I 41 -37.62 -4.99 10.32
N PHE I 42 -36.31 -4.83 10.27
CA PHE I 42 -35.55 -5.18 9.04
C PHE I 42 -34.35 -6.07 9.40
N PHE I 43 -34.06 -7.01 8.49
CA PHE I 43 -32.94 -7.97 8.57
C PHE I 43 -31.81 -7.51 7.66
N TYR I 44 -30.57 -7.81 8.05
CA TYR I 44 -29.41 -7.66 7.15
C TYR I 44 -28.63 -8.97 7.20
N PRO I 45 -27.83 -9.28 6.18
CA PRO I 45 -27.18 -10.58 6.10
C PRO I 45 -26.12 -10.77 7.21
N LEU I 46 -25.09 -9.91 7.25
CA LEU I 46 -23.89 -10.15 8.10
C LEU I 46 -23.28 -8.82 8.54
N ASP I 47 -22.72 -8.83 9.75
CA ASP I 47 -21.80 -7.79 10.26
C ASP I 47 -20.48 -7.83 9.51
N PHE I 48 -19.73 -6.73 9.54
CA PHE I 48 -18.33 -6.63 9.06
C PHE I 48 -18.20 -7.02 7.60
N THR I 49 -19.18 -6.72 6.76
CA THR I 49 -19.06 -7.12 5.35
C THR I 49 -18.23 -6.08 4.64
N PHE I 50 -17.61 -6.55 3.57
CA PHE I 50 -16.97 -5.69 2.56
C PHE I 50 -17.96 -4.60 2.14
N VAL I 51 -19.22 -4.94 1.84
CA VAL I 51 -20.24 -3.94 1.36
C VAL I 51 -20.51 -2.94 2.48
N CYS I 52 -20.48 -1.64 2.16
CA CYS I 52 -20.66 -0.57 3.17
C CYS I 52 -22.09 -0.66 3.70
N PRO I 53 -22.25 -0.50 5.04
CA PRO I 53 -23.56 -0.49 5.67
C PRO I 53 -24.30 0.85 5.64
N THR I 54 -24.18 1.59 4.55
CA THR I 54 -24.92 2.86 4.32
C THR I 54 -26.43 2.66 4.60
N GLU I 55 -26.99 1.49 4.25
CA GLU I 55 -28.44 1.20 4.40
C GLU I 55 -28.80 1.18 5.89
N ILE I 56 -28.12 0.35 6.70
CA ILE I 56 -28.30 0.32 8.19
C ILE I 56 -28.13 1.73 8.74
N ILE I 57 -27.07 2.44 8.32
CA ILE I 57 -26.72 3.81 8.81
C ILE I 57 -27.92 4.74 8.54
N ALA I 58 -28.43 4.66 7.31
CA ALA I 58 -29.55 5.48 6.82
C ALA I 58 -30.76 5.31 7.75
N PHE I 59 -31.07 4.09 8.20
CA PHE I 59 -32.23 3.79 9.08
C PHE I 59 -31.97 4.26 10.51
N SER I 60 -30.70 4.29 10.95
CA SER I 60 -30.31 4.74 12.31
C SER I 60 -30.58 6.24 12.40
N ASP I 61 -29.94 7.01 11.51
CA ASP I 61 -30.29 8.44 11.27
C ASP I 61 -31.75 8.45 10.84
N ALA I 62 -32.64 9.18 11.49
CA ALA I 62 -34.09 9.23 11.14
C ALA I 62 -34.87 8.17 11.93
N ALA I 63 -34.26 7.49 12.89
CA ALA I 63 -34.99 6.76 13.95
C ALA I 63 -35.87 7.75 14.72
N ASP I 64 -35.48 9.03 14.79
CA ASP I 64 -36.27 10.09 15.47
C ASP I 64 -37.38 10.57 14.51
N ASP I 65 -37.13 10.67 13.20
CA ASP I 65 -38.16 10.94 12.16
C ASP I 65 -39.29 9.90 12.27
N PHE I 66 -38.98 8.67 12.71
CA PHE I 66 -39.92 7.52 12.89
C PHE I 66 -40.56 7.58 14.29
N LYS I 67 -39.78 7.94 15.31
CA LYS I 67 -40.30 8.11 16.70
C LYS I 67 -41.33 9.25 16.69
N LYS I 68 -41.11 10.26 15.85
CA LYS I 68 -42.01 11.44 15.76
C LYS I 68 -43.44 11.02 15.41
N ILE I 69 -43.59 10.00 14.56
CA ILE I 69 -44.93 9.53 14.07
C ILE I 69 -45.32 8.22 14.76
N GLY I 70 -44.71 7.89 15.90
CA GLY I 70 -45.12 6.77 16.77
C GLY I 70 -44.70 5.42 16.20
N CYS I 71 -43.54 5.36 15.56
CA CYS I 71 -42.97 4.12 14.96
C CYS I 71 -41.54 3.90 15.47
N GLU I 72 -41.26 2.72 16.05
CA GLU I 72 -39.91 2.30 16.50
C GLU I 72 -39.24 1.49 15.39
N VAL I 73 -37.90 1.53 15.28
CA VAL I 73 -37.12 0.79 14.24
C VAL I 73 -36.12 -0.15 14.90
N ILE I 74 -36.14 -1.44 14.52
CA ILE I 74 -35.28 -2.54 15.04
C ILE I 74 -34.58 -3.23 13.86
N ALA I 75 -33.26 -3.39 13.91
CA ALA I 75 -32.46 -4.18 12.94
C ALA I 75 -32.14 -5.54 13.57
N ALA I 76 -32.01 -6.59 12.75
CA ALA I 76 -31.59 -7.96 13.16
C ALA I 76 -30.64 -8.56 12.13
N SER I 77 -29.71 -9.40 12.59
CA SER I 77 -28.87 -10.30 11.75
C SER I 77 -28.64 -11.59 12.53
N VAL I 78 -28.16 -12.63 11.88
CA VAL I 78 -27.89 -13.93 12.57
C VAL I 78 -26.60 -13.83 13.40
N ASP I 79 -25.79 -12.78 13.23
CA ASP I 79 -24.55 -12.55 14.02
C ASP I 79 -24.86 -12.50 15.51
N SER I 80 -23.87 -12.83 16.36
CA SER I 80 -23.94 -12.70 17.84
C SER I 80 -24.04 -11.23 18.24
N HIS I 81 -24.57 -10.96 19.42
CA HIS I 81 -24.59 -9.61 20.06
C HIS I 81 -23.14 -9.09 20.22
N PHE I 82 -22.18 -9.97 20.55
CA PHE I 82 -20.76 -9.59 20.69
C PHE I 82 -20.20 -9.09 19.35
N SER I 83 -20.61 -9.73 18.26
CA SER I 83 -20.30 -9.32 16.87
C SER I 83 -20.87 -7.90 16.61
N HIS I 84 -22.15 -7.71 16.91
CA HIS I 84 -22.85 -6.41 16.82
C HIS I 84 -22.06 -5.34 17.59
N LEU I 85 -21.68 -5.60 18.85
CA LEU I 85 -21.05 -4.60 19.75
C LEU I 85 -19.73 -4.12 19.16
N ALA I 86 -18.99 -5.07 18.58
CA ALA I 86 -17.66 -4.89 17.96
C ALA I 86 -17.80 -4.02 16.70
N TRP I 87 -18.87 -4.22 15.93
CA TRP I 87 -19.11 -3.48 14.67
C TRP I 87 -19.50 -2.04 14.97
N ILE I 88 -20.40 -1.82 15.93
CA ILE I 88 -20.74 -0.49 16.51
C ILE I 88 -19.46 0.22 16.99
N ASN I 89 -18.58 -0.47 17.71
CA ASN I 89 -17.39 0.13 18.36
C ASN I 89 -16.28 0.39 17.33
N THR I 90 -16.51 -0.03 16.08
CA THR I 90 -15.66 0.30 14.92
C THR I 90 -16.14 1.66 14.40
N PRO I 91 -15.31 2.73 14.44
CA PRO I 91 -15.70 4.01 13.82
C PRO I 91 -16.09 3.88 12.33
N ARG I 92 -17.07 4.68 11.90
CA ARG I 92 -17.60 4.66 10.50
C ARG I 92 -16.46 4.80 9.51
N LYS I 93 -15.46 5.62 9.87
CA LYS I 93 -14.31 5.99 9.01
C LYS I 93 -13.46 4.75 8.67
N GLN I 94 -13.49 3.73 9.53
CA GLN I 94 -12.76 2.45 9.32
C GLN I 94 -13.75 1.34 8.95
N GLY I 95 -14.87 1.69 8.32
CA GLY I 95 -15.83 0.74 7.73
C GLY I 95 -16.77 0.11 8.75
N GLY I 96 -16.74 0.56 10.00
CA GLY I 96 -17.68 0.11 11.04
C GLY I 96 -19.03 0.79 10.92
N LEU I 97 -19.87 0.63 11.94
CA LEU I 97 -21.21 1.26 12.06
C LEU I 97 -21.11 2.57 12.84
N GLY I 98 -20.16 2.70 13.77
CA GLY I 98 -20.19 3.75 14.81
C GLY I 98 -21.42 3.59 15.68
N THR I 99 -21.77 4.61 16.48
CA THR I 99 -22.93 4.55 17.40
C THR I 99 -24.16 4.25 16.55
N MET I 100 -25.14 3.57 17.15
CA MET I 100 -26.46 3.31 16.53
C MET I 100 -27.53 4.01 17.36
N LYS I 101 -28.59 4.48 16.69
CA LYS I 101 -29.80 5.08 17.31
C LYS I 101 -30.93 4.04 17.35
N ILE I 102 -30.66 2.83 16.84
CA ILE I 102 -31.64 1.69 16.80
C ILE I 102 -31.00 0.46 17.46
N PRO I 103 -31.81 -0.38 18.14
CA PRO I 103 -31.33 -1.65 18.68
C PRO I 103 -30.98 -2.65 17.57
N LEU I 104 -29.92 -3.45 17.79
CA LEU I 104 -29.44 -4.48 16.85
C LEU I 104 -29.64 -5.86 17.46
N VAL I 105 -30.67 -6.59 17.02
CA VAL I 105 -31.04 -7.94 17.56
C VAL I 105 -30.13 -9.02 16.95
N SER I 106 -29.85 -10.09 17.73
CA SER I 106 -29.05 -11.26 17.32
C SER I 106 -29.96 -12.49 17.16
N ASP I 107 -29.87 -13.15 16.02
CA ASP I 107 -30.68 -14.35 15.70
C ASP I 107 -29.74 -15.54 15.49
N THR I 108 -28.90 -15.86 16.47
CA THR I 108 -27.86 -16.92 16.34
C THR I 108 -28.52 -18.31 16.28
N ARG I 109 -29.72 -18.50 16.83
CA ARG I 109 -30.46 -19.78 16.70
C ARG I 109 -31.28 -19.82 15.41
N ARG I 110 -31.38 -18.69 14.68
CA ARG I 110 -32.00 -18.61 13.33
C ARG I 110 -33.51 -18.82 13.40
N THR I 111 -34.10 -18.78 14.59
CA THR I 111 -35.55 -19.02 14.82
C THR I 111 -36.35 -17.84 14.27
N ILE I 112 -35.82 -16.62 14.41
CA ILE I 112 -36.51 -15.36 14.01
C ILE I 112 -36.50 -15.28 12.48
N SER I 113 -35.34 -15.44 11.86
CA SER I 113 -35.18 -15.46 10.38
C SER I 113 -36.11 -16.53 9.81
N THR I 114 -36.27 -17.65 10.50
CA THR I 114 -37.07 -18.81 10.03
C THR I 114 -38.55 -18.40 10.02
N ASP I 115 -38.98 -17.69 11.06
CA ASP I 115 -40.42 -17.36 11.31
C ASP I 115 -40.86 -16.24 10.36
N TYR I 116 -39.99 -15.25 10.13
CA TYR I 116 -40.23 -14.12 9.19
C TYR I 116 -40.00 -14.58 7.74
N GLY I 117 -39.55 -15.82 7.51
CA GLY I 117 -39.39 -16.43 6.18
C GLY I 117 -38.35 -15.70 5.33
N VAL I 118 -37.24 -15.27 5.94
CA VAL I 118 -36.17 -14.50 5.23
C VAL I 118 -34.83 -15.23 5.34
N LEU I 119 -34.80 -16.45 5.87
CA LEU I 119 -33.54 -17.23 6.00
C LEU I 119 -33.13 -17.78 4.61
N LYS I 120 -31.89 -17.50 4.19
CA LYS I 120 -31.22 -18.04 2.99
C LYS I 120 -30.54 -19.35 3.36
N GLU I 121 -31.21 -20.47 3.15
CA GLU I 121 -30.76 -21.77 3.68
C GLU I 121 -29.27 -21.95 3.44
N ASP I 122 -28.83 -21.82 2.19
CA ASP I 122 -27.48 -22.27 1.75
C ASP I 122 -26.37 -21.38 2.34
N ASP I 123 -26.65 -20.21 2.90
CA ASP I 123 -25.61 -19.38 3.56
C ASP I 123 -25.87 -19.30 5.07
N GLY I 124 -27.09 -19.63 5.52
CA GLY I 124 -27.51 -19.50 6.94
C GLY I 124 -27.58 -18.05 7.41
N ILE I 125 -27.82 -17.12 6.49
CA ILE I 125 -27.96 -15.66 6.76
C ILE I 125 -29.32 -15.19 6.24
N ALA I 126 -29.86 -14.13 6.81
CA ALA I 126 -31.14 -13.52 6.41
C ALA I 126 -30.97 -12.77 5.07
N TYR I 127 -31.99 -12.85 4.21
CA TYR I 127 -32.21 -11.92 3.08
C TYR I 127 -32.51 -10.53 3.64
N ARG I 128 -32.58 -9.52 2.76
CA ARG I 128 -32.85 -8.11 3.15
C ARG I 128 -34.36 -7.91 3.32
N GLY I 129 -34.92 -8.56 4.34
CA GLY I 129 -36.35 -8.53 4.67
C GLY I 129 -36.64 -7.33 5.51
N LEU I 130 -37.73 -6.63 5.22
CA LEU I 130 -38.24 -5.50 6.03
C LEU I 130 -39.74 -5.70 6.25
N PHE I 131 -40.19 -5.51 7.49
CA PHE I 131 -41.56 -5.83 7.95
C PHE I 131 -42.11 -4.62 8.71
N ILE I 132 -43.39 -4.31 8.50
CA ILE I 132 -44.11 -3.20 9.17
C ILE I 132 -45.22 -3.84 9.99
N ILE I 133 -45.11 -3.70 11.30
CA ILE I 133 -46.10 -4.20 12.31
C ILE I 133 -46.78 -2.99 12.96
N ASP I 134 -48.09 -3.08 13.22
CA ASP I 134 -48.90 -1.95 13.73
C ASP I 134 -48.88 -1.97 15.26
N ASP I 135 -49.45 -0.94 15.88
CA ASP I 135 -49.55 -0.73 17.35
C ASP I 135 -50.22 -1.95 18.01
N LYS I 136 -50.98 -2.76 17.27
CA LYS I 136 -51.70 -3.95 17.82
C LYS I 136 -50.85 -5.21 17.63
N GLY I 137 -49.73 -5.08 16.90
CA GLY I 137 -48.76 -6.16 16.66
C GLY I 137 -49.13 -7.02 15.46
N ILE I 138 -50.07 -6.56 14.62
CA ILE I 138 -50.49 -7.26 13.39
C ILE I 138 -49.49 -6.86 12.30
N LEU I 139 -49.16 -7.80 11.42
CA LEU I 139 -48.23 -7.59 10.30
C LEU I 139 -48.98 -6.93 9.13
N ARG I 140 -48.43 -5.86 8.56
CA ARG I 140 -49.14 -5.02 7.56
C ARG I 140 -48.46 -5.06 6.20
N GLN I 141 -47.15 -5.30 6.19
CA GLN I 141 -46.31 -5.13 4.99
C GLN I 141 -45.14 -6.12 5.08
N ILE I 142 -44.88 -6.86 4.01
CA ILE I 142 -43.68 -7.71 3.81
C ILE I 142 -42.88 -7.17 2.62
N THR I 143 -41.57 -6.99 2.78
CA THR I 143 -40.60 -6.63 1.71
C THR I 143 -39.37 -7.53 1.84
N ILE I 144 -39.06 -8.37 0.86
CA ILE I 144 -37.82 -9.20 0.85
C ILE I 144 -37.04 -8.95 -0.43
N ASN I 145 -35.85 -8.34 -0.34
CA ASN I 145 -34.94 -8.14 -1.50
C ASN I 145 -33.89 -9.25 -1.49
N ASP I 146 -33.43 -9.66 -2.67
CA ASP I 146 -32.14 -10.37 -2.84
C ASP I 146 -31.03 -9.48 -2.26
N LEU I 147 -29.90 -10.11 -1.89
CA LEU I 147 -28.83 -9.48 -1.07
C LEU I 147 -28.30 -8.21 -1.74
N PRO I 148 -28.04 -8.19 -3.07
CA PRO I 148 -27.34 -7.07 -3.67
C PRO I 148 -28.06 -5.69 -3.60
N VAL I 149 -29.36 -5.65 -3.27
CA VAL I 149 -30.16 -4.39 -3.42
C VAL I 149 -30.76 -3.98 -2.07
N GLY I 150 -30.55 -2.72 -1.70
CA GLY I 150 -30.98 -2.18 -0.39
C GLY I 150 -32.38 -1.61 -0.42
N ARG I 151 -32.83 -1.18 0.76
CA ARG I 151 -34.20 -0.64 1.00
C ARG I 151 -34.11 0.87 1.10
N SER I 152 -35.23 1.58 0.91
CA SER I 152 -35.31 3.06 0.93
C SER I 152 -36.03 3.49 2.21
N VAL I 153 -35.39 4.35 3.02
CA VAL I 153 -35.98 5.03 4.20
C VAL I 153 -37.28 5.76 3.80
N GLU I 154 -37.21 6.61 2.76
CA GLU I 154 -38.35 7.40 2.24
C GLU I 154 -39.57 6.50 2.02
N GLU I 155 -39.40 5.44 1.23
CA GLU I 155 -40.49 4.50 0.86
C GLU I 155 -41.07 3.87 2.13
N THR I 156 -40.23 3.60 3.12
CA THR I 156 -40.64 2.99 4.41
C THR I 156 -41.52 3.98 5.18
N LEU I 157 -41.10 5.25 5.27
CA LEU I 157 -41.90 6.34 5.89
C LEU I 157 -43.29 6.39 5.24
N ARG I 158 -43.34 6.45 3.90
CA ARG I 158 -44.61 6.54 3.14
C ARG I 158 -45.53 5.39 3.56
N LEU I 159 -45.01 4.17 3.57
CA LEU I 159 -45.80 2.95 3.89
C LEU I 159 -46.35 3.08 5.32
N VAL I 160 -45.53 3.56 6.25
CA VAL I 160 -45.92 3.62 7.69
C VAL I 160 -47.03 4.65 7.84
N GLN I 161 -46.80 5.86 7.33
CA GLN I 161 -47.76 7.00 7.36
C GLN I 161 -49.06 6.57 6.70
N ALA I 162 -48.98 6.01 5.48
CA ALA I 162 -50.14 5.45 4.75
C ALA I 162 -50.94 4.52 5.69
N PHE I 163 -50.30 3.52 6.30
CA PHE I 163 -50.97 2.54 7.18
C PHE I 163 -51.66 3.29 8.33
N GLN I 164 -50.96 4.25 8.95
CA GLN I 164 -51.47 5.04 10.12
C GLN I 164 -52.68 5.88 9.70
N PHE I 165 -52.60 6.54 8.54
CA PHE I 165 -53.70 7.35 7.99
C PHE I 165 -54.90 6.43 7.75
N THR I 166 -54.70 5.32 7.04
CA THR I 166 -55.79 4.39 6.62
C THR I 166 -56.34 3.64 7.83
N ASP I 167 -55.60 3.61 8.95
CA ASP I 167 -56.09 3.06 10.25
C ASP I 167 -57.24 3.93 10.77
N LYS I 168 -57.24 5.22 10.43
CA LYS I 168 -58.18 6.26 10.96
C LYS I 168 -59.25 6.66 9.94
N HIS I 169 -58.86 6.85 8.68
CA HIS I 169 -59.73 7.36 7.58
C HIS I 169 -60.24 6.22 6.69
N GLY I 170 -59.42 5.65 5.80
CA GLY I 170 -59.85 4.46 5.04
C GLY I 170 -59.44 4.55 3.59
N GLU I 171 -60.28 5.09 2.71
CA GLU I 171 -59.97 5.19 1.25
C GLU I 171 -59.33 6.55 0.92
N VAL I 172 -58.44 6.59 -0.09
CA VAL I 172 -57.71 7.82 -0.46
C VAL I 172 -58.47 8.57 -1.55
N CYS I 173 -57.85 8.73 -2.72
CA CYS I 173 -58.44 9.21 -4.01
C CYS I 173 -58.64 10.72 -3.98
N ALA J 3 -48.59 -21.17 2.54
CA ALA J 3 -48.53 -21.74 1.17
C ALA J 3 -47.67 -20.82 0.28
N GLY J 4 -47.26 -21.31 -0.88
CA GLY J 4 -46.46 -20.56 -1.86
C GLY J 4 -45.23 -21.33 -2.28
N ASN J 5 -44.93 -21.31 -3.58
CA ASN J 5 -43.68 -21.89 -4.18
C ASN J 5 -42.69 -20.76 -4.46
N ALA J 6 -43.11 -19.50 -4.26
CA ALA J 6 -42.35 -18.30 -4.64
C ALA J 6 -41.24 -18.02 -3.63
N GLN J 7 -39.98 -18.17 -4.04
CA GLN J 7 -38.78 -17.95 -3.20
C GLN J 7 -37.77 -17.08 -3.96
N ILE J 8 -37.23 -16.07 -3.29
CA ILE J 8 -36.03 -15.30 -3.76
C ILE J 8 -34.99 -16.34 -4.23
N GLY J 9 -34.42 -16.17 -5.43
CA GLY J 9 -33.33 -17.01 -5.96
C GLY J 9 -33.81 -18.22 -6.73
N LYS J 10 -35.06 -18.63 -6.52
CA LYS J 10 -35.69 -19.77 -7.26
C LYS J 10 -36.44 -19.18 -8.47
N LEU J 11 -36.64 -19.98 -9.53
CA LEU J 11 -37.45 -19.56 -10.70
C LEU J 11 -38.82 -19.14 -10.17
N ALA J 12 -39.39 -18.06 -10.70
CA ALA J 12 -40.75 -17.60 -10.33
C ALA J 12 -41.75 -18.64 -10.81
N PRO J 13 -42.80 -18.97 -10.02
CA PRO J 13 -43.81 -19.95 -10.44
C PRO J 13 -44.44 -19.57 -11.79
N ASP J 14 -44.53 -20.55 -12.69
CA ASP J 14 -45.02 -20.34 -14.08
C ASP J 14 -46.55 -20.49 -14.09
N PHE J 15 -47.19 -20.05 -15.16
CA PHE J 15 -48.65 -20.19 -15.37
C PHE J 15 -49.01 -19.85 -16.82
N THR J 16 -50.17 -20.35 -17.24
CA THR J 16 -50.82 -20.03 -18.52
C THR J 16 -52.23 -19.58 -18.15
N ALA J 17 -52.55 -18.31 -18.35
CA ALA J 17 -53.84 -17.75 -17.91
C ALA J 17 -54.41 -16.85 -19.00
N LYS J 18 -55.72 -16.62 -18.97
CA LYS J 18 -56.39 -15.66 -19.88
C LYS J 18 -56.09 -14.26 -19.38
N ALA J 19 -55.77 -13.36 -20.29
CA ALA J 19 -55.48 -11.94 -20.00
C ALA J 19 -56.07 -11.04 -21.09
N VAL J 20 -56.49 -9.85 -20.68
CA VAL J 20 -56.88 -8.76 -21.60
C VAL J 20 -55.59 -8.02 -21.95
N MET J 21 -55.16 -8.07 -23.21
CA MET J 21 -53.95 -7.35 -23.70
C MET J 21 -54.31 -5.88 -23.92
N PRO J 22 -53.32 -4.97 -24.09
CA PRO J 22 -53.59 -3.54 -24.08
C PRO J 22 -54.44 -3.10 -25.28
N ASP J 23 -54.51 -3.93 -26.32
CA ASP J 23 -55.27 -3.65 -27.56
C ASP J 23 -56.78 -3.86 -27.32
N GLY J 24 -57.13 -4.68 -26.32
CA GLY J 24 -58.52 -5.02 -25.94
C GLY J 24 -58.81 -6.51 -26.08
N GLN J 25 -57.95 -7.27 -26.75
CA GLN J 25 -58.20 -8.69 -27.10
C GLN J 25 -57.86 -9.63 -25.93
N PHE J 26 -58.48 -10.81 -25.92
CA PHE J 26 -58.12 -11.92 -25.02
C PHE J 26 -56.98 -12.72 -25.64
N LYS J 27 -56.14 -13.30 -24.79
CA LYS J 27 -54.90 -14.01 -25.17
C LYS J 27 -54.47 -14.87 -23.98
N ASP J 28 -53.90 -16.05 -24.22
CA ASP J 28 -53.32 -16.93 -23.17
C ASP J 28 -51.85 -16.52 -22.95
N LEU J 29 -51.62 -15.67 -21.95
CA LEU J 29 -50.27 -15.21 -21.52
C LEU J 29 -49.64 -16.26 -20.61
N LYS J 30 -48.41 -16.70 -20.95
CA LYS J 30 -47.54 -17.58 -20.13
C LYS J 30 -46.40 -16.71 -19.54
N MET J 31 -46.09 -16.89 -18.24
CA MET J 31 -45.04 -16.10 -17.54
C MET J 31 -43.68 -16.35 -18.22
N SER J 32 -43.36 -17.60 -18.52
CA SER J 32 -42.02 -18.00 -19.05
C SER J 32 -41.76 -17.39 -20.44
N ASP J 33 -42.78 -16.82 -21.10
CA ASP J 33 -42.65 -16.18 -22.43
C ASP J 33 -42.03 -14.78 -22.31
N TYR J 34 -41.89 -14.26 -21.10
CA TYR J 34 -41.26 -12.95 -20.81
C TYR J 34 -39.80 -13.15 -20.42
N ARG J 35 -39.35 -14.41 -20.31
CA ARG J 35 -37.92 -14.75 -20.04
C ARG J 35 -37.09 -14.09 -21.14
N GLY J 36 -36.09 -13.31 -20.74
CA GLY J 36 -35.26 -12.47 -21.63
C GLY J 36 -35.34 -11.00 -21.22
N LYS J 37 -36.36 -10.63 -20.44
CA LYS J 37 -36.53 -9.28 -19.85
C LYS J 37 -37.00 -9.43 -18.40
N TYR J 38 -36.67 -8.44 -17.58
CA TYR J 38 -37.24 -8.19 -16.23
C TYR J 38 -38.77 -8.04 -16.35
N VAL J 39 -39.53 -8.59 -15.41
CA VAL J 39 -41.01 -8.35 -15.31
C VAL J 39 -41.32 -7.81 -13.91
N VAL J 40 -42.07 -6.73 -13.82
CA VAL J 40 -42.81 -6.34 -12.60
C VAL J 40 -44.17 -7.04 -12.67
N PHE J 41 -44.47 -7.96 -11.74
CA PHE J 41 -45.73 -8.74 -11.70
C PHE J 41 -46.49 -8.37 -10.44
N PHE J 42 -47.56 -7.59 -10.55
CA PHE J 42 -48.33 -7.12 -9.37
C PHE J 42 -49.80 -7.55 -9.44
N PHE J 43 -50.30 -7.95 -8.27
CA PHE J 43 -51.70 -8.35 -8.00
C PHE J 43 -52.45 -7.15 -7.44
N TYR J 44 -53.75 -7.08 -7.71
CA TYR J 44 -54.64 -6.15 -6.98
C TYR J 44 -55.86 -6.97 -6.57
N PRO J 45 -56.64 -6.49 -5.57
CA PRO J 45 -57.71 -7.31 -5.00
C PRO J 45 -58.92 -7.53 -5.94
N LEU J 46 -59.58 -6.45 -6.40
CA LEU J 46 -60.88 -6.56 -7.13
C LEU J 46 -61.03 -5.43 -8.16
N ASP J 47 -61.54 -5.79 -9.35
CA ASP J 47 -62.15 -4.86 -10.34
C ASP J 47 -63.39 -4.21 -9.72
N PHE J 48 -63.66 -2.95 -10.07
CA PHE J 48 -64.95 -2.23 -9.87
C PHE J 48 -65.15 -1.88 -8.41
N THR J 49 -64.08 -1.60 -7.68
CA THR J 49 -64.22 -1.15 -6.28
C THR J 49 -64.55 0.33 -6.25
N PHE J 50 -65.03 0.78 -5.13
CA PHE J 50 -65.38 2.19 -4.95
C PHE J 50 -64.10 2.95 -4.62
N VAL J 51 -62.98 2.26 -4.41
CA VAL J 51 -61.68 2.96 -4.28
C VAL J 51 -61.16 3.25 -5.69
N CYS J 52 -60.68 4.48 -5.89
CA CYS J 52 -60.10 4.97 -7.15
C CYS J 52 -58.96 4.05 -7.54
N PRO J 53 -58.94 3.53 -8.79
CA PRO J 53 -57.83 2.69 -9.24
C PRO J 53 -56.58 3.50 -9.66
N THR J 54 -56.24 4.51 -8.85
CA THR J 54 -55.09 5.44 -9.00
C THR J 54 -53.79 4.65 -9.24
N GLU J 55 -53.61 3.54 -8.52
CA GLU J 55 -52.37 2.70 -8.52
C GLU J 55 -52.22 1.96 -9.86
N ILE J 56 -53.22 1.15 -10.25
CA ILE J 56 -53.19 0.36 -11.51
C ILE J 56 -52.89 1.34 -12.66
N ILE J 57 -53.50 2.53 -12.60
CA ILE J 57 -53.40 3.58 -13.65
C ILE J 57 -51.96 4.08 -13.69
N ALA J 58 -51.41 4.44 -12.53
CA ALA J 58 -50.02 4.94 -12.39
C ALA J 58 -49.05 3.90 -12.97
N PHE J 59 -49.36 2.60 -12.88
CA PHE J 59 -48.51 1.51 -13.42
C PHE J 59 -48.74 1.38 -14.94
N SER J 60 -49.95 1.67 -15.45
CA SER J 60 -50.29 1.66 -16.91
C SER J 60 -49.49 2.74 -17.63
N ASP J 61 -49.74 4.03 -17.30
CA ASP J 61 -48.77 5.13 -17.56
C ASP J 61 -47.46 4.70 -16.86
N ALA J 62 -46.28 4.89 -17.42
CA ALA J 62 -45.02 4.38 -16.83
C ALA J 62 -44.69 2.99 -17.36
N ALA J 63 -45.60 2.28 -18.04
CA ALA J 63 -45.31 0.96 -18.68
C ALA J 63 -44.20 1.10 -19.74
N ASP J 64 -44.12 2.27 -20.36
CA ASP J 64 -43.11 2.61 -21.41
C ASP J 64 -41.79 2.98 -20.73
N ASP J 65 -41.86 3.72 -19.63
CA ASP J 65 -40.69 3.98 -18.74
C ASP J 65 -39.99 2.66 -18.41
N PHE J 66 -40.74 1.59 -18.08
CA PHE J 66 -40.18 0.25 -17.74
C PHE J 66 -39.70 -0.45 -19.00
N LYS J 67 -40.40 -0.24 -20.12
CA LYS J 67 -40.14 -0.96 -21.39
C LYS J 67 -38.78 -0.54 -21.95
N LYS J 68 -38.43 0.75 -21.84
CA LYS J 68 -37.17 1.26 -22.44
C LYS J 68 -35.95 0.79 -21.65
N ILE J 69 -36.11 0.37 -20.39
CA ILE J 69 -35.00 -0.24 -19.59
C ILE J 69 -35.14 -1.76 -19.57
N GLY J 70 -35.92 -2.33 -20.50
CA GLY J 70 -35.96 -3.77 -20.79
C GLY J 70 -36.77 -4.53 -19.76
N CYS J 71 -37.83 -3.89 -19.24
CA CYS J 71 -38.72 -4.47 -18.20
C CYS J 71 -40.18 -4.38 -18.65
N GLU J 72 -40.88 -5.52 -18.67
CA GLU J 72 -42.34 -5.61 -18.96
C GLU J 72 -43.11 -5.55 -17.64
N VAL J 73 -44.35 -5.06 -17.69
CA VAL J 73 -45.25 -4.93 -16.50
C VAL J 73 -46.54 -5.72 -16.78
N ILE J 74 -47.03 -6.43 -15.77
CA ILE J 74 -48.24 -7.30 -15.88
C ILE J 74 -49.03 -7.19 -14.58
N ALA J 75 -50.35 -6.92 -14.67
CA ALA J 75 -51.27 -6.85 -13.53
C ALA J 75 -52.08 -8.15 -13.46
N ALA J 76 -52.58 -8.48 -12.28
CA ALA J 76 -53.41 -9.67 -12.05
C ALA J 76 -54.35 -9.45 -10.87
N SER J 77 -55.50 -10.11 -10.94
CA SER J 77 -56.49 -10.21 -9.84
C SER J 77 -57.28 -11.50 -10.04
N VAL J 78 -58.23 -11.73 -9.15
CA VAL J 78 -59.01 -13.00 -9.08
C VAL J 78 -60.25 -12.91 -9.97
N ASP J 79 -60.53 -11.73 -10.53
CA ASP J 79 -61.70 -11.47 -11.41
C ASP J 79 -61.45 -12.16 -12.76
N SER J 80 -62.51 -12.46 -13.50
CA SER J 80 -62.48 -13.04 -14.88
C SER J 80 -61.91 -12.01 -15.87
N HIS J 81 -61.41 -12.49 -17.00
CA HIS J 81 -61.03 -11.67 -18.18
C HIS J 81 -62.22 -10.83 -18.66
N PHE J 82 -63.46 -11.32 -18.46
CA PHE J 82 -64.71 -10.60 -18.78
C PHE J 82 -64.92 -9.43 -17.82
N SER J 83 -64.70 -9.68 -16.54
CA SER J 83 -64.68 -8.63 -15.50
C SER J 83 -63.64 -7.56 -15.90
N HIS J 84 -62.44 -7.99 -16.29
CA HIS J 84 -61.30 -7.10 -16.68
C HIS J 84 -61.74 -6.21 -17.86
N LEU J 85 -62.12 -6.83 -18.98
CA LEU J 85 -62.54 -6.16 -20.23
C LEU J 85 -63.62 -5.11 -19.94
N ALA J 86 -64.66 -5.48 -19.21
CA ALA J 86 -65.79 -4.59 -18.87
C ALA J 86 -65.28 -3.37 -18.12
N TRP J 87 -64.31 -3.56 -17.22
CA TRP J 87 -63.77 -2.48 -16.35
C TRP J 87 -62.92 -1.52 -17.20
N ILE J 88 -62.15 -2.08 -18.11
CA ILE J 88 -61.37 -1.33 -19.14
C ILE J 88 -62.34 -0.44 -19.95
N ASN J 89 -63.49 -0.99 -20.35
CA ASN J 89 -64.50 -0.34 -21.23
C ASN J 89 -65.37 0.65 -20.44
N THR J 90 -65.14 0.83 -19.15
CA THR J 90 -65.79 1.88 -18.33
C THR J 90 -64.84 3.07 -18.33
N PRO J 91 -65.16 4.19 -19.01
CA PRO J 91 -64.35 5.40 -18.94
C PRO J 91 -64.18 5.86 -17.47
N ARG J 92 -63.03 6.48 -17.18
CA ARG J 92 -62.49 6.63 -15.80
C ARG J 92 -63.42 7.46 -14.92
N LYS J 93 -64.23 8.35 -15.50
CA LYS J 93 -64.96 9.29 -14.65
C LYS J 93 -66.39 8.85 -14.36
N GLN J 94 -66.77 7.65 -14.77
CA GLN J 94 -67.85 6.92 -14.04
C GLN J 94 -67.18 5.72 -13.37
N GLY J 95 -66.06 5.98 -12.66
CA GLY J 95 -65.43 5.06 -11.68
C GLY J 95 -64.55 4.01 -12.34
N GLY J 96 -64.53 3.95 -13.67
CA GLY J 96 -63.91 2.86 -14.44
C GLY J 96 -62.40 2.99 -14.57
N LEU J 97 -61.79 2.08 -15.33
CA LEU J 97 -60.32 1.94 -15.54
C LEU J 97 -59.88 2.72 -16.77
N GLY J 98 -60.71 2.71 -17.82
CA GLY J 98 -60.33 3.22 -19.15
C GLY J 98 -59.35 2.27 -19.79
N THR J 99 -58.68 2.75 -20.84
CA THR J 99 -57.72 1.99 -21.70
C THR J 99 -56.42 1.79 -20.90
N MET J 100 -55.85 0.58 -20.97
CA MET J 100 -54.63 0.15 -20.24
C MET J 100 -53.50 -0.11 -21.25
N LYS J 101 -52.25 0.11 -20.81
CA LYS J 101 -51.02 -0.10 -21.64
C LYS J 101 -50.28 -1.37 -21.22
N ILE J 102 -50.80 -2.10 -20.22
CA ILE J 102 -50.24 -3.38 -19.69
C ILE J 102 -51.35 -4.41 -19.75
N PRO J 103 -51.02 -5.70 -19.93
CA PRO J 103 -52.03 -6.78 -19.80
C PRO J 103 -52.61 -6.98 -18.39
N LEU J 104 -53.85 -7.48 -18.32
CA LEU J 104 -54.57 -7.84 -17.07
C LEU J 104 -54.81 -9.34 -17.05
N VAL J 105 -54.08 -10.08 -16.21
CA VAL J 105 -54.19 -11.55 -16.09
C VAL J 105 -55.34 -11.91 -15.12
N SER J 106 -56.01 -13.03 -15.41
CA SER J 106 -57.19 -13.55 -14.68
C SER J 106 -56.77 -14.82 -13.95
N ASP J 107 -57.06 -14.90 -12.65
CA ASP J 107 -56.70 -16.04 -11.78
C ASP J 107 -57.96 -16.55 -11.04
N THR J 108 -58.99 -16.97 -11.77
CA THR J 108 -60.29 -17.37 -11.18
C THR J 108 -60.16 -18.73 -10.50
N ARG J 109 -59.07 -19.46 -10.73
CA ARG J 109 -58.82 -20.76 -10.04
C ARG J 109 -57.94 -20.53 -8.80
N ARG J 110 -57.35 -19.34 -8.68
CA ARG J 110 -56.64 -18.86 -7.47
C ARG J 110 -55.29 -19.54 -7.34
N THR J 111 -54.85 -20.27 -8.37
CA THR J 111 -53.61 -21.08 -8.33
C THR J 111 -52.39 -20.16 -8.35
N ILE J 112 -52.47 -19.02 -9.04
CA ILE J 112 -51.32 -18.09 -9.20
C ILE J 112 -51.17 -17.31 -7.89
N SER J 113 -52.26 -16.70 -7.42
CA SER J 113 -52.37 -16.09 -6.07
C SER J 113 -51.81 -17.06 -5.02
N THR J 114 -52.13 -18.35 -5.13
CA THR J 114 -51.68 -19.41 -4.17
C THR J 114 -50.17 -19.59 -4.31
N ASP J 115 -49.68 -19.79 -5.53
CA ASP J 115 -48.24 -19.99 -5.84
C ASP J 115 -47.42 -18.79 -5.34
N TYR J 116 -47.93 -17.56 -5.48
CA TYR J 116 -47.17 -16.33 -5.16
C TYR J 116 -47.30 -15.98 -3.67
N GLY J 117 -48.09 -16.71 -2.89
CA GLY J 117 -48.28 -16.49 -1.44
C GLY J 117 -49.06 -15.24 -1.09
N VAL J 118 -50.05 -14.84 -1.89
CA VAL J 118 -50.73 -13.51 -1.71
C VAL J 118 -52.24 -13.70 -1.57
N LEU J 119 -52.75 -14.93 -1.61
CA LEU J 119 -54.20 -15.22 -1.44
C LEU J 119 -54.62 -14.89 0.00
N LYS J 120 -55.54 -13.93 0.18
CA LYS J 120 -56.29 -13.69 1.45
C LYS J 120 -57.49 -14.64 1.45
N GLU J 121 -57.38 -15.71 2.22
CA GLU J 121 -58.23 -16.93 2.15
C GLU J 121 -59.70 -16.61 2.45
N ASP J 122 -59.93 -15.80 3.49
CA ASP J 122 -61.28 -15.51 4.04
C ASP J 122 -62.07 -14.61 3.07
N ASP J 123 -61.42 -13.86 2.18
CA ASP J 123 -62.10 -13.04 1.13
C ASP J 123 -61.96 -13.69 -0.24
N GLY J 124 -60.98 -14.57 -0.46
CA GLY J 124 -60.75 -15.24 -1.75
C GLY J 124 -60.12 -14.30 -2.78
N ILE J 125 -59.49 -13.22 -2.32
CA ILE J 125 -58.86 -12.18 -3.19
C ILE J 125 -57.38 -12.13 -2.88
N ALA J 126 -56.59 -11.55 -3.78
CA ALA J 126 -55.12 -11.38 -3.59
C ALA J 126 -54.87 -10.12 -2.79
N TYR J 127 -53.93 -10.19 -1.86
CA TYR J 127 -53.28 -9.02 -1.22
C TYR J 127 -52.58 -8.19 -2.30
N ARG J 128 -52.16 -6.97 -1.96
CA ARG J 128 -51.44 -6.06 -2.89
C ARG J 128 -49.99 -6.54 -2.99
N GLY J 129 -49.77 -7.58 -3.78
CA GLY J 129 -48.46 -8.24 -3.92
C GLY J 129 -47.80 -7.80 -5.21
N LEU J 130 -46.50 -7.50 -5.16
CA LEU J 130 -45.64 -7.05 -6.30
C LEU J 130 -44.35 -7.86 -6.28
N PHE J 131 -44.00 -8.47 -7.41
CA PHE J 131 -42.81 -9.34 -7.60
C PHE J 131 -41.96 -8.77 -8.73
N ILE J 132 -40.64 -8.88 -8.61
CA ILE J 132 -39.67 -8.48 -9.65
C ILE J 132 -38.91 -9.75 -10.04
N ILE J 133 -39.08 -10.17 -11.28
CA ILE J 133 -38.45 -11.40 -11.82
C ILE J 133 -37.42 -10.95 -12.85
N ASP J 134 -36.24 -11.57 -12.89
CA ASP J 134 -35.15 -11.12 -13.79
C ASP J 134 -35.31 -11.84 -15.11
N ASP J 135 -34.43 -11.52 -16.07
CA ASP J 135 -34.51 -11.93 -17.49
C ASP J 135 -34.43 -13.46 -17.62
N LYS J 136 -33.92 -14.16 -16.60
CA LYS J 136 -33.77 -15.66 -16.64
C LYS J 136 -34.95 -16.31 -15.89
N GLY J 137 -35.93 -15.52 -15.46
CA GLY J 137 -37.13 -15.98 -14.73
C GLY J 137 -36.89 -16.29 -13.24
N ILE J 138 -35.88 -15.67 -12.60
CA ILE J 138 -35.59 -15.87 -11.14
C ILE J 138 -36.24 -14.76 -10.31
N LEU J 139 -36.92 -15.13 -9.22
CA LEU J 139 -37.59 -14.17 -8.31
C LEU J 139 -36.52 -13.40 -7.54
N ARG J 140 -36.49 -12.06 -7.66
CA ARG J 140 -35.46 -11.20 -7.03
C ARG J 140 -36.03 -10.35 -5.89
N GLN J 141 -37.36 -10.20 -5.79
CA GLN J 141 -37.97 -9.24 -4.84
C GLN J 141 -39.44 -9.60 -4.58
N ILE J 142 -39.84 -9.56 -3.31
CA ILE J 142 -41.25 -9.78 -2.87
C ILE J 142 -41.69 -8.55 -2.08
N THR J 143 -42.84 -7.98 -2.44
CA THR J 143 -43.53 -6.92 -1.67
C THR J 143 -45.00 -7.34 -1.54
N ILE J 144 -45.53 -7.41 -0.33
CA ILE J 144 -46.96 -7.70 -0.08
C ILE J 144 -47.48 -6.61 0.88
N ASN J 145 -48.48 -5.84 0.46
CA ASN J 145 -49.16 -4.86 1.35
C ASN J 145 -50.51 -5.43 1.74
N ASP J 146 -51.00 -5.04 2.91
CA ASP J 146 -52.42 -5.18 3.32
C ASP J 146 -53.26 -4.35 2.32
N LEU J 147 -54.53 -4.70 2.14
CA LEU J 147 -55.39 -4.16 1.06
C LEU J 147 -55.36 -2.63 1.07
N PRO J 148 -55.32 -1.94 2.24
CA PRO J 148 -55.46 -0.48 2.29
C PRO J 148 -54.38 0.41 1.67
N VAL J 149 -53.14 -0.06 1.54
CA VAL J 149 -52.02 0.80 1.07
C VAL J 149 -51.53 0.32 -0.29
N GLY J 150 -51.29 1.28 -1.19
CA GLY J 150 -50.87 0.98 -2.56
C GLY J 150 -49.36 1.01 -2.67
N ARG J 151 -48.87 0.76 -3.88
CA ARG J 151 -47.44 0.67 -4.20
C ARG J 151 -47.01 1.96 -4.92
N SER J 152 -45.70 2.19 -4.98
CA SER J 152 -45.06 3.34 -5.66
C SER J 152 -44.32 2.83 -6.90
N VAL J 153 -44.58 3.45 -8.06
CA VAL J 153 -43.86 3.16 -9.35
C VAL J 153 -42.39 3.57 -9.18
N GLU J 154 -42.12 4.71 -8.55
CA GLU J 154 -40.74 5.24 -8.36
C GLU J 154 -39.87 4.23 -7.60
N GLU J 155 -40.42 3.66 -6.51
CA GLU J 155 -39.72 2.65 -5.71
C GLU J 155 -39.52 1.39 -6.56
N THR J 156 -40.53 1.01 -7.35
CA THR J 156 -40.45 -0.21 -8.21
C THR J 156 -39.38 0.00 -9.27
N LEU J 157 -39.25 1.21 -9.81
CA LEU J 157 -38.19 1.59 -10.79
C LEU J 157 -36.81 1.47 -10.14
N ARG J 158 -36.63 2.15 -9.01
CA ARG J 158 -35.35 2.12 -8.25
C ARG J 158 -34.90 0.66 -8.14
N LEU J 159 -35.82 -0.24 -7.74
CA LEU J 159 -35.54 -1.67 -7.49
C LEU J 159 -35.19 -2.35 -8.81
N VAL J 160 -35.98 -2.15 -9.86
CA VAL J 160 -35.75 -2.81 -11.18
C VAL J 160 -34.39 -2.36 -11.73
N GLN J 161 -34.11 -1.05 -11.68
CA GLN J 161 -32.83 -0.48 -12.17
C GLN J 161 -31.68 -1.02 -11.31
N ALA J 162 -31.84 -1.00 -9.98
CA ALA J 162 -30.85 -1.49 -9.00
C ALA J 162 -30.43 -2.93 -9.30
N PHE J 163 -31.37 -3.83 -9.60
CA PHE J 163 -31.09 -5.27 -9.86
C PHE J 163 -30.31 -5.45 -11.17
N GLN J 164 -30.63 -4.64 -12.18
CA GLN J 164 -30.01 -4.70 -13.52
C GLN J 164 -28.56 -4.25 -13.41
N PHE J 165 -28.34 -3.12 -12.73
CA PHE J 165 -27.00 -2.59 -12.34
C PHE J 165 -26.18 -3.71 -11.69
N THR J 166 -26.65 -4.26 -10.56
CA THR J 166 -25.89 -5.26 -9.75
C THR J 166 -25.75 -6.59 -10.52
N ASP J 167 -26.60 -6.84 -11.53
CA ASP J 167 -26.44 -8.03 -12.40
C ASP J 167 -25.11 -7.92 -13.14
N LYS J 168 -24.69 -6.68 -13.47
CA LYS J 168 -23.49 -6.39 -14.30
C LYS J 168 -22.27 -6.02 -13.46
N HIS J 169 -22.45 -5.44 -12.28
CA HIS J 169 -21.31 -4.91 -11.47
C HIS J 169 -21.23 -5.57 -10.09
N GLY J 170 -22.26 -5.42 -9.27
CA GLY J 170 -22.28 -5.97 -7.90
C GLY J 170 -22.57 -4.86 -6.93
N GLU J 171 -22.95 -5.23 -5.70
CA GLU J 171 -23.53 -4.31 -4.67
C GLU J 171 -22.67 -3.04 -4.67
N VAL J 172 -23.34 -1.91 -4.84
CA VAL J 172 -22.66 -0.61 -4.92
C VAL J 172 -22.88 0.04 -3.57
N CYS J 173 -21.81 0.58 -2.98
CA CYS J 173 -21.92 1.45 -1.78
C CYS J 173 -23.09 2.41 -1.96
CA CA K . 38.82 -2.78 32.20
CA CA L . 25.11 -0.44 9.39
CA CA M . 57.80 0.26 25.87
CA CA N . 15.89 -14.65 16.79
CA CA O . 57.93 17.06 14.34
C1 GOL P . -18.33 25.04 -12.12
O1 GOL P . -17.74 24.74 -10.86
C2 GOL P . -18.97 23.80 -12.72
O2 GOL P . -20.22 24.16 -13.30
C3 GOL P . -18.11 23.14 -13.78
O3 GOL P . -18.89 22.28 -14.60
C1 GOL Q . -5.53 6.77 -21.23
O1 GOL Q . -5.04 5.91 -20.21
C2 GOL Q . -6.95 6.39 -21.59
O2 GOL Q . -7.26 6.87 -22.89
C3 GOL Q . -7.19 4.89 -21.50
O3 GOL Q . -7.98 4.54 -20.36
CA CA R . 10.95 7.08 -15.80
C1 GOL S . 8.38 77.08 -18.49
O1 GOL S . 9.65 77.23 -17.86
C2 GOL S . 7.38 76.46 -17.54
O2 GOL S . 6.15 76.36 -18.25
C3 GOL S . 7.81 75.10 -17.04
O3 GOL S . 7.33 74.84 -15.72
CA CA T . 13.74 59.49 -15.44
C1 GOL U . 5.49 22.41 -27.25
O1 GOL U . 6.41 23.18 -26.48
C2 GOL U . 6.17 21.24 -27.92
O2 GOL U . 5.32 20.68 -28.91
C3 GOL U . 7.51 21.59 -28.53
O3 GOL U . 7.82 20.73 -29.62
C1 GOL V . -14.02 36.69 -25.98
O1 GOL V . -12.91 36.82 -25.08
C2 GOL V . -13.58 36.22 -27.35
O2 GOL V . -14.67 36.38 -28.26
C3 GOL V . -12.35 36.93 -27.87
O3 GOL V . -12.56 37.54 -29.14
C1 GOL W . -13.91 14.24 -32.42
O1 GOL W . -12.70 14.70 -33.02
C2 GOL W . -13.61 13.27 -31.31
O2 GOL W . -14.68 12.33 -31.18
C3 GOL W . -12.30 12.53 -31.51
O3 GOL W . -12.04 11.64 -30.43
CA CA X . 11.18 43.41 -28.11
CA CA Y . 5.65 38.96 -49.29
C1 GOL Z . -21.67 -24.12 8.02
O1 GOL Z . -20.66 -24.74 8.80
C2 GOL Z . -21.62 -24.65 6.61
O2 GOL Z . -22.04 -23.63 5.71
C3 GOL Z . -20.25 -25.13 6.21
O3 GOL Z . -20.29 -26.44 5.65
CA CA AA . -22.84 -4.70 28.44
CA CA BA . -32.64 -16.32 17.91
#